data_2DBS
# 
_entry.id   2DBS 
# 
_audit_conform.dict_name       mmcif_pdbx.dic 
_audit_conform.dict_version    5.397 
_audit_conform.dict_location   http://mmcif.pdb.org/dictionaries/ascii/mmcif_pdbx.dic 
# 
loop_
_database_2.database_id 
_database_2.database_code 
_database_2.pdbx_database_accession 
_database_2.pdbx_DOI 
PDB   2DBS         pdb_00002dbs 10.2210/pdb2dbs/pdb 
RCSB  RCSB025227   ?            ?                   
WWPDB D_1000025227 ?            ?                   
# 
loop_
_pdbx_audit_revision_history.ordinal 
_pdbx_audit_revision_history.data_content_type 
_pdbx_audit_revision_history.major_revision 
_pdbx_audit_revision_history.minor_revision 
_pdbx_audit_revision_history.revision_date 
1 'Structure model' 1 0 2006-06-16 
2 'Structure model' 1 1 2008-04-30 
3 'Structure model' 1 2 2011-07-13 
4 'Structure model' 1 3 2017-10-11 
5 'Structure model' 1 4 2024-10-30 
# 
_pdbx_audit_revision_details.ordinal             1 
_pdbx_audit_revision_details.revision_ordinal    1 
_pdbx_audit_revision_details.data_content_type   'Structure model' 
_pdbx_audit_revision_details.provider            repository 
_pdbx_audit_revision_details.type                'Initial release' 
_pdbx_audit_revision_details.description         ? 
_pdbx_audit_revision_details.details             ? 
# 
loop_
_pdbx_audit_revision_group.ordinal 
_pdbx_audit_revision_group.revision_ordinal 
_pdbx_audit_revision_group.data_content_type 
_pdbx_audit_revision_group.group 
1 2 'Structure model' 'Version format compliance' 
2 3 'Structure model' 'Source and taxonomy'       
3 3 'Structure model' 'Version format compliance' 
4 4 'Structure model' 'Refinement description'    
5 5 'Structure model' 'Data collection'           
6 5 'Structure model' 'Database references'       
7 5 'Structure model' 'Derived calculations'      
8 5 'Structure model' 'Structure summary'         
# 
loop_
_pdbx_audit_revision_category.ordinal 
_pdbx_audit_revision_category.revision_ordinal 
_pdbx_audit_revision_category.data_content_type 
_pdbx_audit_revision_category.category 
1 4 'Structure model' software                  
2 5 'Structure model' chem_comp_atom            
3 5 'Structure model' chem_comp_bond            
4 5 'Structure model' database_2                
5 5 'Structure model' pdbx_entry_details        
6 5 'Structure model' pdbx_modification_feature 
7 5 'Structure model' struct_conn               
8 5 'Structure model' struct_ref_seq_dif        
# 
loop_
_pdbx_audit_revision_item.ordinal 
_pdbx_audit_revision_item.revision_ordinal 
_pdbx_audit_revision_item.data_content_type 
_pdbx_audit_revision_item.item 
1  4 'Structure model' '_software.classification'            
2  4 'Structure model' '_software.contact_author'            
3  4 'Structure model' '_software.contact_author_email'      
4  4 'Structure model' '_software.date'                      
5  4 'Structure model' '_software.language'                  
6  4 'Structure model' '_software.location'                  
7  4 'Structure model' '_software.name'                      
8  4 'Structure model' '_software.type'                      
9  4 'Structure model' '_software.version'                   
10 5 'Structure model' '_database_2.pdbx_DOI'                
11 5 'Structure model' '_database_2.pdbx_database_accession' 
12 5 'Structure model' '_struct_conn.pdbx_leaving_atom_flag' 
13 5 'Structure model' '_struct_ref_seq_dif.details'         
# 
_pdbx_database_status.entry_id                        2DBS 
_pdbx_database_status.deposit_site                    PDBJ 
_pdbx_database_status.process_site                    PDBJ 
_pdbx_database_status.recvd_initial_deposition_date   2005-12-16 
_pdbx_database_status.status_code                     REL 
_pdbx_database_status.status_code_sf                  REL 
_pdbx_database_status.status_code_mr                  ? 
_pdbx_database_status.SG_entry                        Y 
_pdbx_database_status.pdb_format_compatible           Y 
_pdbx_database_status.status_code_cs                  ? 
_pdbx_database_status.methods_development_category    ? 
_pdbx_database_status.status_code_nmr_data            ? 
# 
_pdbx_database_related.db_name        TargetDB 
_pdbx_database_related.db_id          ttk003002175.1 
_pdbx_database_related.details        . 
_pdbx_database_related.content_type   unspecified 
# 
loop_
_audit_author.name 
_audit_author.pdbx_ordinal 
'Yoshikawa, S.'                                          1  
'Arai, R.'                                               2  
'Kamo-Uchikubo, T.'                                      3  
'Fusatomi, E.'                                           4  
'Akasaka, R.'                                            5  
'Bessho, Y.'                                             6  
'Murayama, K.'                                           7  
'Terada, T.'                                             8  
'Shirouzu, M.'                                           9  
'Yokoyama, S.'                                           10 
'RIKEN Structural Genomics/Proteomics Initiative (RSGI)' 11 
# 
_citation.id                        primary 
_citation.title                     'Crystal structure of a hypothetical protein TTHC002 from Thermus thermophilus HB8' 
_citation.journal_abbrev            'To be Published' 
_citation.journal_volume            ? 
_citation.page_first                ? 
_citation.page_last                 ? 
_citation.year                      ? 
_citation.journal_id_ASTM           ? 
_citation.country                   ? 
_citation.journal_id_ISSN           ? 
_citation.journal_id_CSD            0353 
_citation.book_publisher            ? 
_citation.pdbx_database_id_PubMed   ? 
_citation.pdbx_database_id_DOI      ? 
# 
loop_
_citation_author.citation_id 
_citation_author.name 
_citation_author.ordinal 
_citation_author.identifier_ORCID 
primary 'Yoshikawa, S.'     1  ? 
primary 'Arai, R.'          2  ? 
primary 'Kamo-Uchikubo, T.' 3  ? 
primary 'Fusatomi, E.'      4  ? 
primary 'Akasaka, R.'       5  ? 
primary 'Bessho, Y.'        6  ? 
primary 'Murayama, K.'      7  ? 
primary 'Terada, T.'        8  ? 
primary 'Shirouzu, M.'      9  ? 
primary 'Yokoyama, S.'      10 ? 
# 
loop_
_entity.id 
_entity.type 
_entity.src_method 
_entity.pdbx_description 
_entity.formula_weight 
_entity.pdbx_number_of_molecules 
_entity.pdbx_ec 
_entity.pdbx_mutation 
_entity.pdbx_fragment 
_entity.details 
1 polymer man 'hypothetical protein TTHC002' 10151.356 2  ? ? ? ? 
2 water   nat water                          18.015    19 ? ? ? ? 
# 
_entity_poly.entity_id                      1 
_entity_poly.type                           'polypeptide(L)' 
_entity_poly.nstd_linkage                   no 
_entity_poly.nstd_monomer                   yes 
_entity_poly.pdbx_seq_one_letter_code       
;(MSE)VNPAERLAELDGVL(MSE)QYLLEADLLRELPPTYRLVLLPLDEPEVAAQALAWA(MSE)EAPNPEGWPSVYALF
LQGRPIRLLLLGKEVEVAPRAA
;
_entity_poly.pdbx_seq_one_letter_code_can   
;MVNPAERLAELDGVLMQYLLEADLLRELPPTYRLVLLPLDEPEVAAQALAWAMEAPNPEGWPSVYALFLQGRPIRLLLLG
KEVEVAPRAA
;
_entity_poly.pdbx_strand_id                 A,B 
_entity_poly.pdbx_target_identifier         ttk003002175.1 
# 
_pdbx_entity_nonpoly.entity_id   2 
_pdbx_entity_nonpoly.name        water 
_pdbx_entity_nonpoly.comp_id     HOH 
# 
loop_
_entity_poly_seq.entity_id 
_entity_poly_seq.num 
_entity_poly_seq.mon_id 
_entity_poly_seq.hetero 
1 1  MSE n 
1 2  VAL n 
1 3  ASN n 
1 4  PRO n 
1 5  ALA n 
1 6  GLU n 
1 7  ARG n 
1 8  LEU n 
1 9  ALA n 
1 10 GLU n 
1 11 LEU n 
1 12 ASP n 
1 13 GLY n 
1 14 VAL n 
1 15 LEU n 
1 16 MSE n 
1 17 GLN n 
1 18 TYR n 
1 19 LEU n 
1 20 LEU n 
1 21 GLU n 
1 22 ALA n 
1 23 ASP n 
1 24 LEU n 
1 25 LEU n 
1 26 ARG n 
1 27 GLU n 
1 28 LEU n 
1 29 PRO n 
1 30 PRO n 
1 31 THR n 
1 32 TYR n 
1 33 ARG n 
1 34 LEU n 
1 35 VAL n 
1 36 LEU n 
1 37 LEU n 
1 38 PRO n 
1 39 LEU n 
1 40 ASP n 
1 41 GLU n 
1 42 PRO n 
1 43 GLU n 
1 44 VAL n 
1 45 ALA n 
1 46 ALA n 
1 47 GLN n 
1 48 ALA n 
1 49 LEU n 
1 50 ALA n 
1 51 TRP n 
1 52 ALA n 
1 53 MSE n 
1 54 GLU n 
1 55 ALA n 
1 56 PRO n 
1 57 ASN n 
1 58 PRO n 
1 59 GLU n 
1 60 GLY n 
1 61 TRP n 
1 62 PRO n 
1 63 SER n 
1 64 VAL n 
1 65 TYR n 
1 66 ALA n 
1 67 LEU n 
1 68 PHE n 
1 69 LEU n 
1 70 GLN n 
1 71 GLY n 
1 72 ARG n 
1 73 PRO n 
1 74 ILE n 
1 75 ARG n 
1 76 LEU n 
1 77 LEU n 
1 78 LEU n 
1 79 LEU n 
1 80 GLY n 
1 81 LYS n 
1 82 GLU n 
1 83 VAL n 
1 84 GLU n 
1 85 VAL n 
1 86 ALA n 
1 87 PRO n 
1 88 ARG n 
1 89 ALA n 
1 90 ALA n 
# 
_entity_src_gen.entity_id                          1 
_entity_src_gen.pdbx_src_id                        1 
_entity_src_gen.pdbx_alt_source_flag               sample 
_entity_src_gen.pdbx_seq_type                      ? 
_entity_src_gen.pdbx_beg_seq_num                   ? 
_entity_src_gen.pdbx_end_seq_num                   ? 
_entity_src_gen.gene_src_common_name               ? 
_entity_src_gen.gene_src_genus                     Thermus 
_entity_src_gen.pdbx_gene_src_gene                 TTHC002 
_entity_src_gen.gene_src_species                   'Thermus thermophilus' 
_entity_src_gen.gene_src_strain                    HB8 
_entity_src_gen.gene_src_tissue                    ? 
_entity_src_gen.gene_src_tissue_fraction           ? 
_entity_src_gen.gene_src_details                   ? 
_entity_src_gen.pdbx_gene_src_fragment             ? 
_entity_src_gen.pdbx_gene_src_scientific_name      'Thermus thermophilus' 
_entity_src_gen.pdbx_gene_src_ncbi_taxonomy_id     300852 
_entity_src_gen.pdbx_gene_src_variant              ? 
_entity_src_gen.pdbx_gene_src_cell_line            ? 
_entity_src_gen.pdbx_gene_src_atcc                 ? 
_entity_src_gen.pdbx_gene_src_organ                ? 
_entity_src_gen.pdbx_gene_src_organelle            ? 
_entity_src_gen.pdbx_gene_src_cell                 ? 
_entity_src_gen.pdbx_gene_src_cellular_location    ? 
_entity_src_gen.host_org_common_name               ? 
_entity_src_gen.pdbx_host_org_scientific_name      'Escherichia coli' 
_entity_src_gen.pdbx_host_org_ncbi_taxonomy_id     562 
_entity_src_gen.host_org_genus                     Escherichia 
_entity_src_gen.pdbx_host_org_gene                 ? 
_entity_src_gen.pdbx_host_org_organ                ? 
_entity_src_gen.host_org_species                   ? 
_entity_src_gen.pdbx_host_org_tissue               ? 
_entity_src_gen.pdbx_host_org_tissue_fraction      ? 
_entity_src_gen.pdbx_host_org_strain               'B834(DE3)pRARE' 
_entity_src_gen.pdbx_host_org_variant              ? 
_entity_src_gen.pdbx_host_org_cell_line            ? 
_entity_src_gen.pdbx_host_org_atcc                 ? 
_entity_src_gen.pdbx_host_org_culture_collection   ? 
_entity_src_gen.pdbx_host_org_cell                 ? 
_entity_src_gen.pdbx_host_org_organelle            ? 
_entity_src_gen.pdbx_host_org_cellular_location    ? 
_entity_src_gen.pdbx_host_org_vector_type          plasmid 
_entity_src_gen.pdbx_host_org_vector               ? 
_entity_src_gen.host_org_details                   ? 
_entity_src_gen.expression_system_id               ? 
_entity_src_gen.plasmid_name                       pET11a 
_entity_src_gen.plasmid_details                    ? 
_entity_src_gen.pdbx_description                   ? 
# 
loop_
_chem_comp.id 
_chem_comp.type 
_chem_comp.mon_nstd_flag 
_chem_comp.name 
_chem_comp.pdbx_synonyms 
_chem_comp.formula 
_chem_comp.formula_weight 
ALA 'L-peptide linking' y ALANINE          ? 'C3 H7 N O2'     89.093  
ARG 'L-peptide linking' y ARGININE         ? 'C6 H15 N4 O2 1' 175.209 
ASN 'L-peptide linking' y ASPARAGINE       ? 'C4 H8 N2 O3'    132.118 
ASP 'L-peptide linking' y 'ASPARTIC ACID'  ? 'C4 H7 N O4'     133.103 
GLN 'L-peptide linking' y GLUTAMINE        ? 'C5 H10 N2 O3'   146.144 
GLU 'L-peptide linking' y 'GLUTAMIC ACID'  ? 'C5 H9 N O4'     147.129 
GLY 'peptide linking'   y GLYCINE          ? 'C2 H5 N O2'     75.067  
HOH non-polymer         . WATER            ? 'H2 O'           18.015  
ILE 'L-peptide linking' y ISOLEUCINE       ? 'C6 H13 N O2'    131.173 
LEU 'L-peptide linking' y LEUCINE          ? 'C6 H13 N O2'    131.173 
LYS 'L-peptide linking' y LYSINE           ? 'C6 H15 N2 O2 1' 147.195 
MET 'L-peptide linking' y METHIONINE       ? 'C5 H11 N O2 S'  149.211 
MSE 'L-peptide linking' n SELENOMETHIONINE ? 'C5 H11 N O2 Se' 196.106 
PHE 'L-peptide linking' y PHENYLALANINE    ? 'C9 H11 N O2'    165.189 
PRO 'L-peptide linking' y PROLINE          ? 'C5 H9 N O2'     115.130 
SER 'L-peptide linking' y SERINE           ? 'C3 H7 N O3'     105.093 
THR 'L-peptide linking' y THREONINE        ? 'C4 H9 N O3'     119.119 
TRP 'L-peptide linking' y TRYPTOPHAN       ? 'C11 H12 N2 O2'  204.225 
TYR 'L-peptide linking' y TYROSINE         ? 'C9 H11 N O3'    181.189 
VAL 'L-peptide linking' y VALINE           ? 'C5 H11 N O2'    117.146 
# 
loop_
_pdbx_poly_seq_scheme.asym_id 
_pdbx_poly_seq_scheme.entity_id 
_pdbx_poly_seq_scheme.seq_id 
_pdbx_poly_seq_scheme.mon_id 
_pdbx_poly_seq_scheme.ndb_seq_num 
_pdbx_poly_seq_scheme.pdb_seq_num 
_pdbx_poly_seq_scheme.auth_seq_num 
_pdbx_poly_seq_scheme.pdb_mon_id 
_pdbx_poly_seq_scheme.auth_mon_id 
_pdbx_poly_seq_scheme.pdb_strand_id 
_pdbx_poly_seq_scheme.pdb_ins_code 
_pdbx_poly_seq_scheme.hetero 
A 1 1  MSE 1  1  ?  ?   ?   A . n 
A 1 2  VAL 2  2  ?  ?   ?   A . n 
A 1 3  ASN 3  3  ?  ?   ?   A . n 
A 1 4  PRO 4  4  ?  ?   ?   A . n 
A 1 5  ALA 5  5  ?  ?   ?   A . n 
A 1 6  GLU 6  6  ?  ?   ?   A . n 
A 1 7  ARG 7  7  7  ARG ARG A . n 
A 1 8  LEU 8  8  8  LEU LEU A . n 
A 1 9  ALA 9  9  9  ALA ALA A . n 
A 1 10 GLU 10 10 10 GLU GLU A . n 
A 1 11 LEU 11 11 11 LEU LEU A . n 
A 1 12 ASP 12 12 12 ASP ASP A . n 
A 1 13 GLY 13 13 13 GLY GLY A . n 
A 1 14 VAL 14 14 14 VAL VAL A . n 
A 1 15 LEU 15 15 15 LEU LEU A . n 
A 1 16 MSE 16 16 16 MSE MSE A . n 
A 1 17 GLN 17 17 17 GLN GLN A . n 
A 1 18 TYR 18 18 18 TYR TYR A . n 
A 1 19 LEU 19 19 19 LEU LEU A . n 
A 1 20 LEU 20 20 20 LEU LEU A . n 
A 1 21 GLU 21 21 21 GLU GLU A . n 
A 1 22 ALA 22 22 22 ALA ALA A . n 
A 1 23 ASP 23 23 23 ASP ASP A . n 
A 1 24 LEU 24 24 24 LEU LEU A . n 
A 1 25 LEU 25 25 25 LEU LEU A . n 
A 1 26 ARG 26 26 26 ARG ARG A . n 
A 1 27 GLU 27 27 27 GLU GLU A . n 
A 1 28 LEU 28 28 28 LEU LEU A . n 
A 1 29 PRO 29 29 29 PRO PRO A . n 
A 1 30 PRO 30 30 30 PRO PRO A . n 
A 1 31 THR 31 31 31 THR THR A . n 
A 1 32 TYR 32 32 32 TYR TYR A . n 
A 1 33 ARG 33 33 33 ARG ARG A . n 
A 1 34 LEU 34 34 34 LEU LEU A . n 
A 1 35 VAL 35 35 35 VAL VAL A . n 
A 1 36 LEU 36 36 36 LEU LEU A . n 
A 1 37 LEU 37 37 37 LEU LEU A . n 
A 1 38 PRO 38 38 38 PRO PRO A . n 
A 1 39 LEU 39 39 39 LEU LEU A . n 
A 1 40 ASP 40 40 40 ASP ASP A . n 
A 1 41 GLU 41 41 41 GLU GLU A . n 
A 1 42 PRO 42 42 42 PRO PRO A . n 
A 1 43 GLU 43 43 43 GLU GLU A . n 
A 1 44 VAL 44 44 44 VAL VAL A . n 
A 1 45 ALA 45 45 45 ALA ALA A . n 
A 1 46 ALA 46 46 46 ALA ALA A . n 
A 1 47 GLN 47 47 47 GLN GLN A . n 
A 1 48 ALA 48 48 48 ALA ALA A . n 
A 1 49 LEU 49 49 49 LEU LEU A . n 
A 1 50 ALA 50 50 50 ALA ALA A . n 
A 1 51 TRP 51 51 51 TRP TRP A . n 
A 1 52 ALA 52 52 52 ALA ALA A . n 
A 1 53 MSE 53 53 53 MSE MSE A . n 
A 1 54 GLU 54 54 54 GLU GLU A . n 
A 1 55 ALA 55 55 55 ALA ALA A . n 
A 1 56 PRO 56 56 56 PRO PRO A . n 
A 1 57 ASN 57 57 57 ASN ASN A . n 
A 1 58 PRO 58 58 58 PRO PRO A . n 
A 1 59 GLU 59 59 59 GLU GLU A . n 
A 1 60 GLY 60 60 60 GLY GLY A . n 
A 1 61 TRP 61 61 61 TRP TRP A . n 
A 1 62 PRO 62 62 62 PRO PRO A . n 
A 1 63 SER 63 63 63 SER SER A . n 
A 1 64 VAL 64 64 64 VAL VAL A . n 
A 1 65 TYR 65 65 65 TYR TYR A . n 
A 1 66 ALA 66 66 66 ALA ALA A . n 
A 1 67 LEU 67 67 67 LEU LEU A . n 
A 1 68 PHE 68 68 68 PHE PHE A . n 
A 1 69 LEU 69 69 69 LEU LEU A . n 
A 1 70 GLN 70 70 70 GLN GLN A . n 
A 1 71 GLY 71 71 71 GLY GLY A . n 
A 1 72 ARG 72 72 72 ARG ARG A . n 
A 1 73 PRO 73 73 73 PRO PRO A . n 
A 1 74 ILE 74 74 74 ILE ILE A . n 
A 1 75 ARG 75 75 75 ARG ARG A . n 
A 1 76 LEU 76 76 76 LEU LEU A . n 
A 1 77 LEU 77 77 77 LEU LEU A . n 
A 1 78 LEU 78 78 78 LEU LEU A . n 
A 1 79 LEU 79 79 79 LEU LEU A . n 
A 1 80 GLY 80 80 80 GLY GLY A . n 
A 1 81 LYS 81 81 81 LYS LYS A . n 
A 1 82 GLU 82 82 82 GLU GLU A . n 
A 1 83 VAL 83 83 83 VAL VAL A . n 
A 1 84 GLU 84 84 84 GLU GLU A . n 
A 1 85 VAL 85 85 85 VAL VAL A . n 
A 1 86 ALA 86 86 86 ALA ALA A . n 
A 1 87 PRO 87 87 ?  ?   ?   A . n 
A 1 88 ARG 88 88 ?  ?   ?   A . n 
A 1 89 ALA 89 89 ?  ?   ?   A . n 
A 1 90 ALA 90 90 ?  ?   ?   A . n 
B 1 1  MSE 1  1  ?  ?   ?   B . n 
B 1 2  VAL 2  2  ?  ?   ?   B . n 
B 1 3  ASN 3  3  ?  ?   ?   B . n 
B 1 4  PRO 4  4  4  PRO PRO B . n 
B 1 5  ALA 5  5  5  ALA ALA B . n 
B 1 6  GLU 6  6  6  GLU GLU B . n 
B 1 7  ARG 7  7  7  ARG ARG B . n 
B 1 8  LEU 8  8  8  LEU LEU B . n 
B 1 9  ALA 9  9  9  ALA ALA B . n 
B 1 10 GLU 10 10 10 GLU GLU B . n 
B 1 11 LEU 11 11 11 LEU LEU B . n 
B 1 12 ASP 12 12 12 ASP ASP B . n 
B 1 13 GLY 13 13 13 GLY GLY B . n 
B 1 14 VAL 14 14 14 VAL VAL B . n 
B 1 15 LEU 15 15 15 LEU LEU B . n 
B 1 16 MSE 16 16 16 MSE MSE B . n 
B 1 17 GLN 17 17 17 GLN GLN B . n 
B 1 18 TYR 18 18 18 TYR TYR B . n 
B 1 19 LEU 19 19 19 LEU LEU B . n 
B 1 20 LEU 20 20 20 LEU LEU B . n 
B 1 21 GLU 21 21 21 GLU GLU B . n 
B 1 22 ALA 22 22 22 ALA ALA B . n 
B 1 23 ASP 23 23 23 ASP ASP B . n 
B 1 24 LEU 24 24 24 LEU LEU B . n 
B 1 25 LEU 25 25 25 LEU LEU B . n 
B 1 26 ARG 26 26 26 ARG ARG B . n 
B 1 27 GLU 27 27 27 GLU GLU B . n 
B 1 28 LEU 28 28 28 LEU LEU B . n 
B 1 29 PRO 29 29 29 PRO PRO B . n 
B 1 30 PRO 30 30 30 PRO PRO B . n 
B 1 31 THR 31 31 31 THR THR B . n 
B 1 32 TYR 32 32 32 TYR TYR B . n 
B 1 33 ARG 33 33 33 ARG ARG B . n 
B 1 34 LEU 34 34 34 LEU LEU B . n 
B 1 35 VAL 35 35 35 VAL VAL B . n 
B 1 36 LEU 36 36 36 LEU LEU B . n 
B 1 37 LEU 37 37 37 LEU LEU B . n 
B 1 38 PRO 38 38 38 PRO PRO B . n 
B 1 39 LEU 39 39 39 LEU LEU B . n 
B 1 40 ASP 40 40 40 ASP ASP B . n 
B 1 41 GLU 41 41 41 GLU GLU B . n 
B 1 42 PRO 42 42 42 PRO PRO B . n 
B 1 43 GLU 43 43 43 GLU GLU B . n 
B 1 44 VAL 44 44 44 VAL VAL B . n 
B 1 45 ALA 45 45 45 ALA ALA B . n 
B 1 46 ALA 46 46 46 ALA ALA B . n 
B 1 47 GLN 47 47 47 GLN GLN B . n 
B 1 48 ALA 48 48 48 ALA ALA B . n 
B 1 49 LEU 49 49 49 LEU LEU B . n 
B 1 50 ALA 50 50 50 ALA ALA B . n 
B 1 51 TRP 51 51 51 TRP TRP B . n 
B 1 52 ALA 52 52 52 ALA ALA B . n 
B 1 53 MSE 53 53 53 MSE MSE B . n 
B 1 54 GLU 54 54 54 GLU GLU B . n 
B 1 55 ALA 55 55 55 ALA ALA B . n 
B 1 56 PRO 56 56 56 PRO PRO B . n 
B 1 57 ASN 57 57 57 ASN ASN B . n 
B 1 58 PRO 58 58 58 PRO PRO B . n 
B 1 59 GLU 59 59 59 GLU GLU B . n 
B 1 60 GLY 60 60 60 GLY GLY B . n 
B 1 61 TRP 61 61 61 TRP TRP B . n 
B 1 62 PRO 62 62 62 PRO PRO B . n 
B 1 63 SER 63 63 63 SER SER B . n 
B 1 64 VAL 64 64 64 VAL VAL B . n 
B 1 65 TYR 65 65 65 TYR TYR B . n 
B 1 66 ALA 66 66 66 ALA ALA B . n 
B 1 67 LEU 67 67 67 LEU LEU B . n 
B 1 68 PHE 68 68 68 PHE PHE B . n 
B 1 69 LEU 69 69 69 LEU LEU B . n 
B 1 70 GLN 70 70 70 GLN GLN B . n 
B 1 71 GLY 71 71 71 GLY GLY B . n 
B 1 72 ARG 72 72 72 ARG ARG B . n 
B 1 73 PRO 73 73 73 PRO PRO B . n 
B 1 74 ILE 74 74 74 ILE ILE B . n 
B 1 75 ARG 75 75 75 ARG ARG B . n 
B 1 76 LEU 76 76 76 LEU LEU B . n 
B 1 77 LEU 77 77 77 LEU LEU B . n 
B 1 78 LEU 78 78 78 LEU LEU B . n 
B 1 79 LEU 79 79 79 LEU LEU B . n 
B 1 80 GLY 80 80 80 GLY GLY B . n 
B 1 81 LYS 81 81 81 LYS LYS B . n 
B 1 82 GLU 82 82 82 GLU GLU B . n 
B 1 83 VAL 83 83 83 VAL VAL B . n 
B 1 84 GLU 84 84 84 GLU GLU B . n 
B 1 85 VAL 85 85 85 VAL VAL B . n 
B 1 86 ALA 86 86 ?  ?   ?   B . n 
B 1 87 PRO 87 87 ?  ?   ?   B . n 
B 1 88 ARG 88 88 ?  ?   ?   B . n 
B 1 89 ALA 89 89 ?  ?   ?   B . n 
B 1 90 ALA 90 90 ?  ?   ?   B . n 
# 
loop_
_pdbx_nonpoly_scheme.asym_id 
_pdbx_nonpoly_scheme.entity_id 
_pdbx_nonpoly_scheme.mon_id 
_pdbx_nonpoly_scheme.ndb_seq_num 
_pdbx_nonpoly_scheme.pdb_seq_num 
_pdbx_nonpoly_scheme.auth_seq_num 
_pdbx_nonpoly_scheme.pdb_mon_id 
_pdbx_nonpoly_scheme.auth_mon_id 
_pdbx_nonpoly_scheme.pdb_strand_id 
_pdbx_nonpoly_scheme.pdb_ins_code 
C 2 HOH 1  91  2  HOH HOH A . 
C 2 HOH 2  92  4  HOH HOH A . 
C 2 HOH 3  93  6  HOH HOH A . 
C 2 HOH 4  94  8  HOH HOH A . 
C 2 HOH 5  95  9  HOH HOH A . 
C 2 HOH 6  96  10 HOH HOH A . 
C 2 HOH 7  97  12 HOH HOH A . 
C 2 HOH 8  98  14 HOH HOH A . 
C 2 HOH 9  99  17 HOH HOH A . 
C 2 HOH 10 100 18 HOH HOH A . 
D 2 HOH 1  91  1  HOH HOH B . 
D 2 HOH 2  92  3  HOH HOH B . 
D 2 HOH 3  93  5  HOH HOH B . 
D 2 HOH 4  94  7  HOH HOH B . 
D 2 HOH 5  95  11 HOH HOH B . 
D 2 HOH 6  96  13 HOH HOH B . 
D 2 HOH 7  97  15 HOH HOH B . 
D 2 HOH 8  98  16 HOH HOH B . 
D 2 HOH 9  99  19 HOH HOH B . 
# 
loop_
_software.name 
_software.version 
_software.date 
_software.type 
_software.contact_author 
_software.contact_author_email 
_software.classification 
_software.location 
_software.language 
_software.citation_id 
_software.pdbx_ordinal 
DENZO       .     ?               package 'Zbyszek Otwinowski' zbyszek@mix.swmed.edu    'data reduction'  
http://www.lnls.br/infra/linhasluz/denzo-hkl.htm ?          ? 1 
SCALEPACK   .     ?               package 'Zbyszek Otwinowski' zbyszek@mix.swmed.edu    'data scaling'    
http://www.lnls.br/infra/linhasluz/denzo-hkl.htm ?          ? 2 
CNS         .     ?               package 'Axel T. Brunger'    axel.brunger@yale.edu    refinement        
http://cns.csb.yale.edu/v1.1/                    Fortran_77 ? 3 
PDB_EXTRACT 1.701 'OCT. 28, 2005' package PDB                  sw-help@rcsb.rutgers.edu 'data extraction' 
http://pdb.rutgers.edu/software/                 C++        ? 4 
HKL-2000    .     ?               ?       ?                    ?                        'data reduction'  ? ?          ? 5 
SOLVE       .     ?               ?       ?                    ?                        phasing           ? ?          ? 6 
# 
_cell.length_a           41.145 
_cell.length_b           41.145 
_cell.length_c           87.572 
_cell.angle_alpha        90.00 
_cell.angle_beta         90.00 
_cell.angle_gamma        120.00 
_cell.entry_id           2DBS 
_cell.pdbx_unique_axis   ? 
_cell.Z_PDB              6 
_cell.length_a_esd       ? 
_cell.length_b_esd       ? 
_cell.length_c_esd       ? 
_cell.angle_alpha_esd    ? 
_cell.angle_beta_esd     ? 
_cell.angle_gamma_esd    ? 
# 
_symmetry.space_group_name_H-M             'P 31' 
_symmetry.entry_id                         2DBS 
_symmetry.pdbx_full_space_group_name_H-M   ? 
_symmetry.Int_Tables_number                144 
_symmetry.cell_setting                     ? 
_symmetry.space_group_name_Hall            ? 
# 
_exptl.entry_id          2DBS 
_exptl.crystals_number   1 
_exptl.method            'X-RAY DIFFRACTION' 
# 
_exptl_crystal.id                    1 
_exptl_crystal.density_Matthews      2.11 
_exptl_crystal.density_meas          ? 
_exptl_crystal.density_percent_sol   41.59 
_exptl_crystal.description           ? 
_exptl_crystal.F_000                 ? 
_exptl_crystal.preparation           ? 
# 
_exptl_crystal_grow.crystal_id      1 
_exptl_crystal_grow.method          'VAPOR DIFFUSION, HANGING DROP' 
_exptl_crystal_grow.pH              7.0 
_exptl_crystal_grow.temp            293 
_exptl_crystal_grow.temp_details    ? 
_exptl_crystal_grow.pdbx_details    '0.1M HEPES-Na, 1.25M Lithium Sulfate, pH 7.0, VAPOR DIFFUSION, HANGING DROP, temperature 293K' 
_exptl_crystal_grow.pdbx_pH_range   . 
# 
_diffrn.id                     1 
_diffrn.ambient_temp           100 
_diffrn.ambient_temp_details   ? 
_diffrn.crystal_id             1 
# 
_diffrn_detector.diffrn_id              1 
_diffrn_detector.detector               CCD 
_diffrn_detector.type                   'RIGAKU JUPITER 210' 
_diffrn_detector.pdbx_collection_date   2005-04-16 
_diffrn_detector.details                'Two dimensional focusing mirror' 
# 
_diffrn_radiation.diffrn_id                        1 
_diffrn_radiation.wavelength_id                    1 
_diffrn_radiation.pdbx_diffrn_protocol             MAD 
_diffrn_radiation.monochromator                    'Si double crystal' 
_diffrn_radiation.pdbx_monochromatic_or_laue_m_l   M 
_diffrn_radiation.pdbx_scattering_type             x-ray 
# 
loop_
_diffrn_radiation_wavelength.id 
_diffrn_radiation_wavelength.wavelength 
_diffrn_radiation_wavelength.wt 
1 0.97924 1.0 
2 0.97957 1.0 
3 0.96000 1.0 
# 
_diffrn_source.diffrn_id                   1 
_diffrn_source.source                      SYNCHROTRON 
_diffrn_source.type                        'SPRING-8 BEAMLINE BL26B1' 
_diffrn_source.pdbx_wavelength             ? 
_diffrn_source.pdbx_wavelength_list        '0.97924, 0.97957, 0.96000' 
_diffrn_source.pdbx_synchrotron_site       SPring-8 
_diffrn_source.pdbx_synchrotron_beamline   BL26B1 
# 
_reflns.entry_id                     2DBS 
_reflns.d_resolution_low             50.00 
_reflns.d_resolution_high            2.00 
_reflns.number_obs                   10858 
_reflns.percent_possible_obs         96.800 
_reflns.pdbx_Rmerge_I_obs            ? 
_reflns.pdbx_chi_squared             1.017 
_reflns.pdbx_redundancy              4.400 
_reflns.pdbx_scaling_rejects         ? 
_reflns.pdbx_netI_over_sigmaI        13.1 
_reflns.pdbx_Rsym_value              0.073 
_reflns.observed_criterion_sigma_F   ? 
_reflns.observed_criterion_sigma_I   -3 
_reflns.number_all                   ? 
_reflns.B_iso_Wilson_estimate        24.0 
_reflns.R_free_details               ? 
_reflns.limit_h_max                  ? 
_reflns.limit_h_min                  ? 
_reflns.limit_k_max                  ? 
_reflns.limit_k_min                  ? 
_reflns.limit_l_max                  ? 
_reflns.limit_l_min                  ? 
_reflns.observed_criterion_F_max     ? 
_reflns.observed_criterion_F_min     ? 
_reflns.pdbx_ordinal                 1 
_reflns.pdbx_diffrn_id               1 
# 
_reflns_shell.d_res_low              2.07 
_reflns_shell.d_res_high             2.00 
_reflns_shell.number_unique_all      912 
_reflns_shell.percent_possible_all   80.700 
_reflns_shell.Rmerge_I_obs           ? 
_reflns_shell.pdbx_chi_squared       1.011 
_reflns_shell.pdbx_redundancy        3.200 
_reflns_shell.number_unique_obs      ? 
_reflns_shell.meanI_over_sigI_obs    3.05 
_reflns_shell.pdbx_Rsym_value        0.246 
_reflns_shell.percent_possible_obs   ? 
_reflns_shell.number_measured_all    ? 
_reflns_shell.number_measured_obs    ? 
_reflns_shell.pdbx_ordinal           1 
_reflns_shell.pdbx_diffrn_id         1 
# 
_refine.ls_d_res_high                            2.100 
_refine.ls_d_res_low                             36.000 
_refine.pdbx_ls_sigma_F                          0 
_refine.ls_percent_reflns_obs                    92.100 
_refine.ls_number_reflns_obs                     8908 
_refine.ls_percent_reflns_R_free                 9.690 
_refine.ls_number_reflns_R_free                  863 
_refine.B_iso_mean                               43.498 
_refine.solvent_model_param_bsol                 68.259 
_refine.aniso_B[1][1]                            -6.762 
_refine.aniso_B[2][2]                            -6.762 
_refine.aniso_B[3][3]                            13.524 
_refine.aniso_B[1][2]                            -5.125 
_refine.aniso_B[1][3]                            0.000 
_refine.aniso_B[2][3]                            0.000 
_refine.entry_id                                 2DBS 
_refine.pdbx_ls_sigma_I                          ? 
_refine.ls_number_reflns_all                     ? 
_refine.ls_R_factor_all                          ? 
_refine.ls_R_factor_obs                          ? 
_refine.ls_R_factor_R_work                       0.2561 
_refine.ls_R_factor_R_free                       0.2712 
_refine.ls_redundancy_reflns_obs                 ? 
_refine.pdbx_data_cutoff_high_absF               ? 
_refine.pdbx_data_cutoff_low_absF                0 
_refine.ls_number_parameters                     ? 
_refine.ls_number_restraints                     ? 
_refine.ls_R_factor_R_free_error                 ? 
_refine.ls_R_factor_R_free_error_details         ? 
_refine.pdbx_method_to_determine_struct          MAD 
_refine.pdbx_starting_model                      ? 
_refine.pdbx_ls_cross_valid_method               THROUGHOUT 
_refine.pdbx_R_Free_selection_details            RANDOM 
_refine.pdbx_stereochem_target_val_spec_case     ? 
_refine.pdbx_stereochemistry_target_values       'Engh & Huber' 
_refine.solvent_model_details                    'FLAT MODEL' 
_refine.solvent_model_param_ksol                 0.354 
_refine.occupancy_max                            ? 
_refine.occupancy_min                            ? 
_refine.pdbx_isotropic_thermal_model             RESTRAINED 
_refine.details                                  
;THIS IS A TWINNED STRUCTURE. THE TWINNING OPERATOR IS 
(H,K,L) -> (H,-H-K,-L) AND THE TWINNING FRACTION IS 0.467. 
THE R-FACTOR IS 0.2561  AND THE R-FREE IS 0.2712      
WHEN THIS TWINNING OPERATOR IS USED.
;
_refine.B_iso_min                                ? 
_refine.B_iso_max                                ? 
_refine.correlation_coeff_Fo_to_Fc               ? 
_refine.correlation_coeff_Fo_to_Fc_free          ? 
_refine.pdbx_solvent_vdw_probe_radii             ? 
_refine.pdbx_solvent_ion_probe_radii             ? 
_refine.pdbx_solvent_shrinkage_radii             ? 
_refine.overall_SU_R_Cruickshank_DPI             ? 
_refine.overall_SU_R_free                        ? 
_refine.overall_SU_ML                            ? 
_refine.overall_SU_B                             ? 
_refine.pdbx_overall_ESU_R_Free                  ? 
_refine.pdbx_data_cutoff_high_rms_absF           ? 
_refine.pdbx_overall_ESU_R                       ? 
_refine.ls_wR_factor_R_free                      ? 
_refine.ls_wR_factor_R_work                      ? 
_refine.overall_FOM_free_R_set                   ? 
_refine.overall_FOM_work_R_set                   ? 
_refine.pdbx_refine_id                           'X-RAY DIFFRACTION' 
_refine.pdbx_diffrn_id                           1 
_refine.pdbx_TLS_residual_ADP_flag               ? 
_refine.pdbx_overall_phase_error                 ? 
_refine.pdbx_overall_SU_R_free_Cruickshank_DPI   ? 
_refine.pdbx_overall_SU_R_Blow_DPI               ? 
_refine.pdbx_overall_SU_R_free_Blow_DPI          ? 
# 
_refine_analyze.entry_id                        2DBS 
_refine_analyze.Luzzati_coordinate_error_obs    0.40 
_refine_analyze.Luzzati_sigma_a_obs             0.51 
_refine_analyze.Luzzati_d_res_low_obs           5.0 
_refine_analyze.Luzzati_coordinate_error_free   0.42 
_refine_analyze.Luzzati_sigma_a_free            0.50 
_refine_analyze.Luzzati_d_res_low_free          ? 
_refine_analyze.number_disordered_residues      ? 
_refine_analyze.occupancy_sum_non_hydrogen      ? 
_refine_analyze.occupancy_sum_hydrogen          ? 
_refine_analyze.pdbx_Luzzati_d_res_high_obs     ? 
_refine_analyze.pdbx_refine_id                  'X-RAY DIFFRACTION' 
# 
_refine_hist.pdbx_refine_id                   'X-RAY DIFFRACTION' 
_refine_hist.cycle_id                         LAST 
_refine_hist.pdbx_number_atoms_protein        1280 
_refine_hist.pdbx_number_atoms_nucleic_acid   0 
_refine_hist.pdbx_number_atoms_ligand         0 
_refine_hist.number_atoms_solvent             19 
_refine_hist.number_atoms_total               1299 
_refine_hist.d_res_high                       2.100 
_refine_hist.d_res_low                        36.000 
# 
loop_
_refine_ls_restr.type 
_refine_ls_restr.dev_ideal 
_refine_ls_restr.dev_ideal_target 
_refine_ls_restr.number 
_refine_ls_restr.weight 
_refine_ls_restr.pdbx_refine_id 
_refine_ls_restr.pdbx_restraint_function 
c_bond_d           0.0108 ?     ? ? 'X-RAY DIFFRACTION' ? 
c_angle_deg        1.997  ?     ? ? 'X-RAY DIFFRACTION' ? 
c_dihedral_angle_d 24.37  ?     ? ? 'X-RAY DIFFRACTION' ? 
c_improper_angle_d 1.918  ?     ? ? 'X-RAY DIFFRACTION' ? 
c_mcbond_it        1.207  1.500 ? ? 'X-RAY DIFFRACTION' ? 
c_mcangle_it       2.150  2.000 ? ? 'X-RAY DIFFRACTION' ? 
c_scbond_it        1.511  2.000 ? ? 'X-RAY DIFFRACTION' ? 
c_scangle_it       2.412  2.500 ? ? 'X-RAY DIFFRACTION' ? 
# 
_refine_ls_shell.d_res_high                       2.10 
_refine_ls_shell.d_res_low                        2.20 
_refine_ls_shell.number_reflns_obs                857 
_refine_ls_shell.number_reflns_R_free             85 
_refine_ls_shell.R_factor_R_work                  0.3774 
_refine_ls_shell.R_factor_R_free                  0.3998 
_refine_ls_shell.R_factor_R_free_error            ? 
_refine_ls_shell.percent_reflns_obs               71.2 
_refine_ls_shell.percent_reflns_R_free            9.92 
_refine_ls_shell.pdbx_total_number_of_bins_used   8 
_refine_ls_shell.number_reflns_R_work             772 
_refine_ls_shell.redundancy_reflns_obs            ? 
_refine_ls_shell.number_reflns_all                ? 
_refine_ls_shell.R_factor_all                     ? 
_refine_ls_shell.pdbx_refine_id                   'X-RAY DIFFRACTION' 
# 
loop_
_pdbx_xplor_file.serial_no 
_pdbx_xplor_file.param_file 
_pdbx_xplor_file.topol_file 
_pdbx_xplor_file.pdbx_refine_id 
1 PROTEIN_REP.PARAM PROTEIN.TOP 'X-RAY DIFFRACTION' 
2 WATER_REP.PARAM   WATER.TOP   'X-RAY DIFFRACTION' 
# 
_struct.entry_id                  2DBS 
_struct.title                     'Crystal structure of a hypothetical protein TTHC002 from Thermus thermophilus HB8' 
_struct.pdbx_model_details        ? 
_struct.pdbx_CASP_flag            ? 
_struct.pdbx_model_type_details   ? 
# 
_struct_keywords.entry_id        2DBS 
_struct_keywords.pdbx_keywords   'STRUCTURAL GENOMICS, UNKNOWN FUNCTION' 
_struct_keywords.text            
;hypothetical protein, TT2175, TTHC002, extremely thermophilic bacteria, Structural Genomics, NPPSFA, National Project on Protein Structural and Functional Analyses, RIKEN Structural Genomics/Proteomics Initiative, RSGI, UNKNOWN FUNCTION
;
# 
loop_
_struct_asym.id 
_struct_asym.pdbx_blank_PDB_chainid_flag 
_struct_asym.pdbx_modified 
_struct_asym.entity_id 
_struct_asym.details 
A N N 1 ? 
B N N 1 ? 
C N N 2 ? 
D N N 2 ? 
# 
_struct_ref.id                         1 
_struct_ref.db_name                    UNP 
_struct_ref.db_code                    Q5SGN2_THET8 
_struct_ref.pdbx_db_accession          Q5SGN2 
_struct_ref.entity_id                  1 
_struct_ref.pdbx_align_begin           1 
_struct_ref.pdbx_db_isoform            ? 
_struct_ref.pdbx_seq_one_letter_code   ? 
# 
loop_
_struct_ref_seq.align_id 
_struct_ref_seq.ref_id 
_struct_ref_seq.pdbx_PDB_id_code 
_struct_ref_seq.pdbx_strand_id 
_struct_ref_seq.seq_align_beg 
_struct_ref_seq.pdbx_seq_align_beg_ins_code 
_struct_ref_seq.seq_align_end 
_struct_ref_seq.pdbx_seq_align_end_ins_code 
_struct_ref_seq.pdbx_db_accession 
_struct_ref_seq.db_align_beg 
_struct_ref_seq.pdbx_db_align_beg_ins_code 
_struct_ref_seq.db_align_end 
_struct_ref_seq.pdbx_db_align_end_ins_code 
_struct_ref_seq.pdbx_auth_seq_align_beg 
_struct_ref_seq.pdbx_auth_seq_align_end 
1 1 2DBS A 1 ? 90 ? Q5SGN2 1 ? 90 ? 1 90 
2 1 2DBS B 1 ? 90 ? Q5SGN2 1 ? 90 ? 1 90 
# 
loop_
_struct_ref_seq_dif.align_id 
_struct_ref_seq_dif.pdbx_pdb_id_code 
_struct_ref_seq_dif.mon_id 
_struct_ref_seq_dif.pdbx_pdb_strand_id 
_struct_ref_seq_dif.seq_num 
_struct_ref_seq_dif.pdbx_pdb_ins_code 
_struct_ref_seq_dif.pdbx_seq_db_name 
_struct_ref_seq_dif.pdbx_seq_db_accession_code 
_struct_ref_seq_dif.db_mon_id 
_struct_ref_seq_dif.pdbx_seq_db_seq_num 
_struct_ref_seq_dif.details 
_struct_ref_seq_dif.pdbx_auth_seq_num 
_struct_ref_seq_dif.pdbx_ordinal 
1 2DBS MSE A 1  ? UNP Q5SGN2 MET 1  'modified residue' 1  1 
1 2DBS MSE A 16 ? UNP Q5SGN2 MET 16 'modified residue' 16 2 
1 2DBS MSE A 53 ? UNP Q5SGN2 MET 53 'modified residue' 53 3 
2 2DBS MSE B 1  ? UNP Q5SGN2 MET 1  'modified residue' 1  4 
2 2DBS MSE B 16 ? UNP Q5SGN2 MET 16 'modified residue' 16 5 
2 2DBS MSE B 53 ? UNP Q5SGN2 MET 53 'modified residue' 53 6 
# 
_pdbx_struct_assembly.id                   1 
_pdbx_struct_assembly.details              author_and_software_defined_assembly 
_pdbx_struct_assembly.method_details       PISA 
_pdbx_struct_assembly.oligomeric_details   dimeric 
_pdbx_struct_assembly.oligomeric_count     2 
# 
loop_
_pdbx_struct_assembly_prop.biol_id 
_pdbx_struct_assembly_prop.type 
_pdbx_struct_assembly_prop.value 
_pdbx_struct_assembly_prop.details 
1 'ABSA (A^2)' 2700 ? 
1 MORE         -23  ? 
1 'SSA (A^2)'  8790 ? 
# 
_pdbx_struct_assembly_gen.assembly_id       1 
_pdbx_struct_assembly_gen.oper_expression   1 
_pdbx_struct_assembly_gen.asym_id_list      A,B,C,D 
# 
_pdbx_struct_oper_list.id                   1 
_pdbx_struct_oper_list.type                 'identity operation' 
_pdbx_struct_oper_list.name                 1_555 
_pdbx_struct_oper_list.symmetry_operation   x,y,z 
_pdbx_struct_oper_list.matrix[1][1]         1.0000000000 
_pdbx_struct_oper_list.matrix[1][2]         0.0000000000 
_pdbx_struct_oper_list.matrix[1][3]         0.0000000000 
_pdbx_struct_oper_list.vector[1]            0.0000000000 
_pdbx_struct_oper_list.matrix[2][1]         0.0000000000 
_pdbx_struct_oper_list.matrix[2][2]         1.0000000000 
_pdbx_struct_oper_list.matrix[2][3]         0.0000000000 
_pdbx_struct_oper_list.vector[2]            0.0000000000 
_pdbx_struct_oper_list.matrix[3][1]         0.0000000000 
_pdbx_struct_oper_list.matrix[3][2]         0.0000000000 
_pdbx_struct_oper_list.matrix[3][3]         1.0000000000 
_pdbx_struct_oper_list.vector[3]            0.0000000000 
# 
_struct_biol.id   1 
# 
loop_
_struct_conf.conf_type_id 
_struct_conf.id 
_struct_conf.pdbx_PDB_helix_id 
_struct_conf.beg_label_comp_id 
_struct_conf.beg_label_asym_id 
_struct_conf.beg_label_seq_id 
_struct_conf.pdbx_beg_PDB_ins_code 
_struct_conf.end_label_comp_id 
_struct_conf.end_label_asym_id 
_struct_conf.end_label_seq_id 
_struct_conf.pdbx_end_PDB_ins_code 
_struct_conf.beg_auth_comp_id 
_struct_conf.beg_auth_asym_id 
_struct_conf.beg_auth_seq_id 
_struct_conf.end_auth_comp_id 
_struct_conf.end_auth_asym_id 
_struct_conf.end_auth_seq_id 
_struct_conf.pdbx_PDB_helix_class 
_struct_conf.details 
_struct_conf.pdbx_PDB_helix_length 
HELX_P HELX_P1 1 ARG A 7  ? GLU A 21 ? ARG A 7  GLU A 21 1 ? 15 
HELX_P HELX_P2 2 LEU A 24 ? LEU A 28 ? LEU A 24 LEU A 28 5 ? 5  
HELX_P HELX_P3 3 GLU A 41 ? GLU A 54 ? GLU A 41 GLU A 54 1 ? 14 
HELX_P HELX_P4 4 ARG B 7  ? GLU B 21 ? ARG B 7  GLU B 21 1 ? 15 
HELX_P HELX_P5 5 LEU B 24 ? LEU B 28 ? LEU B 24 LEU B 28 5 ? 5  
HELX_P HELX_P6 6 GLU B 41 ? GLU B 54 ? GLU B 41 GLU B 54 1 ? 14 
# 
_struct_conf_type.id          HELX_P 
_struct_conf_type.criteria    ? 
_struct_conf_type.reference   ? 
# 
loop_
_struct_conn.id 
_struct_conn.conn_type_id 
_struct_conn.pdbx_leaving_atom_flag 
_struct_conn.pdbx_PDB_id 
_struct_conn.ptnr1_label_asym_id 
_struct_conn.ptnr1_label_comp_id 
_struct_conn.ptnr1_label_seq_id 
_struct_conn.ptnr1_label_atom_id 
_struct_conn.pdbx_ptnr1_label_alt_id 
_struct_conn.pdbx_ptnr1_PDB_ins_code 
_struct_conn.pdbx_ptnr1_standard_comp_id 
_struct_conn.ptnr1_symmetry 
_struct_conn.ptnr2_label_asym_id 
_struct_conn.ptnr2_label_comp_id 
_struct_conn.ptnr2_label_seq_id 
_struct_conn.ptnr2_label_atom_id 
_struct_conn.pdbx_ptnr2_label_alt_id 
_struct_conn.pdbx_ptnr2_PDB_ins_code 
_struct_conn.ptnr1_auth_asym_id 
_struct_conn.ptnr1_auth_comp_id 
_struct_conn.ptnr1_auth_seq_id 
_struct_conn.ptnr2_auth_asym_id 
_struct_conn.ptnr2_auth_comp_id 
_struct_conn.ptnr2_auth_seq_id 
_struct_conn.ptnr2_symmetry 
_struct_conn.pdbx_ptnr3_label_atom_id 
_struct_conn.pdbx_ptnr3_label_seq_id 
_struct_conn.pdbx_ptnr3_label_comp_id 
_struct_conn.pdbx_ptnr3_label_asym_id 
_struct_conn.pdbx_ptnr3_label_alt_id 
_struct_conn.pdbx_ptnr3_PDB_ins_code 
_struct_conn.details 
_struct_conn.pdbx_dist_value 
_struct_conn.pdbx_value_order 
_struct_conn.pdbx_role 
covale1 covale both ? A LEU 15 C ? ? ? 1_555 A MSE 16 N ? ? A LEU 15 A MSE 16 1_555 ? ? ? ? ? ? ? 1.325 ? ? 
covale2 covale both ? A MSE 16 C ? ? ? 1_555 A GLN 17 N ? ? A MSE 16 A GLN 17 1_555 ? ? ? ? ? ? ? 1.329 ? ? 
covale3 covale both ? A ALA 52 C ? ? ? 1_555 A MSE 53 N ? ? A ALA 52 A MSE 53 1_555 ? ? ? ? ? ? ? 1.328 ? ? 
covale4 covale both ? A MSE 53 C ? ? ? 1_555 A GLU 54 N ? ? A MSE 53 A GLU 54 1_555 ? ? ? ? ? ? ? 1.337 ? ? 
covale5 covale both ? B LEU 15 C ? ? ? 1_555 B MSE 16 N ? ? B LEU 15 B MSE 16 1_555 ? ? ? ? ? ? ? 1.329 ? ? 
covale6 covale both ? B MSE 16 C ? ? ? 1_555 B GLN 17 N ? ? B MSE 16 B GLN 17 1_555 ? ? ? ? ? ? ? 1.330 ? ? 
covale7 covale both ? B ALA 52 C ? ? ? 1_555 B MSE 53 N ? ? B ALA 52 B MSE 53 1_555 ? ? ? ? ? ? ? 1.335 ? ? 
covale8 covale both ? B MSE 53 C ? ? ? 1_555 B GLU 54 N ? ? B MSE 53 B GLU 54 1_555 ? ? ? ? ? ? ? 1.334 ? ? 
# 
_struct_conn_type.id          covale 
_struct_conn_type.criteria    ? 
_struct_conn_type.reference   ? 
# 
loop_
_pdbx_modification_feature.ordinal 
_pdbx_modification_feature.label_comp_id 
_pdbx_modification_feature.label_asym_id 
_pdbx_modification_feature.label_seq_id 
_pdbx_modification_feature.label_alt_id 
_pdbx_modification_feature.modified_residue_label_comp_id 
_pdbx_modification_feature.modified_residue_label_asym_id 
_pdbx_modification_feature.modified_residue_label_seq_id 
_pdbx_modification_feature.modified_residue_label_alt_id 
_pdbx_modification_feature.auth_comp_id 
_pdbx_modification_feature.auth_asym_id 
_pdbx_modification_feature.auth_seq_id 
_pdbx_modification_feature.PDB_ins_code 
_pdbx_modification_feature.symmetry 
_pdbx_modification_feature.modified_residue_auth_comp_id 
_pdbx_modification_feature.modified_residue_auth_asym_id 
_pdbx_modification_feature.modified_residue_auth_seq_id 
_pdbx_modification_feature.modified_residue_PDB_ins_code 
_pdbx_modification_feature.modified_residue_symmetry 
_pdbx_modification_feature.comp_id_linking_atom 
_pdbx_modification_feature.modified_residue_id_linking_atom 
_pdbx_modification_feature.modified_residue_id 
_pdbx_modification_feature.ref_pcm_id 
_pdbx_modification_feature.ref_comp_id 
_pdbx_modification_feature.type 
_pdbx_modification_feature.category 
1 MSE A 16 ? . . . . MSE A 16 ? 1_555 . . . . . . . MET 1 MSE Selenomethionine 'Named protein modification' 
2 MSE A 53 ? . . . . MSE A 53 ? 1_555 . . . . . . . MET 1 MSE Selenomethionine 'Named protein modification' 
3 MSE B 16 ? . . . . MSE B 16 ? 1_555 . . . . . . . MET 1 MSE Selenomethionine 'Named protein modification' 
4 MSE B 53 ? . . . . MSE B 53 ? 1_555 . . . . . . . MET 1 MSE Selenomethionine 'Named protein modification' 
# 
_struct_sheet.id               A 
_struct_sheet.type             ? 
_struct_sheet.number_strands   6 
_struct_sheet.details          ? 
# 
loop_
_struct_sheet_order.sheet_id 
_struct_sheet_order.range_id_1 
_struct_sheet_order.range_id_2 
_struct_sheet_order.offset 
_struct_sheet_order.sense 
A 1 2 ? parallel      
A 2 3 ? anti-parallel 
A 3 4 ? anti-parallel 
A 4 5 ? anti-parallel 
A 5 6 ? parallel      
# 
loop_
_struct_sheet_range.sheet_id 
_struct_sheet_range.id 
_struct_sheet_range.beg_label_comp_id 
_struct_sheet_range.beg_label_asym_id 
_struct_sheet_range.beg_label_seq_id 
_struct_sheet_range.pdbx_beg_PDB_ins_code 
_struct_sheet_range.end_label_comp_id 
_struct_sheet_range.end_label_asym_id 
_struct_sheet_range.end_label_seq_id 
_struct_sheet_range.pdbx_end_PDB_ins_code 
_struct_sheet_range.beg_auth_comp_id 
_struct_sheet_range.beg_auth_asym_id 
_struct_sheet_range.beg_auth_seq_id 
_struct_sheet_range.end_auth_comp_id 
_struct_sheet_range.end_auth_asym_id 
_struct_sheet_range.end_auth_seq_id 
A 1 ARG A 33 ? PRO A 38 ? ARG A 33 PRO A 38 
A 2 SER A 63 ? LEU A 69 ? SER A 63 LEU A 69 
A 3 ARG A 72 ? GLU A 84 ? ARG A 72 GLU A 84 
A 4 ARG B 72 ? GLU B 84 ? ARG B 72 GLU B 84 
A 5 SER B 63 ? LEU B 69 ? SER B 63 LEU B 69 
A 6 ARG B 33 ? PRO B 38 ? ARG B 33 PRO B 38 
# 
loop_
_pdbx_struct_sheet_hbond.sheet_id 
_pdbx_struct_sheet_hbond.range_id_1 
_pdbx_struct_sheet_hbond.range_id_2 
_pdbx_struct_sheet_hbond.range_1_label_atom_id 
_pdbx_struct_sheet_hbond.range_1_label_comp_id 
_pdbx_struct_sheet_hbond.range_1_label_asym_id 
_pdbx_struct_sheet_hbond.range_1_label_seq_id 
_pdbx_struct_sheet_hbond.range_1_PDB_ins_code 
_pdbx_struct_sheet_hbond.range_1_auth_atom_id 
_pdbx_struct_sheet_hbond.range_1_auth_comp_id 
_pdbx_struct_sheet_hbond.range_1_auth_asym_id 
_pdbx_struct_sheet_hbond.range_1_auth_seq_id 
_pdbx_struct_sheet_hbond.range_2_label_atom_id 
_pdbx_struct_sheet_hbond.range_2_label_comp_id 
_pdbx_struct_sheet_hbond.range_2_label_asym_id 
_pdbx_struct_sheet_hbond.range_2_label_seq_id 
_pdbx_struct_sheet_hbond.range_2_PDB_ins_code 
_pdbx_struct_sheet_hbond.range_2_auth_atom_id 
_pdbx_struct_sheet_hbond.range_2_auth_comp_id 
_pdbx_struct_sheet_hbond.range_2_auth_asym_id 
_pdbx_struct_sheet_hbond.range_2_auth_seq_id 
A 1 2 N VAL A 35 ? N VAL A 35 O VAL A 64 ? O VAL A 64 
A 2 3 N LEU A 67 ? N LEU A 67 O ILE A 74 ? O ILE A 74 
A 3 4 N LYS A 81 ? N LYS A 81 O LEU B 78 ? O LEU B 78 
A 4 5 O ILE B 74 ? O ILE B 74 N LEU B 67 ? N LEU B 67 
A 5 6 O VAL B 64 ? O VAL B 64 N VAL B 35 ? N VAL B 35 
# 
_pdbx_entry_details.entry_id                   2DBS 
_pdbx_entry_details.compound_details           ? 
_pdbx_entry_details.source_details             ? 
_pdbx_entry_details.nonpolymer_details         ? 
_pdbx_entry_details.sequence_details           ? 
_pdbx_entry_details.has_ligand_of_interest     ? 
_pdbx_entry_details.has_protein_modification   Y 
# 
_pdbx_validate_symm_contact.id                1 
_pdbx_validate_symm_contact.PDB_model_num     1 
_pdbx_validate_symm_contact.auth_atom_id_1    ND2 
_pdbx_validate_symm_contact.auth_asym_id_1    A 
_pdbx_validate_symm_contact.auth_comp_id_1    ASN 
_pdbx_validate_symm_contact.auth_seq_id_1     57 
_pdbx_validate_symm_contact.PDB_ins_code_1    ? 
_pdbx_validate_symm_contact.label_alt_id_1    ? 
_pdbx_validate_symm_contact.site_symmetry_1   1_555 
_pdbx_validate_symm_contact.auth_atom_id_2    O 
_pdbx_validate_symm_contact.auth_asym_id_2    B 
_pdbx_validate_symm_contact.auth_comp_id_2    ALA 
_pdbx_validate_symm_contact.auth_seq_id_2     5 
_pdbx_validate_symm_contact.PDB_ins_code_2    ? 
_pdbx_validate_symm_contact.label_alt_id_2    ? 
_pdbx_validate_symm_contact.site_symmetry_2   1_655 
_pdbx_validate_symm_contact.dist              2.14 
# 
loop_
_pdbx_validate_rmsd_angle.id 
_pdbx_validate_rmsd_angle.PDB_model_num 
_pdbx_validate_rmsd_angle.auth_atom_id_1 
_pdbx_validate_rmsd_angle.auth_asym_id_1 
_pdbx_validate_rmsd_angle.auth_comp_id_1 
_pdbx_validate_rmsd_angle.auth_seq_id_1 
_pdbx_validate_rmsd_angle.PDB_ins_code_1 
_pdbx_validate_rmsd_angle.label_alt_id_1 
_pdbx_validate_rmsd_angle.auth_atom_id_2 
_pdbx_validate_rmsd_angle.auth_asym_id_2 
_pdbx_validate_rmsd_angle.auth_comp_id_2 
_pdbx_validate_rmsd_angle.auth_seq_id_2 
_pdbx_validate_rmsd_angle.PDB_ins_code_2 
_pdbx_validate_rmsd_angle.label_alt_id_2 
_pdbx_validate_rmsd_angle.auth_atom_id_3 
_pdbx_validate_rmsd_angle.auth_asym_id_3 
_pdbx_validate_rmsd_angle.auth_comp_id_3 
_pdbx_validate_rmsd_angle.auth_seq_id_3 
_pdbx_validate_rmsd_angle.PDB_ins_code_3 
_pdbx_validate_rmsd_angle.label_alt_id_3 
_pdbx_validate_rmsd_angle.angle_value 
_pdbx_validate_rmsd_angle.angle_target_value 
_pdbx_validate_rmsd_angle.angle_deviation 
_pdbx_validate_rmsd_angle.angle_standard_deviation 
_pdbx_validate_rmsd_angle.linker_flag 
1 1 C A ALA 55 ? ? N A PRO 56 ? ? CA A PRO 56 ? ? 133.64 119.30 14.34  1.50 Y 
2 1 C A ALA 55 ? ? N A PRO 56 ? ? CD A PRO 56 ? ? 102.70 128.40 -25.70 2.10 Y 
3 1 C A ASN 57 ? ? N A PRO 58 ? ? CA A PRO 58 ? ? 135.77 119.30 16.47  1.50 Y 
4 1 C A ASN 57 ? ? N A PRO 58 ? ? CD A PRO 58 ? ? 102.40 128.40 -26.00 2.10 Y 
5 1 C B ASN 57 ? ? N B PRO 58 ? ? CA B PRO 58 ? ? 131.26 119.30 11.96  1.50 Y 
# 
loop_
_pdbx_validate_torsion.id 
_pdbx_validate_torsion.PDB_model_num 
_pdbx_validate_torsion.auth_comp_id 
_pdbx_validate_torsion.auth_asym_id 
_pdbx_validate_torsion.auth_seq_id 
_pdbx_validate_torsion.PDB_ins_code 
_pdbx_validate_torsion.label_alt_id 
_pdbx_validate_torsion.phi 
_pdbx_validate_torsion.psi 
1  1 LEU A 20 ? ? -79.20  -85.74  
2  1 GLU A 21 ? ? -59.18  28.59   
3  1 ALA A 22 ? ? -163.23 15.93   
4  1 GLU A 54 ? ? -60.92  -161.74 
5  1 PRO A 58 ? ? 47.68   -16.90  
6  1 GLU A 59 ? ? -159.54 -135.01 
7  1 GLU B 6  ? ? 169.74  -20.41  
8  1 LEU B 20 ? ? -85.00  -80.86  
9  1 GLU B 21 ? ? -68.55  36.87   
10 1 ALA B 22 ? ? -160.59 15.21   
11 1 GLU B 54 ? ? -77.65  31.42   
12 1 ALA B 55 ? ? 176.62  79.70   
13 1 PRO B 56 ? ? -71.62  -79.51  
14 1 ASN B 57 ? ? 59.54   82.48   
15 1 PRO B 58 ? ? -71.74  -96.69  
# 
_pdbx_SG_project.id                    1 
_pdbx_SG_project.project_name          'NPPSFA, National Project on Protein Structural and Functional Analyses' 
_pdbx_SG_project.full_name_of_center   'RIKEN Structural Genomics/Proteomics Initiative' 
_pdbx_SG_project.initial_of_center     RSGI 
# 
loop_
_pdbx_struct_mod_residue.id 
_pdbx_struct_mod_residue.label_asym_id 
_pdbx_struct_mod_residue.label_comp_id 
_pdbx_struct_mod_residue.label_seq_id 
_pdbx_struct_mod_residue.auth_asym_id 
_pdbx_struct_mod_residue.auth_comp_id 
_pdbx_struct_mod_residue.auth_seq_id 
_pdbx_struct_mod_residue.PDB_ins_code 
_pdbx_struct_mod_residue.parent_comp_id 
_pdbx_struct_mod_residue.details 
1 A MSE 16 A MSE 16 ? MET SELENOMETHIONINE 
2 A MSE 53 A MSE 53 ? MET SELENOMETHIONINE 
3 B MSE 16 B MSE 16 ? MET SELENOMETHIONINE 
4 B MSE 53 B MSE 53 ? MET SELENOMETHIONINE 
# 
loop_
_pdbx_unobs_or_zero_occ_residues.id 
_pdbx_unobs_or_zero_occ_residues.PDB_model_num 
_pdbx_unobs_or_zero_occ_residues.polymer_flag 
_pdbx_unobs_or_zero_occ_residues.occupancy_flag 
_pdbx_unobs_or_zero_occ_residues.auth_asym_id 
_pdbx_unobs_or_zero_occ_residues.auth_comp_id 
_pdbx_unobs_or_zero_occ_residues.auth_seq_id 
_pdbx_unobs_or_zero_occ_residues.PDB_ins_code 
_pdbx_unobs_or_zero_occ_residues.label_asym_id 
_pdbx_unobs_or_zero_occ_residues.label_comp_id 
_pdbx_unobs_or_zero_occ_residues.label_seq_id 
1  1 Y 1 A MSE 1  ? A MSE 1  
2  1 Y 1 A VAL 2  ? A VAL 2  
3  1 Y 1 A ASN 3  ? A ASN 3  
4  1 Y 1 A PRO 4  ? A PRO 4  
5  1 Y 1 A ALA 5  ? A ALA 5  
6  1 Y 1 A GLU 6  ? A GLU 6  
7  1 Y 1 A PRO 87 ? A PRO 87 
8  1 Y 1 A ARG 88 ? A ARG 88 
9  1 Y 1 A ALA 89 ? A ALA 89 
10 1 Y 1 A ALA 90 ? A ALA 90 
11 1 Y 1 B MSE 1  ? B MSE 1  
12 1 Y 1 B VAL 2  ? B VAL 2  
13 1 Y 1 B ASN 3  ? B ASN 3  
14 1 Y 1 B ALA 86 ? B ALA 86 
15 1 Y 1 B PRO 87 ? B PRO 87 
16 1 Y 1 B ARG 88 ? B ARG 88 
17 1 Y 1 B ALA 89 ? B ALA 89 
18 1 Y 1 B ALA 90 ? B ALA 90 
# 
loop_
_chem_comp_atom.comp_id 
_chem_comp_atom.atom_id 
_chem_comp_atom.type_symbol 
_chem_comp_atom.pdbx_aromatic_flag 
_chem_comp_atom.pdbx_stereo_config 
_chem_comp_atom.pdbx_ordinal 
ALA N    N  N N 1   
ALA CA   C  N S 2   
ALA C    C  N N 3   
ALA O    O  N N 4   
ALA CB   C  N N 5   
ALA OXT  O  N N 6   
ALA H    H  N N 7   
ALA H2   H  N N 8   
ALA HA   H  N N 9   
ALA HB1  H  N N 10  
ALA HB2  H  N N 11  
ALA HB3  H  N N 12  
ALA HXT  H  N N 13  
ARG N    N  N N 14  
ARG CA   C  N S 15  
ARG C    C  N N 16  
ARG O    O  N N 17  
ARG CB   C  N N 18  
ARG CG   C  N N 19  
ARG CD   C  N N 20  
ARG NE   N  N N 21  
ARG CZ   C  N N 22  
ARG NH1  N  N N 23  
ARG NH2  N  N N 24  
ARG OXT  O  N N 25  
ARG H    H  N N 26  
ARG H2   H  N N 27  
ARG HA   H  N N 28  
ARG HB2  H  N N 29  
ARG HB3  H  N N 30  
ARG HG2  H  N N 31  
ARG HG3  H  N N 32  
ARG HD2  H  N N 33  
ARG HD3  H  N N 34  
ARG HE   H  N N 35  
ARG HH11 H  N N 36  
ARG HH12 H  N N 37  
ARG HH21 H  N N 38  
ARG HH22 H  N N 39  
ARG HXT  H  N N 40  
ASN N    N  N N 41  
ASN CA   C  N S 42  
ASN C    C  N N 43  
ASN O    O  N N 44  
ASN CB   C  N N 45  
ASN CG   C  N N 46  
ASN OD1  O  N N 47  
ASN ND2  N  N N 48  
ASN OXT  O  N N 49  
ASN H    H  N N 50  
ASN H2   H  N N 51  
ASN HA   H  N N 52  
ASN HB2  H  N N 53  
ASN HB3  H  N N 54  
ASN HD21 H  N N 55  
ASN HD22 H  N N 56  
ASN HXT  H  N N 57  
ASP N    N  N N 58  
ASP CA   C  N S 59  
ASP C    C  N N 60  
ASP O    O  N N 61  
ASP CB   C  N N 62  
ASP CG   C  N N 63  
ASP OD1  O  N N 64  
ASP OD2  O  N N 65  
ASP OXT  O  N N 66  
ASP H    H  N N 67  
ASP H2   H  N N 68  
ASP HA   H  N N 69  
ASP HB2  H  N N 70  
ASP HB3  H  N N 71  
ASP HD2  H  N N 72  
ASP HXT  H  N N 73  
GLN N    N  N N 74  
GLN CA   C  N S 75  
GLN C    C  N N 76  
GLN O    O  N N 77  
GLN CB   C  N N 78  
GLN CG   C  N N 79  
GLN CD   C  N N 80  
GLN OE1  O  N N 81  
GLN NE2  N  N N 82  
GLN OXT  O  N N 83  
GLN H    H  N N 84  
GLN H2   H  N N 85  
GLN HA   H  N N 86  
GLN HB2  H  N N 87  
GLN HB3  H  N N 88  
GLN HG2  H  N N 89  
GLN HG3  H  N N 90  
GLN HE21 H  N N 91  
GLN HE22 H  N N 92  
GLN HXT  H  N N 93  
GLU N    N  N N 94  
GLU CA   C  N S 95  
GLU C    C  N N 96  
GLU O    O  N N 97  
GLU CB   C  N N 98  
GLU CG   C  N N 99  
GLU CD   C  N N 100 
GLU OE1  O  N N 101 
GLU OE2  O  N N 102 
GLU OXT  O  N N 103 
GLU H    H  N N 104 
GLU H2   H  N N 105 
GLU HA   H  N N 106 
GLU HB2  H  N N 107 
GLU HB3  H  N N 108 
GLU HG2  H  N N 109 
GLU HG3  H  N N 110 
GLU HE2  H  N N 111 
GLU HXT  H  N N 112 
GLY N    N  N N 113 
GLY CA   C  N N 114 
GLY C    C  N N 115 
GLY O    O  N N 116 
GLY OXT  O  N N 117 
GLY H    H  N N 118 
GLY H2   H  N N 119 
GLY HA2  H  N N 120 
GLY HA3  H  N N 121 
GLY HXT  H  N N 122 
HOH O    O  N N 123 
HOH H1   H  N N 124 
HOH H2   H  N N 125 
ILE N    N  N N 126 
ILE CA   C  N S 127 
ILE C    C  N N 128 
ILE O    O  N N 129 
ILE CB   C  N S 130 
ILE CG1  C  N N 131 
ILE CG2  C  N N 132 
ILE CD1  C  N N 133 
ILE OXT  O  N N 134 
ILE H    H  N N 135 
ILE H2   H  N N 136 
ILE HA   H  N N 137 
ILE HB   H  N N 138 
ILE HG12 H  N N 139 
ILE HG13 H  N N 140 
ILE HG21 H  N N 141 
ILE HG22 H  N N 142 
ILE HG23 H  N N 143 
ILE HD11 H  N N 144 
ILE HD12 H  N N 145 
ILE HD13 H  N N 146 
ILE HXT  H  N N 147 
LEU N    N  N N 148 
LEU CA   C  N S 149 
LEU C    C  N N 150 
LEU O    O  N N 151 
LEU CB   C  N N 152 
LEU CG   C  N N 153 
LEU CD1  C  N N 154 
LEU CD2  C  N N 155 
LEU OXT  O  N N 156 
LEU H    H  N N 157 
LEU H2   H  N N 158 
LEU HA   H  N N 159 
LEU HB2  H  N N 160 
LEU HB3  H  N N 161 
LEU HG   H  N N 162 
LEU HD11 H  N N 163 
LEU HD12 H  N N 164 
LEU HD13 H  N N 165 
LEU HD21 H  N N 166 
LEU HD22 H  N N 167 
LEU HD23 H  N N 168 
LEU HXT  H  N N 169 
LYS N    N  N N 170 
LYS CA   C  N S 171 
LYS C    C  N N 172 
LYS O    O  N N 173 
LYS CB   C  N N 174 
LYS CG   C  N N 175 
LYS CD   C  N N 176 
LYS CE   C  N N 177 
LYS NZ   N  N N 178 
LYS OXT  O  N N 179 
LYS H    H  N N 180 
LYS H2   H  N N 181 
LYS HA   H  N N 182 
LYS HB2  H  N N 183 
LYS HB3  H  N N 184 
LYS HG2  H  N N 185 
LYS HG3  H  N N 186 
LYS HD2  H  N N 187 
LYS HD3  H  N N 188 
LYS HE2  H  N N 189 
LYS HE3  H  N N 190 
LYS HZ1  H  N N 191 
LYS HZ2  H  N N 192 
LYS HZ3  H  N N 193 
LYS HXT  H  N N 194 
MET N    N  N N 195 
MET CA   C  N S 196 
MET C    C  N N 197 
MET O    O  N N 198 
MET CB   C  N N 199 
MET CG   C  N N 200 
MET SD   S  N N 201 
MET CE   C  N N 202 
MET OXT  O  N N 203 
MET H    H  N N 204 
MET H2   H  N N 205 
MET HA   H  N N 206 
MET HB2  H  N N 207 
MET HB3  H  N N 208 
MET HG2  H  N N 209 
MET HG3  H  N N 210 
MET HE1  H  N N 211 
MET HE2  H  N N 212 
MET HE3  H  N N 213 
MET HXT  H  N N 214 
MSE N    N  N N 215 
MSE CA   C  N S 216 
MSE C    C  N N 217 
MSE O    O  N N 218 
MSE OXT  O  N N 219 
MSE CB   C  N N 220 
MSE CG   C  N N 221 
MSE SE   SE N N 222 
MSE CE   C  N N 223 
MSE H    H  N N 224 
MSE H2   H  N N 225 
MSE HA   H  N N 226 
MSE HXT  H  N N 227 
MSE HB2  H  N N 228 
MSE HB3  H  N N 229 
MSE HG2  H  N N 230 
MSE HG3  H  N N 231 
MSE HE1  H  N N 232 
MSE HE2  H  N N 233 
MSE HE3  H  N N 234 
PHE N    N  N N 235 
PHE CA   C  N S 236 
PHE C    C  N N 237 
PHE O    O  N N 238 
PHE CB   C  N N 239 
PHE CG   C  Y N 240 
PHE CD1  C  Y N 241 
PHE CD2  C  Y N 242 
PHE CE1  C  Y N 243 
PHE CE2  C  Y N 244 
PHE CZ   C  Y N 245 
PHE OXT  O  N N 246 
PHE H    H  N N 247 
PHE H2   H  N N 248 
PHE HA   H  N N 249 
PHE HB2  H  N N 250 
PHE HB3  H  N N 251 
PHE HD1  H  N N 252 
PHE HD2  H  N N 253 
PHE HE1  H  N N 254 
PHE HE2  H  N N 255 
PHE HZ   H  N N 256 
PHE HXT  H  N N 257 
PRO N    N  N N 258 
PRO CA   C  N S 259 
PRO C    C  N N 260 
PRO O    O  N N 261 
PRO CB   C  N N 262 
PRO CG   C  N N 263 
PRO CD   C  N N 264 
PRO OXT  O  N N 265 
PRO H    H  N N 266 
PRO HA   H  N N 267 
PRO HB2  H  N N 268 
PRO HB3  H  N N 269 
PRO HG2  H  N N 270 
PRO HG3  H  N N 271 
PRO HD2  H  N N 272 
PRO HD3  H  N N 273 
PRO HXT  H  N N 274 
SER N    N  N N 275 
SER CA   C  N S 276 
SER C    C  N N 277 
SER O    O  N N 278 
SER CB   C  N N 279 
SER OG   O  N N 280 
SER OXT  O  N N 281 
SER H    H  N N 282 
SER H2   H  N N 283 
SER HA   H  N N 284 
SER HB2  H  N N 285 
SER HB3  H  N N 286 
SER HG   H  N N 287 
SER HXT  H  N N 288 
THR N    N  N N 289 
THR CA   C  N S 290 
THR C    C  N N 291 
THR O    O  N N 292 
THR CB   C  N R 293 
THR OG1  O  N N 294 
THR CG2  C  N N 295 
THR OXT  O  N N 296 
THR H    H  N N 297 
THR H2   H  N N 298 
THR HA   H  N N 299 
THR HB   H  N N 300 
THR HG1  H  N N 301 
THR HG21 H  N N 302 
THR HG22 H  N N 303 
THR HG23 H  N N 304 
THR HXT  H  N N 305 
TRP N    N  N N 306 
TRP CA   C  N S 307 
TRP C    C  N N 308 
TRP O    O  N N 309 
TRP CB   C  N N 310 
TRP CG   C  Y N 311 
TRP CD1  C  Y N 312 
TRP CD2  C  Y N 313 
TRP NE1  N  Y N 314 
TRP CE2  C  Y N 315 
TRP CE3  C  Y N 316 
TRP CZ2  C  Y N 317 
TRP CZ3  C  Y N 318 
TRP CH2  C  Y N 319 
TRP OXT  O  N N 320 
TRP H    H  N N 321 
TRP H2   H  N N 322 
TRP HA   H  N N 323 
TRP HB2  H  N N 324 
TRP HB3  H  N N 325 
TRP HD1  H  N N 326 
TRP HE1  H  N N 327 
TRP HE3  H  N N 328 
TRP HZ2  H  N N 329 
TRP HZ3  H  N N 330 
TRP HH2  H  N N 331 
TRP HXT  H  N N 332 
TYR N    N  N N 333 
TYR CA   C  N S 334 
TYR C    C  N N 335 
TYR O    O  N N 336 
TYR CB   C  N N 337 
TYR CG   C  Y N 338 
TYR CD1  C  Y N 339 
TYR CD2  C  Y N 340 
TYR CE1  C  Y N 341 
TYR CE2  C  Y N 342 
TYR CZ   C  Y N 343 
TYR OH   O  N N 344 
TYR OXT  O  N N 345 
TYR H    H  N N 346 
TYR H2   H  N N 347 
TYR HA   H  N N 348 
TYR HB2  H  N N 349 
TYR HB3  H  N N 350 
TYR HD1  H  N N 351 
TYR HD2  H  N N 352 
TYR HE1  H  N N 353 
TYR HE2  H  N N 354 
TYR HH   H  N N 355 
TYR HXT  H  N N 356 
VAL N    N  N N 357 
VAL CA   C  N S 358 
VAL C    C  N N 359 
VAL O    O  N N 360 
VAL CB   C  N N 361 
VAL CG1  C  N N 362 
VAL CG2  C  N N 363 
VAL OXT  O  N N 364 
VAL H    H  N N 365 
VAL H2   H  N N 366 
VAL HA   H  N N 367 
VAL HB   H  N N 368 
VAL HG11 H  N N 369 
VAL HG12 H  N N 370 
VAL HG13 H  N N 371 
VAL HG21 H  N N 372 
VAL HG22 H  N N 373 
VAL HG23 H  N N 374 
VAL HXT  H  N N 375 
# 
loop_
_chem_comp_bond.comp_id 
_chem_comp_bond.atom_id_1 
_chem_comp_bond.atom_id_2 
_chem_comp_bond.value_order 
_chem_comp_bond.pdbx_aromatic_flag 
_chem_comp_bond.pdbx_stereo_config 
_chem_comp_bond.pdbx_ordinal 
ALA N   CA   sing N N 1   
ALA N   H    sing N N 2   
ALA N   H2   sing N N 3   
ALA CA  C    sing N N 4   
ALA CA  CB   sing N N 5   
ALA CA  HA   sing N N 6   
ALA C   O    doub N N 7   
ALA C   OXT  sing N N 8   
ALA CB  HB1  sing N N 9   
ALA CB  HB2  sing N N 10  
ALA CB  HB3  sing N N 11  
ALA OXT HXT  sing N N 12  
ARG N   CA   sing N N 13  
ARG N   H    sing N N 14  
ARG N   H2   sing N N 15  
ARG CA  C    sing N N 16  
ARG CA  CB   sing N N 17  
ARG CA  HA   sing N N 18  
ARG C   O    doub N N 19  
ARG C   OXT  sing N N 20  
ARG CB  CG   sing N N 21  
ARG CB  HB2  sing N N 22  
ARG CB  HB3  sing N N 23  
ARG CG  CD   sing N N 24  
ARG CG  HG2  sing N N 25  
ARG CG  HG3  sing N N 26  
ARG CD  NE   sing N N 27  
ARG CD  HD2  sing N N 28  
ARG CD  HD3  sing N N 29  
ARG NE  CZ   sing N N 30  
ARG NE  HE   sing N N 31  
ARG CZ  NH1  sing N N 32  
ARG CZ  NH2  doub N N 33  
ARG NH1 HH11 sing N N 34  
ARG NH1 HH12 sing N N 35  
ARG NH2 HH21 sing N N 36  
ARG NH2 HH22 sing N N 37  
ARG OXT HXT  sing N N 38  
ASN N   CA   sing N N 39  
ASN N   H    sing N N 40  
ASN N   H2   sing N N 41  
ASN CA  C    sing N N 42  
ASN CA  CB   sing N N 43  
ASN CA  HA   sing N N 44  
ASN C   O    doub N N 45  
ASN C   OXT  sing N N 46  
ASN CB  CG   sing N N 47  
ASN CB  HB2  sing N N 48  
ASN CB  HB3  sing N N 49  
ASN CG  OD1  doub N N 50  
ASN CG  ND2  sing N N 51  
ASN ND2 HD21 sing N N 52  
ASN ND2 HD22 sing N N 53  
ASN OXT HXT  sing N N 54  
ASP N   CA   sing N N 55  
ASP N   H    sing N N 56  
ASP N   H2   sing N N 57  
ASP CA  C    sing N N 58  
ASP CA  CB   sing N N 59  
ASP CA  HA   sing N N 60  
ASP C   O    doub N N 61  
ASP C   OXT  sing N N 62  
ASP CB  CG   sing N N 63  
ASP CB  HB2  sing N N 64  
ASP CB  HB3  sing N N 65  
ASP CG  OD1  doub N N 66  
ASP CG  OD2  sing N N 67  
ASP OD2 HD2  sing N N 68  
ASP OXT HXT  sing N N 69  
GLN N   CA   sing N N 70  
GLN N   H    sing N N 71  
GLN N   H2   sing N N 72  
GLN CA  C    sing N N 73  
GLN CA  CB   sing N N 74  
GLN CA  HA   sing N N 75  
GLN C   O    doub N N 76  
GLN C   OXT  sing N N 77  
GLN CB  CG   sing N N 78  
GLN CB  HB2  sing N N 79  
GLN CB  HB3  sing N N 80  
GLN CG  CD   sing N N 81  
GLN CG  HG2  sing N N 82  
GLN CG  HG3  sing N N 83  
GLN CD  OE1  doub N N 84  
GLN CD  NE2  sing N N 85  
GLN NE2 HE21 sing N N 86  
GLN NE2 HE22 sing N N 87  
GLN OXT HXT  sing N N 88  
GLU N   CA   sing N N 89  
GLU N   H    sing N N 90  
GLU N   H2   sing N N 91  
GLU CA  C    sing N N 92  
GLU CA  CB   sing N N 93  
GLU CA  HA   sing N N 94  
GLU C   O    doub N N 95  
GLU C   OXT  sing N N 96  
GLU CB  CG   sing N N 97  
GLU CB  HB2  sing N N 98  
GLU CB  HB3  sing N N 99  
GLU CG  CD   sing N N 100 
GLU CG  HG2  sing N N 101 
GLU CG  HG3  sing N N 102 
GLU CD  OE1  doub N N 103 
GLU CD  OE2  sing N N 104 
GLU OE2 HE2  sing N N 105 
GLU OXT HXT  sing N N 106 
GLY N   CA   sing N N 107 
GLY N   H    sing N N 108 
GLY N   H2   sing N N 109 
GLY CA  C    sing N N 110 
GLY CA  HA2  sing N N 111 
GLY CA  HA3  sing N N 112 
GLY C   O    doub N N 113 
GLY C   OXT  sing N N 114 
GLY OXT HXT  sing N N 115 
HOH O   H1   sing N N 116 
HOH O   H2   sing N N 117 
ILE N   CA   sing N N 118 
ILE N   H    sing N N 119 
ILE N   H2   sing N N 120 
ILE CA  C    sing N N 121 
ILE CA  CB   sing N N 122 
ILE CA  HA   sing N N 123 
ILE C   O    doub N N 124 
ILE C   OXT  sing N N 125 
ILE CB  CG1  sing N N 126 
ILE CB  CG2  sing N N 127 
ILE CB  HB   sing N N 128 
ILE CG1 CD1  sing N N 129 
ILE CG1 HG12 sing N N 130 
ILE CG1 HG13 sing N N 131 
ILE CG2 HG21 sing N N 132 
ILE CG2 HG22 sing N N 133 
ILE CG2 HG23 sing N N 134 
ILE CD1 HD11 sing N N 135 
ILE CD1 HD12 sing N N 136 
ILE CD1 HD13 sing N N 137 
ILE OXT HXT  sing N N 138 
LEU N   CA   sing N N 139 
LEU N   H    sing N N 140 
LEU N   H2   sing N N 141 
LEU CA  C    sing N N 142 
LEU CA  CB   sing N N 143 
LEU CA  HA   sing N N 144 
LEU C   O    doub N N 145 
LEU C   OXT  sing N N 146 
LEU CB  CG   sing N N 147 
LEU CB  HB2  sing N N 148 
LEU CB  HB3  sing N N 149 
LEU CG  CD1  sing N N 150 
LEU CG  CD2  sing N N 151 
LEU CG  HG   sing N N 152 
LEU CD1 HD11 sing N N 153 
LEU CD1 HD12 sing N N 154 
LEU CD1 HD13 sing N N 155 
LEU CD2 HD21 sing N N 156 
LEU CD2 HD22 sing N N 157 
LEU CD2 HD23 sing N N 158 
LEU OXT HXT  sing N N 159 
LYS N   CA   sing N N 160 
LYS N   H    sing N N 161 
LYS N   H2   sing N N 162 
LYS CA  C    sing N N 163 
LYS CA  CB   sing N N 164 
LYS CA  HA   sing N N 165 
LYS C   O    doub N N 166 
LYS C   OXT  sing N N 167 
LYS CB  CG   sing N N 168 
LYS CB  HB2  sing N N 169 
LYS CB  HB3  sing N N 170 
LYS CG  CD   sing N N 171 
LYS CG  HG2  sing N N 172 
LYS CG  HG3  sing N N 173 
LYS CD  CE   sing N N 174 
LYS CD  HD2  sing N N 175 
LYS CD  HD3  sing N N 176 
LYS CE  NZ   sing N N 177 
LYS CE  HE2  sing N N 178 
LYS CE  HE3  sing N N 179 
LYS NZ  HZ1  sing N N 180 
LYS NZ  HZ2  sing N N 181 
LYS NZ  HZ3  sing N N 182 
LYS OXT HXT  sing N N 183 
MET N   CA   sing N N 184 
MET N   H    sing N N 185 
MET N   H2   sing N N 186 
MET CA  C    sing N N 187 
MET CA  CB   sing N N 188 
MET CA  HA   sing N N 189 
MET C   O    doub N N 190 
MET C   OXT  sing N N 191 
MET CB  CG   sing N N 192 
MET CB  HB2  sing N N 193 
MET CB  HB3  sing N N 194 
MET CG  SD   sing N N 195 
MET CG  HG2  sing N N 196 
MET CG  HG3  sing N N 197 
MET SD  CE   sing N N 198 
MET CE  HE1  sing N N 199 
MET CE  HE2  sing N N 200 
MET CE  HE3  sing N N 201 
MET OXT HXT  sing N N 202 
MSE N   CA   sing N N 203 
MSE N   H    sing N N 204 
MSE N   H2   sing N N 205 
MSE CA  C    sing N N 206 
MSE CA  CB   sing N N 207 
MSE CA  HA   sing N N 208 
MSE C   O    doub N N 209 
MSE C   OXT  sing N N 210 
MSE OXT HXT  sing N N 211 
MSE CB  CG   sing N N 212 
MSE CB  HB2  sing N N 213 
MSE CB  HB3  sing N N 214 
MSE CG  SE   sing N N 215 
MSE CG  HG2  sing N N 216 
MSE CG  HG3  sing N N 217 
MSE SE  CE   sing N N 218 
MSE CE  HE1  sing N N 219 
MSE CE  HE2  sing N N 220 
MSE CE  HE3  sing N N 221 
PHE N   CA   sing N N 222 
PHE N   H    sing N N 223 
PHE N   H2   sing N N 224 
PHE CA  C    sing N N 225 
PHE CA  CB   sing N N 226 
PHE CA  HA   sing N N 227 
PHE C   O    doub N N 228 
PHE C   OXT  sing N N 229 
PHE CB  CG   sing N N 230 
PHE CB  HB2  sing N N 231 
PHE CB  HB3  sing N N 232 
PHE CG  CD1  doub Y N 233 
PHE CG  CD2  sing Y N 234 
PHE CD1 CE1  sing Y N 235 
PHE CD1 HD1  sing N N 236 
PHE CD2 CE2  doub Y N 237 
PHE CD2 HD2  sing N N 238 
PHE CE1 CZ   doub Y N 239 
PHE CE1 HE1  sing N N 240 
PHE CE2 CZ   sing Y N 241 
PHE CE2 HE2  sing N N 242 
PHE CZ  HZ   sing N N 243 
PHE OXT HXT  sing N N 244 
PRO N   CA   sing N N 245 
PRO N   CD   sing N N 246 
PRO N   H    sing N N 247 
PRO CA  C    sing N N 248 
PRO CA  CB   sing N N 249 
PRO CA  HA   sing N N 250 
PRO C   O    doub N N 251 
PRO C   OXT  sing N N 252 
PRO CB  CG   sing N N 253 
PRO CB  HB2  sing N N 254 
PRO CB  HB3  sing N N 255 
PRO CG  CD   sing N N 256 
PRO CG  HG2  sing N N 257 
PRO CG  HG3  sing N N 258 
PRO CD  HD2  sing N N 259 
PRO CD  HD3  sing N N 260 
PRO OXT HXT  sing N N 261 
SER N   CA   sing N N 262 
SER N   H    sing N N 263 
SER N   H2   sing N N 264 
SER CA  C    sing N N 265 
SER CA  CB   sing N N 266 
SER CA  HA   sing N N 267 
SER C   O    doub N N 268 
SER C   OXT  sing N N 269 
SER CB  OG   sing N N 270 
SER CB  HB2  sing N N 271 
SER CB  HB3  sing N N 272 
SER OG  HG   sing N N 273 
SER OXT HXT  sing N N 274 
THR N   CA   sing N N 275 
THR N   H    sing N N 276 
THR N   H2   sing N N 277 
THR CA  C    sing N N 278 
THR CA  CB   sing N N 279 
THR CA  HA   sing N N 280 
THR C   O    doub N N 281 
THR C   OXT  sing N N 282 
THR CB  OG1  sing N N 283 
THR CB  CG2  sing N N 284 
THR CB  HB   sing N N 285 
THR OG1 HG1  sing N N 286 
THR CG2 HG21 sing N N 287 
THR CG2 HG22 sing N N 288 
THR CG2 HG23 sing N N 289 
THR OXT HXT  sing N N 290 
TRP N   CA   sing N N 291 
TRP N   H    sing N N 292 
TRP N   H2   sing N N 293 
TRP CA  C    sing N N 294 
TRP CA  CB   sing N N 295 
TRP CA  HA   sing N N 296 
TRP C   O    doub N N 297 
TRP C   OXT  sing N N 298 
TRP CB  CG   sing N N 299 
TRP CB  HB2  sing N N 300 
TRP CB  HB3  sing N N 301 
TRP CG  CD1  doub Y N 302 
TRP CG  CD2  sing Y N 303 
TRP CD1 NE1  sing Y N 304 
TRP CD1 HD1  sing N N 305 
TRP CD2 CE2  doub Y N 306 
TRP CD2 CE3  sing Y N 307 
TRP NE1 CE2  sing Y N 308 
TRP NE1 HE1  sing N N 309 
TRP CE2 CZ2  sing Y N 310 
TRP CE3 CZ3  doub Y N 311 
TRP CE3 HE3  sing N N 312 
TRP CZ2 CH2  doub Y N 313 
TRP CZ2 HZ2  sing N N 314 
TRP CZ3 CH2  sing Y N 315 
TRP CZ3 HZ3  sing N N 316 
TRP CH2 HH2  sing N N 317 
TRP OXT HXT  sing N N 318 
TYR N   CA   sing N N 319 
TYR N   H    sing N N 320 
TYR N   H2   sing N N 321 
TYR CA  C    sing N N 322 
TYR CA  CB   sing N N 323 
TYR CA  HA   sing N N 324 
TYR C   O    doub N N 325 
TYR C   OXT  sing N N 326 
TYR CB  CG   sing N N 327 
TYR CB  HB2  sing N N 328 
TYR CB  HB3  sing N N 329 
TYR CG  CD1  doub Y N 330 
TYR CG  CD2  sing Y N 331 
TYR CD1 CE1  sing Y N 332 
TYR CD1 HD1  sing N N 333 
TYR CD2 CE2  doub Y N 334 
TYR CD2 HD2  sing N N 335 
TYR CE1 CZ   doub Y N 336 
TYR CE1 HE1  sing N N 337 
TYR CE2 CZ   sing Y N 338 
TYR CE2 HE2  sing N N 339 
TYR CZ  OH   sing N N 340 
TYR OH  HH   sing N N 341 
TYR OXT HXT  sing N N 342 
VAL N   CA   sing N N 343 
VAL N   H    sing N N 344 
VAL N   H2   sing N N 345 
VAL CA  C    sing N N 346 
VAL CA  CB   sing N N 347 
VAL CA  HA   sing N N 348 
VAL C   O    doub N N 349 
VAL C   OXT  sing N N 350 
VAL CB  CG1  sing N N 351 
VAL CB  CG2  sing N N 352 
VAL CB  HB   sing N N 353 
VAL CG1 HG11 sing N N 354 
VAL CG1 HG12 sing N N 355 
VAL CG1 HG13 sing N N 356 
VAL CG2 HG21 sing N N 357 
VAL CG2 HG22 sing N N 358 
VAL CG2 HG23 sing N N 359 
VAL OXT HXT  sing N N 360 
# 
_atom_sites.entry_id                    2DBS 
_atom_sites.fract_transf_matrix[1][1]   0.01799961 
_atom_sites.fract_transf_matrix[1][2]   0.01363196 
_atom_sites.fract_transf_matrix[1][3]   -0.01666629 
_atom_sites.fract_transf_matrix[2][1]   -0.00063626 
_atom_sites.fract_transf_matrix[2][2]   -0.00418965 
_atom_sites.fract_transf_matrix[2][3]   -0.02774221 
_atom_sites.fract_transf_matrix[3][1]   -0.00750041 
_atom_sites.fract_transf_matrix[3][2]   0.00853751 
_atom_sites.fract_transf_matrix[3][3]   -0.00111732 
_atom_sites.fract_transf_vector[1]      0.846481 
_atom_sites.fract_transf_vector[2]      0.184045 
_atom_sites.fract_transf_vector[3]      0.093134 
# 
loop_
_atom_type.symbol 
C  
N  
O  
SE 
# 
loop_
_atom_site.group_PDB 
_atom_site.id 
_atom_site.type_symbol 
_atom_site.label_atom_id 
_atom_site.label_alt_id 
_atom_site.label_comp_id 
_atom_site.label_asym_id 
_atom_site.label_entity_id 
_atom_site.label_seq_id 
_atom_site.pdbx_PDB_ins_code 
_atom_site.Cartn_x 
_atom_site.Cartn_y 
_atom_site.Cartn_z 
_atom_site.occupancy 
_atom_site.B_iso_or_equiv 
_atom_site.pdbx_formal_charge 
_atom_site.auth_seq_id 
_atom_site.auth_comp_id 
_atom_site.auth_asym_id 
_atom_site.auth_atom_id 
_atom_site.pdbx_PDB_model_num 
ATOM   1    N  N   . ARG A 1 7  ? 9.097   -1.626  16.487  1.00 57.33 ? 7   ARG A N   1 
ATOM   2    C  CA  . ARG A 1 7  ? 9.022   -2.973  15.829  1.00 55.29 ? 7   ARG A CA  1 
ATOM   3    C  C   . ARG A 1 7  ? 9.527   -3.010  14.386  1.00 53.77 ? 7   ARG A C   1 
ATOM   4    O  O   . ARG A 1 7  ? 10.094  -4.015  13.953  1.00 53.20 ? 7   ARG A O   1 
ATOM   5    C  CB  . ARG A 1 7  ? 7.586   -3.510  15.844  1.00 55.79 ? 7   ARG A CB  1 
ATOM   6    C  CG  . ARG A 1 7  ? 7.427   -4.694  14.909  1.00 56.51 ? 7   ARG A CG  1 
ATOM   7    C  CD  . ARG A 1 7  ? 6.239   -5.557  15.243  1.00 57.05 ? 7   ARG A CD  1 
ATOM   8    N  NE  . ARG A 1 7  ? 6.517   -6.949  14.891  1.00 57.50 ? 7   ARG A NE  1 
ATOM   9    C  CZ  . ARG A 1 7  ? 5.662   -7.954  15.060  1.00 57.67 ? 7   ARG A CZ  1 
ATOM   10   N  NH1 . ARG A 1 7  ? 4.455   -7.724  15.578  1.00 58.23 ? 7   ARG A NH1 1 
ATOM   11   N  NH2 . ARG A 1 7  ? 6.018   -9.190  14.720  1.00 57.19 ? 7   ARG A NH2 1 
ATOM   12   N  N   . LEU A 1 8  ? 9.313   -1.926  13.646  1.00 51.19 ? 8   LEU A N   1 
ATOM   13   C  CA  . LEU A 1 8  ? 9.737   -1.871  12.259  1.00 49.49 ? 8   LEU A CA  1 
ATOM   14   C  C   . LEU A 1 8  ? 11.167  -2.375  12.080  1.00 49.95 ? 8   LEU A C   1 
ATOM   15   O  O   . LEU A 1 8  ? 11.489  -2.997  11.065  1.00 50.44 ? 8   LEU A O   1 
ATOM   16   C  CB  . LEU A 1 8  ? 9.617   -0.439  11.719  1.00 46.98 ? 8   LEU A CB  1 
ATOM   17   C  CG  . LEU A 1 8  ? 8.244   0.235   11.815  1.00 45.39 ? 8   LEU A CG  1 
ATOM   18   C  CD1 . LEU A 1 8  ? 8.284   1.514   11.006  1.00 44.33 ? 8   LEU A CD1 1 
ATOM   19   C  CD2 . LEU A 1 8  ? 7.136   -0.673  11.302  1.00 42.92 ? 8   LEU A CD2 1 
ATOM   20   N  N   . ALA A 1 9  ? 12.020  -2.103  13.065  1.00 49.02 ? 9   ALA A N   1 
ATOM   21   C  CA  . ALA A 1 9  ? 13.419  -2.519  13.014  1.00 47.74 ? 9   ALA A CA  1 
ATOM   22   C  C   . ALA A 1 9  ? 13.494  -4.027  12.859  1.00 47.60 ? 9   ALA A C   1 
ATOM   23   O  O   . ALA A 1 9  ? 14.202  -4.540  11.987  1.00 47.71 ? 9   ALA A O   1 
ATOM   24   C  CB  . ALA A 1 9  ? 14.128  -2.091  14.275  1.00 46.73 ? 9   ALA A CB  1 
ATOM   25   N  N   . GLU A 1 10 ? 12.757  -4.726  13.724  1.00 47.32 ? 10  GLU A N   1 
ATOM   26   C  CA  . GLU A 1 10 ? 12.680  -6.191  13.705  1.00 46.37 ? 10  GLU A CA  1 
ATOM   27   C  C   . GLU A 1 10 ? 12.048  -6.657  12.375  1.00 45.20 ? 10  GLU A C   1 
ATOM   28   O  O   . GLU A 1 10 ? 12.598  -7.514  11.675  1.00 44.97 ? 10  GLU A O   1 
ATOM   29   C  CB  . GLU A 1 10 ? 11.835  -6.681  14.893  1.00 45.70 ? 10  GLU A CB  1 
ATOM   30   C  CG  . GLU A 1 10 ? 11.685  -8.205  15.006  1.00 47.43 ? 10  GLU A CG  1 
ATOM   31   C  CD  . GLU A 1 10 ? 10.615  -8.623  16.030  1.00 48.31 ? 10  GLU A CD  1 
ATOM   32   O  OE1 . GLU A 1 10 ? 10.274  -9.829  16.105  1.00 46.00 ? 10  GLU A OE1 1 
ATOM   33   O  OE2 . GLU A 1 10 ? 10.117  -7.737  16.763  1.00 49.47 ? 10  GLU A OE2 1 
ATOM   34   N  N   . LEU A 1 11 ? 10.898  -6.081  12.028  1.00 43.74 ? 11  LEU A N   1 
ATOM   35   C  CA  . LEU A 1 11 ? 10.211  -6.439  10.796  1.00 42.55 ? 11  LEU A CA  1 
ATOM   36   C  C   . LEU A 1 11 ? 11.084  -6.181  9.588   1.00 42.46 ? 11  LEU A C   1 
ATOM   37   O  O   . LEU A 1 11 ? 10.951  -6.842  8.554   1.00 43.46 ? 11  LEU A O   1 
ATOM   38   C  CB  . LEU A 1 11 ? 8.915   -5.642  10.650  1.00 41.36 ? 11  LEU A CB  1 
ATOM   39   C  CG  . LEU A 1 11 ? 7.780   -6.020  11.592  1.00 39.85 ? 11  LEU A CG  1 
ATOM   40   C  CD1 . LEU A 1 11 ? 6.570   -5.168  11.290  1.00 40.05 ? 11  LEU A CD1 1 
ATOM   41   C  CD2 . LEU A 1 11 ? 7.457   -7.478  11.424  1.00 39.65 ? 11  LEU A CD2 1 
ATOM   42   N  N   . ASP A 1 12 ? 11.968  -5.205  9.721   1.00 42.20 ? 12  ASP A N   1 
ATOM   43   C  CA  . ASP A 1 12 ? 12.862  -4.837  8.639   1.00 42.77 ? 12  ASP A CA  1 
ATOM   44   C  C   . ASP A 1 12 ? 13.833  -5.977  8.440   1.00 41.82 ? 12  ASP A C   1 
ATOM   45   O  O   . ASP A 1 12 ? 14.240  -6.287  7.320   1.00 42.02 ? 12  ASP A O   1 
ATOM   46   C  CB  . ASP A 1 12 ? 13.622  -3.573  9.013   1.00 45.96 ? 12  ASP A CB  1 
ATOM   47   C  CG  . ASP A 1 12 ? 14.035  -2.785  7.813   1.00 48.68 ? 12  ASP A CG  1 
ATOM   48   O  OD1 . ASP A 1 12 ? 14.675  -3.372  6.908   1.00 50.77 ? 12  ASP A OD1 1 
ATOM   49   O  OD2 . ASP A 1 12 ? 13.711  -1.578  7.781   1.00 50.76 ? 12  ASP A OD2 1 
ATOM   50   N  N   . GLY A 1 13 ? 14.204  -6.592  9.556   1.00 40.75 ? 13  GLY A N   1 
ATOM   51   C  CA  . GLY A 1 13 ? 15.114  -7.713  9.516   1.00 40.03 ? 13  GLY A CA  1 
ATOM   52   C  C   . GLY A 1 13 ? 14.442  -8.886  8.834   1.00 39.76 ? 13  GLY A C   1 
ATOM   53   O  O   . GLY A 1 13 ? 15.037  -9.534  7.983   1.00 39.86 ? 13  GLY A O   1 
ATOM   54   N  N   . VAL A 1 14 ? 13.197  -9.161  9.214   1.00 39.98 ? 14  VAL A N   1 
ATOM   55   C  CA  . VAL A 1 14 ? 12.446  -10.257 8.619   1.00 39.44 ? 14  VAL A CA  1 
ATOM   56   C  C   . VAL A 1 14 ? 12.322  -10.077 7.113   1.00 39.91 ? 14  VAL A C   1 
ATOM   57   O  O   . VAL A 1 14 ? 12.352  -11.063 6.377   1.00 40.06 ? 14  VAL A O   1 
ATOM   58   C  CB  . VAL A 1 14 ? 11.034  -10.364 9.227   1.00 39.25 ? 14  VAL A CB  1 
ATOM   59   C  CG1 . VAL A 1 14 ? 10.219  -11.425 8.485   1.00 39.52 ? 14  VAL A CG1 1 
ATOM   60   C  CG2 . VAL A 1 14 ? 11.137  -10.718 10.704  1.00 38.10 ? 14  VAL A CG2 1 
ATOM   61   N  N   . LEU A 1 15 ? 12.190  -8.828  6.653   1.00 40.72 ? 15  LEU A N   1 
ATOM   62   C  CA  . LEU A 1 15 ? 12.069  -8.542  5.210   1.00 40.61 ? 15  LEU A CA  1 
ATOM   63   C  C   . LEU A 1 15 ? 13.385  -8.858  4.503   1.00 40.80 ? 15  LEU A C   1 
ATOM   64   O  O   . LEU A 1 15 ? 13.402  -9.412  3.404   1.00 40.94 ? 15  LEU A O   1 
ATOM   65   C  CB  . LEU A 1 15 ? 11.690  -7.076  4.957   1.00 39.64 ? 15  LEU A CB  1 
ATOM   66   C  CG  . LEU A 1 15 ? 11.607  -6.671  3.478   1.00 39.59 ? 15  LEU A CG  1 
ATOM   67   C  CD1 . LEU A 1 15 ? 10.549  -7.483  2.757   1.00 40.13 ? 15  LEU A CD1 1 
ATOM   68   C  CD2 . LEU A 1 15 ? 11.273  -5.208  3.369   1.00 41.18 ? 15  LEU A CD2 1 
HETATM 69   N  N   . MSE A 1 16 ? 14.485  -8.501  5.150   1.00 41.27 ? 16  MSE A N   1 
HETATM 70   C  CA  . MSE A 1 16 ? 15.814  -8.749  4.624   1.00 41.80 ? 16  MSE A CA  1 
HETATM 71   C  C   . MSE A 1 16 ? 16.094  -10.223 4.349   1.00 40.17 ? 16  MSE A C   1 
HETATM 72   O  O   . MSE A 1 16 ? 16.687  -10.561 3.324   1.00 40.52 ? 16  MSE A O   1 
HETATM 73   C  CB  . MSE A 1 16 ? 16.847  -8.199  5.597   1.00 44.57 ? 16  MSE A CB  1 
HETATM 74   C  CG  . MSE A 1 16 ? 17.450  -6.885  5.145   1.00 48.91 ? 16  MSE A CG  1 
HETATM 75   SE SE  . MSE A 1 16 ? 18.903  -7.173  3.854   1.00 53.38 ? 16  MSE A SE  1 
HETATM 76   C  CE  . MSE A 1 16 ? 17.868  -7.649  2.267   1.00 53.60 ? 16  MSE A CE  1 
ATOM   77   N  N   . GLN A 1 17 ? 15.683  -11.091 5.268   1.00 38.54 ? 17  GLN A N   1 
ATOM   78   C  CA  . GLN A 1 17 ? 15.887  -12.529 5.102   1.00 37.93 ? 17  GLN A CA  1 
ATOM   79   C  C   . GLN A 1 17 ? 15.230  -12.925 3.797   1.00 37.27 ? 17  GLN A C   1 
ATOM   80   O  O   . GLN A 1 17 ? 15.783  -13.679 2.995   1.00 36.91 ? 17  GLN A O   1 
ATOM   81   C  CB  . GLN A 1 17 ? 15.207  -13.345 6.212   1.00 38.18 ? 17  GLN A CB  1 
ATOM   82   C  CG  . GLN A 1 17 ? 15.672  -13.089 7.621   1.00 41.02 ? 17  GLN A CG  1 
ATOM   83   C  CD  . GLN A 1 17 ? 15.161  -14.143 8.586   1.00 43.58 ? 17  GLN A CD  1 
ATOM   84   O  OE1 . GLN A 1 17 ? 14.090  -13.992 9.189   1.00 41.43 ? 17  GLN A OE1 1 
ATOM   85   N  NE2 . GLN A 1 17 ? 15.927  -15.237 8.727   1.00 46.14 ? 17  GLN A NE2 1 
ATOM   86   N  N   . TYR A 1 18 ? 14.022  -12.407 3.620   1.00 36.23 ? 18  TYR A N   1 
ATOM   87   C  CA  . TYR A 1 18 ? 13.192  -12.664 2.460   1.00 35.75 ? 18  TYR A CA  1 
ATOM   88   C  C   . TYR A 1 18 ? 13.828  -12.184 1.169   1.00 36.77 ? 18  TYR A C   1 
ATOM   89   O  O   . TYR A 1 18 ? 13.971  -12.932 0.217   1.00 37.07 ? 18  TYR A O   1 
ATOM   90   C  CB  . TYR A 1 18 ? 11.832  -11.998 2.685   1.00 34.10 ? 18  TYR A CB  1 
ATOM   91   C  CG  . TYR A 1 18 ? 10.876  -12.848 3.495   1.00 31.13 ? 18  TYR A CG  1 
ATOM   92   C  CD1 . TYR A 1 18 ? 9.908   -13.619 2.859   1.00 30.65 ? 18  TYR A CD1 1 
ATOM   93   C  CD2 . TYR A 1 18 ? 10.980  -12.937 4.874   1.00 29.89 ? 18  TYR A CD2 1 
ATOM   94   C  CE1 . TYR A 1 18 ? 9.074   -14.461 3.565   1.00 29.06 ? 18  TYR A CE1 1 
ATOM   95   C  CE2 . TYR A 1 18 ? 10.150  -13.783 5.597   1.00 30.71 ? 18  TYR A CE2 1 
ATOM   96   C  CZ  . TYR A 1 18 ? 9.196   -14.550 4.929   1.00 30.33 ? 18  TYR A CZ  1 
ATOM   97   O  OH  . TYR A 1 18 ? 8.379   -15.446 5.600   1.00 29.51 ? 18  TYR A OH  1 
ATOM   98   N  N   . LEU A 1 19 ? 14.203  -10.918 1.140   1.00 39.04 ? 19  LEU A N   1 
ATOM   99   C  CA  . LEU A 1 19 ? 14.847  -10.345 -0.026  1.00 40.73 ? 19  LEU A CA  1 
ATOM   100  C  C   . LEU A 1 19 ? 16.109  -11.136 -0.385  1.00 42.63 ? 19  LEU A C   1 
ATOM   101  O  O   . LEU A 1 19 ? 16.382  -11.402 -1.556  1.00 42.72 ? 19  LEU A O   1 
ATOM   102  C  CB  . LEU A 1 19 ? 15.190  -8.881  0.261   1.00 40.57 ? 19  LEU A CB  1 
ATOM   103  C  CG  . LEU A 1 19 ? 14.053  -7.910  -0.064  1.00 39.12 ? 19  LEU A CG  1 
ATOM   104  C  CD1 . LEU A 1 19 ? 13.842  -7.928  -1.564  1.00 39.80 ? 19  LEU A CD1 1 
ATOM   105  C  CD2 . LEU A 1 19 ? 12.768  -8.304  0.632   1.00 38.36 ? 19  LEU A CD2 1 
ATOM   106  N  N   . LEU A 1 20 ? 16.870  -11.508 0.635   1.00 44.03 ? 20  LEU A N   1 
ATOM   107  C  CA  . LEU A 1 20 ? 18.093  -12.274 0.451   1.00 46.55 ? 20  LEU A CA  1 
ATOM   108  C  C   . LEU A 1 20 ? 17.795  -13.755 0.226   1.00 48.45 ? 20  LEU A C   1 
ATOM   109  O  O   . LEU A 1 20 ? 17.694  -14.233 -0.914  1.00 49.24 ? 20  LEU A O   1 
ATOM   110  C  CB  . LEU A 1 20 ? 18.971  -12.144 1.691   1.00 46.54 ? 20  LEU A CB  1 
ATOM   111  C  CG  . LEU A 1 20 ? 19.241  -10.715 2.142   1.00 47.24 ? 20  LEU A CG  1 
ATOM   112  C  CD1 . LEU A 1 20 ? 19.810  -10.706 3.561   1.00 46.33 ? 20  LEU A CD1 1 
ATOM   113  C  CD2 . LEU A 1 20 ? 20.182  -10.054 1.153   1.00 46.78 ? 20  LEU A CD2 1 
ATOM   114  N  N   . GLU A 1 21 ? 17.659  -14.462 1.347   1.00 49.79 ? 21  GLU A N   1 
ATOM   115  C  CA  . GLU A 1 21 ? 17.395  -15.902 1.409   1.00 50.31 ? 21  GLU A CA  1 
ATOM   116  C  C   . GLU A 1 21 ? 16.089  -16.354 0.708   1.00 51.84 ? 21  GLU A C   1 
ATOM   117  O  O   . GLU A 1 21 ? 15.481  -17.365 1.085   1.00 52.82 ? 21  GLU A O   1 
ATOM   118  C  CB  . GLU A 1 21 ? 17.394  -16.319 2.892   1.00 48.07 ? 21  GLU A CB  1 
ATOM   119  C  CG  . GLU A 1 21 ? 18.512  -15.639 3.723   1.00 44.23 ? 21  GLU A CG  1 
ATOM   120  C  CD  . GLU A 1 21 ? 18.425  -15.880 5.238   1.00 42.36 ? 21  GLU A CD  1 
ATOM   121  O  OE1 . GLU A 1 21 ? 17.524  -15.332 5.897   1.00 40.12 ? 21  GLU A OE1 1 
ATOM   122  O  OE2 . GLU A 1 21 ? 19.270  -16.616 5.780   1.00 41.77 ? 21  GLU A OE2 1 
ATOM   123  N  N   . ALA A 1 22 ? 15.672  -15.611 -0.315  1.00 52.43 ? 22  ALA A N   1 
ATOM   124  C  CA  . ALA A 1 22 ? 14.462  -15.935 -1.062  1.00 53.16 ? 22  ALA A CA  1 
ATOM   125  C  C   . ALA A 1 22 ? 14.448  -15.195 -2.396  1.00 53.77 ? 22  ALA A C   1 
ATOM   126  O  O   . ALA A 1 22 ? 13.403  -15.055 -3.041  1.00 53.28 ? 22  ALA A O   1 
ATOM   127  C  CB  . ALA A 1 22 ? 13.233  -15.579 -0.248  1.00 54.32 ? 22  ALA A CB  1 
ATOM   128  N  N   . ASP A 1 23 ? 15.623  -14.694 -2.770  1.00 54.76 ? 23  ASP A N   1 
ATOM   129  C  CA  . ASP A 1 23 ? 15.848  -14.004 -4.040  1.00 55.02 ? 23  ASP A CA  1 
ATOM   130  C  C   . ASP A 1 23 ? 14.810  -12.946 -4.453  1.00 54.57 ? 23  ASP A C   1 
ATOM   131  O  O   . ASP A 1 23 ? 14.183  -13.056 -5.509  1.00 54.88 ? 23  ASP A O   1 
ATOM   132  C  CB  . ASP A 1 23 ? 15.970  -15.073 -5.136  1.00 55.87 ? 23  ASP A CB  1 
ATOM   133  C  CG  . ASP A 1 23 ? 16.871  -14.650 -6.278  1.00 56.68 ? 23  ASP A CG  1 
ATOM   134  O  OD1 . ASP A 1 23 ? 18.014  -14.202 -6.006  1.00 54.31 ? 23  ASP A OD1 1 
ATOM   135  O  OD2 . ASP A 1 23 ? 16.428  -14.786 -7.447  1.00 57.08 ? 23  ASP A OD2 1 
ATOM   136  N  N   . LEU A 1 24 ? 14.626  -11.915 -3.639  1.00 53.72 ? 24  LEU A N   1 
ATOM   137  C  CA  . LEU A 1 24 ? 13.666  -10.886 -4.008  1.00 53.16 ? 24  LEU A CA  1 
ATOM   138  C  C   . LEU A 1 24 ? 14.364  -9.590  -4.375  1.00 53.21 ? 24  LEU A C   1 
ATOM   139  O  O   . LEU A 1 24 ? 13.789  -8.751  -5.070  1.00 52.15 ? 24  LEU A O   1 
ATOM   140  C  CB  . LEU A 1 24 ? 12.661  -10.642 -2.877  1.00 52.54 ? 24  LEU A CB  1 
ATOM   141  C  CG  . LEU A 1 24 ? 11.337  -11.381 -3.082  1.00 52.05 ? 24  LEU A CG  1 
ATOM   142  C  CD1 . LEU A 1 24 ? 11.593  -12.863 -3.047  1.00 52.18 ? 24  LEU A CD1 1 
ATOM   143  C  CD2 . LEU A 1 24 ? 10.342  -11.005 -2.017  1.00 51.49 ? 24  LEU A CD2 1 
ATOM   144  N  N   . LEU A 1 25 ? 15.608  -9.438  -3.912  1.00 53.53 ? 25  LEU A N   1 
ATOM   145  C  CA  . LEU A 1 25 ? 16.406  -8.233  -4.186  1.00 52.66 ? 25  LEU A CA  1 
ATOM   146  C  C   . LEU A 1 25 ? 16.305  -7.915  -5.652  1.00 52.36 ? 25  LEU A C   1 
ATOM   147  O  O   . LEU A 1 25 ? 16.285  -6.750  -6.056  1.00 53.09 ? 25  LEU A O   1 
ATOM   148  C  CB  . LEU A 1 25 ? 17.877  -8.434  -3.826  1.00 50.80 ? 25  LEU A CB  1 
ATOM   149  C  CG  . LEU A 1 25 ? 18.292  -7.934  -2.448  1.00 49.91 ? 25  LEU A CG  1 
ATOM   150  C  CD1 . LEU A 1 25 ? 19.768  -8.158  -2.279  1.00 49.62 ? 25  LEU A CD1 1 
ATOM   151  C  CD2 . LEU A 1 25 ? 17.959  -6.471  -2.301  1.00 47.60 ? 25  LEU A CD2 1 
ATOM   152  N  N   . ARG A 1 26 ? 16.243  -8.975  -6.442  1.00 52.08 ? 26  ARG A N   1 
ATOM   153  C  CA  . ARG A 1 26 ? 16.119  -8.864  -7.882  1.00 51.86 ? 26  ARG A CA  1 
ATOM   154  C  C   . ARG A 1 26 ? 15.150  -7.768  -8.301  1.00 50.01 ? 26  ARG A C   1 
ATOM   155  O  O   . ARG A 1 26 ? 15.509  -6.900  -9.074  1.00 48.19 ? 26  ARG A O   1 
ATOM   156  C  CB  . ARG A 1 26 ? 15.626  -10.192 -8.449  1.00 53.55 ? 26  ARG A CB  1 
ATOM   157  C  CG  . ARG A 1 26 ? 16.489  -11.380 -8.092  1.00 56.65 ? 26  ARG A CG  1 
ATOM   158  C  CD  . ARG A 1 26 ? 17.486  -11.670 -9.197  1.00 59.20 ? 26  ARG A CD  1 
ATOM   159  N  NE  . ARG A 1 26 ? 16.807  -11.706 -10.491 1.00 62.80 ? 26  ARG A NE  1 
ATOM   160  C  CZ  . ARG A 1 26 ? 17.351  -12.146 -11.622 1.00 64.45 ? 26  ARG A CZ  1 
ATOM   161  N  NH1 . ARG A 1 26 ? 18.604  -12.606 -11.632 1.00 65.53 ? 26  ARG A NH1 1 
ATOM   162  N  NH2 . ARG A 1 26 ? 16.638  -12.111 -12.747 1.00 64.76 ? 26  ARG A NH2 1 
ATOM   163  N  N   . GLU A 1 27 ? 13.926  -7.811  -7.778  1.00 50.95 ? 27  GLU A N   1 
ATOM   164  C  CA  . GLU A 1 27 ? 12.899  -6.834  -8.158  1.00 51.39 ? 27  GLU A CA  1 
ATOM   165  C  C   . GLU A 1 27 ? 12.864  -5.461  -7.491  1.00 51.15 ? 27  GLU A C   1 
ATOM   166  O  O   . GLU A 1 27 ? 12.045  -4.615  -7.879  1.00 51.87 ? 27  GLU A O   1 
ATOM   167  C  CB  . GLU A 1 27 ? 11.494  -7.457  -8.064  1.00 51.90 ? 27  GLU A CB  1 
ATOM   168  C  CG  . GLU A 1 27 ? 11.269  -8.440  -6.932  1.00 51.31 ? 27  GLU A CG  1 
ATOM   169  C  CD  . GLU A 1 27 ? 11.434  -9.887  -7.379  1.00 50.96 ? 27  GLU A CD  1 
ATOM   170  O  OE1 . GLU A 1 27 ? 10.916  -10.787 -6.685  1.00 50.70 ? 27  GLU A OE1 1 
ATOM   171  O  OE2 . GLU A 1 27 ? 12.085  -10.127 -8.418  1.00 49.54 ? 27  GLU A OE2 1 
ATOM   172  N  N   . LEU A 1 28 ? 13.730  -5.229  -6.503  1.00 48.80 ? 28  LEU A N   1 
ATOM   173  C  CA  . LEU A 1 28 ? 13.761  -3.927  -5.845  1.00 45.62 ? 28  LEU A CA  1 
ATOM   174  C  C   . LEU A 1 28 ? 14.741  -3.022  -6.570  1.00 44.65 ? 28  LEU A C   1 
ATOM   175  O  O   . LEU A 1 28 ? 15.734  -3.498  -7.116  1.00 43.78 ? 28  LEU A O   1 
ATOM   176  C  CB  . LEU A 1 28 ? 14.203  -4.051  -4.383  1.00 43.06 ? 28  LEU A CB  1 
ATOM   177  C  CG  . LEU A 1 28 ? 13.302  -4.745  -3.381  1.00 40.33 ? 28  LEU A CG  1 
ATOM   178  C  CD1 . LEU A 1 28 ? 13.673  -4.266  -2.005  1.00 37.36 ? 28  LEU A CD1 1 
ATOM   179  C  CD2 . LEU A 1 28 ? 11.850  -4.423  -3.672  1.00 39.68 ? 28  LEU A CD2 1 
ATOM   180  N  N   . PRO A 1 29 ? 14.456  -1.707  -6.619  1.00 44.93 ? 29  PRO A N   1 
ATOM   181  C  CA  . PRO A 1 29 ? 15.385  -0.799  -7.297  1.00 44.65 ? 29  PRO A CA  1 
ATOM   182  C  C   . PRO A 1 29 ? 16.688  -0.611  -6.510  1.00 43.88 ? 29  PRO A C   1 
ATOM   183  O  O   . PRO A 1 29 ? 16.759  -0.885  -5.310  1.00 43.24 ? 29  PRO A O   1 
ATOM   184  C  CB  . PRO A 1 29 ? 14.570  0.487   -7.428  1.00 44.60 ? 29  PRO A CB  1 
ATOM   185  C  CG  . PRO A 1 29 ? 13.219  -0.035  -7.663  1.00 45.04 ? 29  PRO A CG  1 
ATOM   186  C  CD  . PRO A 1 29 ? 13.116  -1.097  -6.574  1.00 45.52 ? 29  PRO A CD  1 
ATOM   187  N  N   . PRO A 1 30 ? 17.740  -0.142  -7.187  1.00 42.98 ? 30  PRO A N   1 
ATOM   188  C  CA  . PRO A 1 30 ? 19.037  0.074   -6.547  1.00 42.14 ? 30  PRO A CA  1 
ATOM   189  C  C   . PRO A 1 30 ? 18.924  1.003   -5.345  1.00 40.90 ? 30  PRO A C   1 
ATOM   190  O  O   . PRO A 1 30 ? 19.471  0.723   -4.277  1.00 39.81 ? 30  PRO A O   1 
ATOM   191  C  CB  . PRO A 1 30 ? 19.863  0.675   -7.670  1.00 44.55 ? 30  PRO A CB  1 
ATOM   192  C  CG  . PRO A 1 30 ? 18.832  1.473   -8.431  1.00 44.45 ? 30  PRO A CG  1 
ATOM   193  C  CD  . PRO A 1 30 ? 17.709  0.479   -8.522  1.00 43.65 ? 30  PRO A CD  1 
ATOM   194  N  N   . THR A 1 31 ? 18.201  2.106   -5.544  1.00 39.32 ? 31  THR A N   1 
ATOM   195  C  CA  . THR A 1 31 ? 17.971  3.125   -4.523  1.00 37.32 ? 31  THR A CA  1 
ATOM   196  C  C   . THR A 1 31 ? 16.466  3.247   -4.259  1.00 37.38 ? 31  THR A C   1 
ATOM   197  O  O   . THR A 1 31 ? 15.678  3.320   -5.195  1.00 38.32 ? 31  THR A O   1 
ATOM   198  C  CB  . THR A 1 31 ? 18.497  4.509   -4.989  1.00 36.28 ? 31  THR A CB  1 
ATOM   199  O  OG1 . THR A 1 31 ? 17.850  4.872   -6.211  1.00 35.34 ? 31  THR A OG1 1 
ATOM   200  C  CG2 . THR A 1 31 ? 19.996  4.478   -5.223  1.00 34.34 ? 31  THR A CG2 1 
ATOM   201  N  N   . TYR A 1 32 ? 16.066  3.263   -2.992  1.00 36.60 ? 32  TYR A N   1 
ATOM   202  C  CA  . TYR A 1 32 ? 14.655  3.398   -2.637  1.00 35.63 ? 32  TYR A CA  1 
ATOM   203  C  C   . TYR A 1 32 ? 14.497  3.618   -1.138  1.00 35.90 ? 32  TYR A C   1 
ATOM   204  O  O   . TYR A 1 32 ? 15.468  3.548   -0.372  1.00 35.90 ? 32  TYR A O   1 
ATOM   205  C  CB  . TYR A 1 32 ? 13.848  2.149   -3.074  1.00 36.16 ? 32  TYR A CB  1 
ATOM   206  C  CG  . TYR A 1 32 ? 14.412  0.834   -2.570  1.00 37.16 ? 32  TYR A CG  1 
ATOM   207  C  CD1 . TYR A 1 32 ? 15.541  0.261   -3.173  1.00 37.55 ? 32  TYR A CD1 1 
ATOM   208  C  CD2 . TYR A 1 32 ? 13.895  0.219   -1.428  1.00 36.64 ? 32  TYR A CD2 1 
ATOM   209  C  CE1 . TYR A 1 32 ? 16.151  -0.879  -2.642  1.00 36.62 ? 32  TYR A CE1 1 
ATOM   210  C  CE2 . TYR A 1 32 ? 14.500  -0.925  -0.887  1.00 37.47 ? 32  TYR A CE2 1 
ATOM   211  C  CZ  . TYR A 1 32 ? 15.633  -1.463  -1.499  1.00 37.06 ? 32  TYR A CZ  1 
ATOM   212  O  OH  . TYR A 1 32 ? 16.279  -2.550  -0.950  1.00 36.98 ? 32  TYR A OH  1 
ATOM   213  N  N   . ARG A 1 33 ? 13.262  3.914   -0.740  1.00 36.02 ? 33  ARG A N   1 
ATOM   214  C  CA  . ARG A 1 33 ? 12.889  4.122   0.655   1.00 34.32 ? 33  ARG A CA  1 
ATOM   215  C  C   . ARG A 1 33 ? 11.796  3.113   0.960   1.00 32.78 ? 33  ARG A C   1 
ATOM   216  O  O   . ARG A 1 33 ? 10.731  3.119   0.360   1.00 33.16 ? 33  ARG A O   1 
ATOM   217  C  CB  . ARG A 1 33 ? 12.393  5.554   0.882   1.00 34.74 ? 33  ARG A CB  1 
ATOM   218  C  CG  . ARG A 1 33 ? 13.517  6.523   1.270   1.00 36.69 ? 33  ARG A CG  1 
ATOM   219  C  CD  . ARG A 1 33 ? 13.103  7.980   1.135   1.00 38.69 ? 33  ARG A CD  1 
ATOM   220  N  NE  . ARG A 1 33 ? 14.177  8.903   1.502   1.00 39.37 ? 33  ARG A NE  1 
ATOM   221  C  CZ  . ARG A 1 33 ? 14.168  10.211  1.240   1.00 40.01 ? 33  ARG A CZ  1 
ATOM   222  N  NH1 . ARG A 1 33 ? 13.144  10.766  0.604   1.00 39.42 ? 33  ARG A NH1 1 
ATOM   223  N  NH2 . ARG A 1 33 ? 15.188  10.971  1.611   1.00 39.51 ? 33  ARG A NH2 1 
ATOM   224  N  N   . LEU A 1 34 ? 12.083  2.228   1.895   1.00 32.41 ? 34  LEU A N   1 
ATOM   225  C  CA  . LEU A 1 34 ? 11.149  1.194   2.265   1.00 30.82 ? 34  LEU A CA  1 
ATOM   226  C  C   . LEU A 1 34 ? 10.108  1.609   3.295   1.00 31.27 ? 34  LEU A C   1 
ATOM   227  O  O   . LEU A 1 34 ? 10.437  2.047   4.402   1.00 33.11 ? 34  LEU A O   1 
ATOM   228  C  CB  . LEU A 1 34 ? 11.906  -0.014  2.790   1.00 29.62 ? 34  LEU A CB  1 
ATOM   229  C  CG  . LEU A 1 34 ? 10.964  -1.167  3.047   1.00 27.59 ? 34  LEU A CG  1 
ATOM   230  C  CD1 . LEU A 1 34 ? 11.120  -2.167  1.925   1.00 26.91 ? 34  LEU A CD1 1 
ATOM   231  C  CD2 . LEU A 1 34 ? 11.248  -1.766  4.395   1.00 27.68 ? 34  LEU A CD2 1 
ATOM   232  N  N   . VAL A 1 35 ? 8.843   1.461   2.920   1.00 30.16 ? 35  VAL A N   1 
ATOM   233  C  CA  . VAL A 1 35 ? 7.735   1.759   3.814   1.00 27.73 ? 35  VAL A CA  1 
ATOM   234  C  C   . VAL A 1 35 ? 7.258   0.384   4.246   1.00 27.91 ? 35  VAL A C   1 
ATOM   235  O  O   . VAL A 1 35 ? 6.754   -0.380  3.429   1.00 28.15 ? 35  VAL A O   1 
ATOM   236  C  CB  . VAL A 1 35 ? 6.578   2.500   3.078   1.00 26.39 ? 35  VAL A CB  1 
ATOM   237  C  CG1 . VAL A 1 35 ? 5.438   2.731   4.029   1.00 23.81 ? 35  VAL A CG1 1 
ATOM   238  C  CG2 . VAL A 1 35 ? 7.065   3.817   2.498   1.00 21.91 ? 35  VAL A CG2 1 
ATOM   239  N  N   . LEU A 1 36 ? 7.440   0.065   5.517   1.00 28.73 ? 36  LEU A N   1 
ATOM   240  C  CA  . LEU A 1 36 ? 7.035   -1.230  6.053   1.00 30.59 ? 36  LEU A CA  1 
ATOM   241  C  C   . LEU A 1 36 ? 5.643   -1.095  6.686   1.00 30.91 ? 36  LEU A C   1 
ATOM   242  O  O   . LEU A 1 36 ? 5.489   -0.431  7.703   1.00 31.44 ? 36  LEU A O   1 
ATOM   243  C  CB  . LEU A 1 36 ? 8.072   -1.651  7.091   1.00 31.98 ? 36  LEU A CB  1 
ATOM   244  C  CG  . LEU A 1 36 ? 8.263   -3.100  7.519   1.00 31.94 ? 36  LEU A CG  1 
ATOM   245  C  CD1 . LEU A 1 36 ? 6.915   -3.708  7.836   1.00 30.25 ? 36  LEU A CD1 1 
ATOM   246  C  CD2 . LEU A 1 36 ? 9.001   -3.858  6.421   1.00 33.49 ? 36  LEU A CD2 1 
ATOM   247  N  N   . LEU A 1 37 ? 4.631   -1.724  6.098   1.00 31.48 ? 37  LEU A N   1 
ATOM   248  C  CA  . LEU A 1 37 ? 3.272   -1.602  6.625   1.00 32.73 ? 37  LEU A CA  1 
ATOM   249  C  C   . LEU A 1 37 ? 2.605   -2.869  7.205   1.00 34.87 ? 37  LEU A C   1 
ATOM   250  O  O   . LEU A 1 37 ? 2.070   -3.711  6.468   1.00 32.84 ? 37  LEU A O   1 
ATOM   251  C  CB  . LEU A 1 37 ? 2.356   -1.004  5.544   1.00 30.82 ? 37  LEU A CB  1 
ATOM   252  C  CG  . LEU A 1 37 ? 2.593   0.430   5.081   1.00 28.41 ? 37  LEU A CG  1 
ATOM   253  C  CD1 . LEU A 1 37 ? 1.619   0.792   3.974   1.00 26.56 ? 37  LEU A CD1 1 
ATOM   254  C  CD2 . LEU A 1 37 ? 2.429   1.357   6.268   1.00 28.21 ? 37  LEU A CD2 1 
ATOM   255  N  N   . PRO A 1 38 ? 2.619   -3.010  8.543   1.00 37.27 ? 38  PRO A N   1 
ATOM   256  C  CA  . PRO A 1 38 ? 2.003   -4.174  9.184   1.00 38.87 ? 38  PRO A CA  1 
ATOM   257  C  C   . PRO A 1 38 ? 0.479   -3.979  9.163   1.00 41.06 ? 38  PRO A C   1 
ATOM   258  O  O   . PRO A 1 38 ? -0.074  -3.324  10.061  1.00 42.34 ? 38  PRO A O   1 
ATOM   259  C  CB  . PRO A 1 38 ? 2.544   -4.115  10.611  1.00 39.55 ? 38  PRO A CB  1 
ATOM   260  C  CG  . PRO A 1 38 ? 3.702   -3.147  10.558  1.00 38.44 ? 38  PRO A CG  1 
ATOM   261  C  CD  . PRO A 1 38 ? 3.263   -2.151  9.551   1.00 38.43 ? 38  PRO A CD  1 
ATOM   262  N  N   . LEU A 1 39 ? -0.197  -4.524  8.145   1.00 41.12 ? 39  LEU A N   1 
ATOM   263  C  CA  . LEU A 1 39 ? -1.658  -4.399  8.025   1.00 40.40 ? 39  LEU A CA  1 
ATOM   264  C  C   . LEU A 1 39 ? -2.455  -4.904  9.237   1.00 40.66 ? 39  LEU A C   1 
ATOM   265  O  O   . LEU A 1 39 ? -3.616  -4.547  9.407   1.00 41.35 ? 39  LEU A O   1 
ATOM   266  C  CB  . LEU A 1 39 ? -2.154  -5.116  6.764   1.00 38.09 ? 39  LEU A CB  1 
ATOM   267  C  CG  . LEU A 1 39 ? -2.290  -4.360  5.437   1.00 38.62 ? 39  LEU A CG  1 
ATOM   268  C  CD1 . LEU A 1 39 ? -1.845  -2.890  5.572   1.00 38.17 ? 39  LEU A CD1 1 
ATOM   269  C  CD2 . LEU A 1 39 ? -1.484  -5.086  4.378   1.00 37.34 ? 39  LEU A CD2 1 
ATOM   270  N  N   . ASP A 1 40 ? -1.828  -5.715  10.082  1.00 41.44 ? 40  ASP A N   1 
ATOM   271  C  CA  . ASP A 1 40 ? -2.482  -6.266  11.259  1.00 41.67 ? 40  ASP A CA  1 
ATOM   272  C  C   . ASP A 1 40 ? -2.012  -5.635  12.584  1.00 43.13 ? 40  ASP A C   1 
ATOM   273  O  O   . ASP A 1 40 ? -2.478  -6.026  13.655  1.00 44.61 ? 40  ASP A O   1 
ATOM   274  C  CB  . ASP A 1 40 ? -2.259  -7.781  11.287  1.00 41.22 ? 40  ASP A CB  1 
ATOM   275  C  CG  . ASP A 1 40 ? -0.788  -8.158  11.188  1.00 41.49 ? 40  ASP A CG  1 
ATOM   276  O  OD1 . ASP A 1 40 ? -0.161  -7.878  10.145  1.00 41.01 ? 40  ASP A OD1 1 
ATOM   277  O  OD2 . ASP A 1 40 ? -0.253  -8.736  12.157  1.00 41.64 ? 40  ASP A OD2 1 
ATOM   278  N  N   . GLU A 1 41 ? -1.096  -4.669  12.515  1.00 43.58 ? 41  GLU A N   1 
ATOM   279  C  CA  . GLU A 1 41 ? -0.575  -3.991  13.709  1.00 43.38 ? 41  GLU A CA  1 
ATOM   280  C  C   . GLU A 1 41 ? -0.779  -2.475  13.520  1.00 45.36 ? 41  GLU A C   1 
ATOM   281  O  O   . GLU A 1 41 ? 0.155   -1.754  13.150  1.00 46.32 ? 41  GLU A O   1 
ATOM   282  C  CB  . GLU A 1 41 ? 0.922   -4.315  13.892  1.00 41.53 ? 41  GLU A CB  1 
ATOM   283  C  CG  . GLU A 1 41 ? 1.403   -5.516  13.063  1.00 40.26 ? 41  GLU A CG  1 
ATOM   284  C  CD  . GLU A 1 41 ? 2.787   -6.053  13.447  1.00 38.26 ? 41  GLU A CD  1 
ATOM   285  O  OE1 . GLU A 1 41 ? 3.705   -5.253  13.730  1.00 36.78 ? 41  GLU A OE1 1 
ATOM   286  O  OE2 . GLU A 1 41 ? 2.951   -7.293  13.440  1.00 36.74 ? 41  GLU A OE2 1 
ATOM   287  N  N   . PRO A 1 42 ? -2.011  -1.975  13.781  1.00 46.34 ? 42  PRO A N   1 
ATOM   288  C  CA  . PRO A 1 42 ? -2.378  -0.561  13.644  1.00 46.36 ? 42  PRO A CA  1 
ATOM   289  C  C   . PRO A 1 42 ? -1.422  0.417   14.281  1.00 48.28 ? 42  PRO A C   1 
ATOM   290  O  O   . PRO A 1 42 ? -1.013  1.392   13.644  1.00 49.10 ? 42  PRO A O   1 
ATOM   291  C  CB  . PRO A 1 42 ? -3.766  -0.493  14.276  1.00 45.07 ? 42  PRO A CB  1 
ATOM   292  C  CG  . PRO A 1 42 ? -3.752  -1.615  15.265  1.00 45.50 ? 42  PRO A CG  1 
ATOM   293  C  CD  . PRO A 1 42 ? -3.089  -2.709  14.470  1.00 46.33 ? 42  PRO A CD  1 
ATOM   294  N  N   . GLU A 1 43 ? -1.074  0.167   15.541  1.00 49.92 ? 43  GLU A N   1 
ATOM   295  C  CA  . GLU A 1 43 ? -0.159  1.050   16.272  1.00 51.07 ? 43  GLU A CA  1 
ATOM   296  C  C   . GLU A 1 43 ? 1.148   1.266   15.511  1.00 49.60 ? 43  GLU A C   1 
ATOM   297  O  O   . GLU A 1 43 ? 1.655   2.387   15.446  1.00 49.33 ? 43  GLU A O   1 
ATOM   298  C  CB  . GLU A 1 43 ? 0.146   0.470   17.663  1.00 52.99 ? 43  GLU A CB  1 
ATOM   299  C  CG  . GLU A 1 43 ? 1.061   1.345   18.536  1.00 55.81 ? 43  GLU A CG  1 
ATOM   300  C  CD  . GLU A 1 43 ? 0.325   2.491   19.231  1.00 58.47 ? 43  GLU A CD  1 
ATOM   301  O  OE1 . GLU A 1 43 ? 1.015   3.391   19.771  1.00 58.81 ? 43  GLU A OE1 1 
ATOM   302  O  OE2 . GLU A 1 43 ? -0.934  2.488   19.249  1.00 59.39 ? 43  GLU A OE2 1 
ATOM   303  N  N   . VAL A 1 44 ? 1.671   0.188   14.926  1.00 48.32 ? 44  VAL A N   1 
ATOM   304  C  CA  . VAL A 1 44 ? 2.923   0.225   14.174  1.00 46.22 ? 44  VAL A CA  1 
ATOM   305  C  C   . VAL A 1 44 ? 2.798   0.696   12.703  1.00 45.06 ? 44  VAL A C   1 
ATOM   306  O  O   . VAL A 1 44 ? 3.653   1.428   12.200  1.00 43.95 ? 44  VAL A O   1 
ATOM   307  C  CB  . VAL A 1 44 ? 3.591   -1.170  14.210  1.00 46.77 ? 44  VAL A CB  1 
ATOM   308  C  CG1 . VAL A 1 44 ? 4.965   -1.114  13.552  1.00 47.45 ? 44  VAL A CG1 1 
ATOM   309  C  CG2 . VAL A 1 44 ? 3.698   -1.656  15.650  1.00 45.61 ? 44  VAL A CG2 1 
ATOM   310  N  N   . ALA A 1 45 ? 1.739   0.272   12.020  1.00 44.08 ? 45  ALA A N   1 
ATOM   311  C  CA  . ALA A 1 45 ? 1.532   0.650   10.622  1.00 43.74 ? 45  ALA A CA  1 
ATOM   312  C  C   . ALA A 1 45 ? 1.312   2.156   10.480  1.00 44.51 ? 45  ALA A C   1 
ATOM   313  O  O   . ALA A 1 45 ? 1.799   2.787   9.544   1.00 45.63 ? 45  ALA A O   1 
ATOM   314  C  CB  . ALA A 1 45 ? 0.339   -0.114  10.047  1.00 40.92 ? 45  ALA A CB  1 
ATOM   315  N  N   . ALA A 1 46 ? 0.569   2.728   11.420  1.00 45.97 ? 46  ALA A N   1 
ATOM   316  C  CA  . ALA A 1 46 ? 0.273   4.158   11.413  1.00 45.19 ? 46  ALA A CA  1 
ATOM   317  C  C   . ALA A 1 46 ? 1.542   4.990   11.555  1.00 45.09 ? 46  ALA A C   1 
ATOM   318  O  O   . ALA A 1 46 ? 1.697   5.990   10.863  1.00 44.73 ? 46  ALA A O   1 
ATOM   319  C  CB  . ALA A 1 46 ? -0.715  4.492   12.529  1.00 45.90 ? 46  ALA A CB  1 
ATOM   320  N  N   . GLN A 1 47 ? 2.457   4.588   12.436  1.00 45.23 ? 47  GLN A N   1 
ATOM   321  C  CA  . GLN A 1 47 ? 3.700   5.346   12.587  1.00 44.96 ? 47  GLN A CA  1 
ATOM   322  C  C   . GLN A 1 47 ? 4.543   5.236   11.326  1.00 44.29 ? 47  GLN A C   1 
ATOM   323  O  O   . GLN A 1 47 ? 5.167   6.207   10.912  1.00 44.42 ? 47  GLN A O   1 
ATOM   324  C  CB  . GLN A 1 47 ? 4.517   4.860   13.789  1.00 45.26 ? 47  GLN A CB  1 
ATOM   325  C  CG  . GLN A 1 47 ? 3.973   5.290   15.153  1.00 46.32 ? 47  GLN A CG  1 
ATOM   326  C  CD  . GLN A 1 47 ? 4.106   6.791   15.425  1.00 47.06 ? 47  GLN A CD  1 
ATOM   327  O  OE1 . GLN A 1 47 ? 3.438   7.618   14.793  1.00 45.81 ? 47  GLN A OE1 1 
ATOM   328  N  NE2 . GLN A 1 47 ? 4.974   7.142   16.378  1.00 46.72 ? 47  GLN A NE2 1 
ATOM   329  N  N   . ALA A 1 48 ? 4.560   4.054   10.718  1.00 44.16 ? 48  ALA A N   1 
ATOM   330  C  CA  . ALA A 1 48 ? 5.327   3.843   9.495   1.00 44.55 ? 48  ALA A CA  1 
ATOM   331  C  C   . ALA A 1 48 ? 4.860   4.810   8.409   1.00 44.66 ? 48  ALA A C   1 
ATOM   332  O  O   . ALA A 1 48 ? 5.673   5.342   7.659   1.00 44.83 ? 48  ALA A O   1 
ATOM   333  C  CB  . ALA A 1 48 ? 5.159   2.413   9.018   1.00 44.38 ? 48  ALA A CB  1 
ATOM   334  N  N   . LEU A 1 49 ? 3.546   5.024   8.333   1.00 44.56 ? 49  LEU A N   1 
ATOM   335  C  CA  . LEU A 1 49 ? 2.951   5.933   7.346   1.00 44.66 ? 49  LEU A CA  1 
ATOM   336  C  C   . LEU A 1 49 ? 3.314   7.393   7.660   1.00 44.37 ? 49  LEU A C   1 
ATOM   337  O  O   . LEU A 1 49 ? 3.602   8.185   6.763   1.00 44.15 ? 49  LEU A O   1 
ATOM   338  C  CB  . LEU A 1 49 ? 1.418   5.756   7.319   1.00 43.65 ? 49  LEU A CB  1 
ATOM   339  C  CG  . LEU A 1 49 ? 0.571   6.698   6.445   1.00 45.23 ? 49  LEU A CG  1 
ATOM   340  C  CD1 . LEU A 1 49 ? 0.957   6.552   4.948   1.00 45.31 ? 49  LEU A CD1 1 
ATOM   341  C  CD2 . LEU A 1 49 ? -0.921  6.406   6.679   1.00 44.84 ? 49  LEU A CD2 1 
ATOM   342  N  N   . ALA A 1 50 ? 3.296   7.744   8.939   1.00 44.76 ? 50  ALA A N   1 
ATOM   343  C  CA  . ALA A 1 50 ? 3.635   9.091   9.353   1.00 44.47 ? 50  ALA A CA  1 
ATOM   344  C  C   . ALA A 1 50 ? 5.036   9.388   8.840   1.00 45.84 ? 50  ALA A C   1 
ATOM   345  O  O   . ALA A 1 50 ? 5.278   10.415  8.220   1.00 46.82 ? 50  ALA A O   1 
ATOM   346  C  CB  . ALA A 1 50 ? 3.592   9.182   10.851  1.00 44.31 ? 50  ALA A CB  1 
ATOM   347  N  N   . TRP A 1 51 ? 5.955   8.466   9.098   1.00 47.60 ? 51  TRP A N   1 
ATOM   348  C  CA  . TRP A 1 51 ? 7.345   8.584   8.669   1.00 48.36 ? 51  TRP A CA  1 
ATOM   349  C  C   . TRP A 1 51 ? 7.447   8.848   7.164   1.00 48.12 ? 51  TRP A C   1 
ATOM   350  O  O   . TRP A 1 51 ? 8.221   9.702   6.721   1.00 47.92 ? 51  TRP A O   1 
ATOM   351  C  CB  . TRP A 1 51 ? 8.072   7.281   8.987   1.00 51.26 ? 51  TRP A CB  1 
ATOM   352  C  CG  . TRP A 1 51 ? 9.128   7.325   10.064  1.00 54.74 ? 51  TRP A CG  1 
ATOM   353  C  CD1 . TRP A 1 51 ? 10.094  6.378   10.285  1.00 56.11 ? 51  TRP A CD1 1 
ATOM   354  C  CD2 . TRP A 1 51 ? 9.329   8.338   11.064  1.00 57.01 ? 51  TRP A CD2 1 
ATOM   355  N  NE1 . TRP A 1 51 ? 10.888  6.741   11.343  1.00 58.02 ? 51  TRP A NE1 1 
ATOM   356  C  CE2 . TRP A 1 51 ? 10.450  7.945   11.836  1.00 58.33 ? 51  TRP A CE2 1 
ATOM   357  C  CE3 . TRP A 1 51 ? 8.693   9.552   11.367  1.00 58.59 ? 51  TRP A CE3 1 
ATOM   358  C  CZ2 . TRP A 1 51 ? 10.930  8.712   12.919  1.00 59.22 ? 51  TRP A CZ2 1 
ATOM   359  C  CZ3 . TRP A 1 51 ? 9.174   10.317  12.447  1.00 59.06 ? 51  TRP A CZ3 1 
ATOM   360  C  CH2 . TRP A 1 51 ? 10.289  9.896   13.197  1.00 59.20 ? 51  TRP A CH2 1 
ATOM   361  N  N   . ALA A 1 52 ? 6.668   8.100   6.385   1.00 47.54 ? 52  ALA A N   1 
ATOM   362  C  CA  . ALA A 1 52 ? 6.682   8.225   4.928   1.00 47.63 ? 52  ALA A CA  1 
ATOM   363  C  C   . ALA A 1 52 ? 6.050   9.525   4.463   1.00 48.13 ? 52  ALA A C   1 
ATOM   364  O  O   . ALA A 1 52 ? 6.370   10.029  3.384   1.00 47.70 ? 52  ALA A O   1 
ATOM   365  C  CB  . ALA A 1 52 ? 5.970   7.030   4.286   1.00 46.36 ? 52  ALA A CB  1 
HETATM 366  N  N   . MSE A 1 53 ? 5.150   10.064  5.278   1.00 49.13 ? 53  MSE A N   1 
HETATM 367  C  CA  . MSE A 1 53 ? 4.488   11.315  4.948   1.00 50.77 ? 53  MSE A CA  1 
HETATM 368  C  C   . MSE A 1 53 ? 5.493   12.467  5.140   1.00 52.71 ? 53  MSE A C   1 
HETATM 369  O  O   . MSE A 1 53 ? 5.298   13.563  4.609   1.00 52.27 ? 53  MSE A O   1 
HETATM 370  C  CB  . MSE A 1 53 ? 3.256   11.517  5.847   1.00 50.92 ? 53  MSE A CB  1 
HETATM 371  C  CG  . MSE A 1 53 ? 2.180   10.427  5.753   1.00 50.13 ? 53  MSE A CG  1 
HETATM 372  SE SE  . MSE A 1 53 ? 1.074   10.473  4.169   1.00 50.93 ? 53  MSE A SE  1 
HETATM 373  C  CE  . MSE A 1 53 ? -0.068  11.962  4.603   1.00 48.12 ? 53  MSE A CE  1 
ATOM   374  N  N   . GLU A 1 54 ? 6.576   12.214  5.882   1.00 54.69 ? 54  GLU A N   1 
ATOM   375  C  CA  . GLU A 1 54 ? 7.592   13.248  6.113   1.00 56.57 ? 54  GLU A CA  1 
ATOM   376  C  C   . GLU A 1 54 ? 8.226   13.719  4.812   1.00 59.81 ? 54  GLU A C   1 
ATOM   377  O  O   . GLU A 1 54 ? 7.680   13.503  3.727   1.00 60.81 ? 54  GLU A O   1 
ATOM   378  C  CB  . GLU A 1 54 ? 8.675   12.762  7.086   1.00 53.47 ? 54  GLU A CB  1 
ATOM   379  C  CG  . GLU A 1 54 ? 8.186   12.721  8.529   1.00 50.99 ? 54  GLU A CG  1 
ATOM   380  C  CD  . GLU A 1 54 ? 9.260   12.361  9.552   1.00 50.54 ? 54  GLU A CD  1 
ATOM   381  O  OE1 . GLU A 1 54 ? 9.841   11.258  9.477   1.00 49.17 ? 54  GLU A OE1 1 
ATOM   382  O  OE2 . GLU A 1 54 ? 9.516   13.185  10.453  1.00 50.83 ? 54  GLU A OE2 1 
ATOM   383  N  N   . ALA A 1 55 ? 9.384   14.354  4.906   1.00 63.15 ? 55  ALA A N   1 
ATOM   384  C  CA  . ALA A 1 55 ? 10.019  14.877  3.710   1.00 66.24 ? 55  ALA A CA  1 
ATOM   385  C  C   . ALA A 1 55 ? 10.803  13.926  2.808   1.00 68.93 ? 55  ALA A C   1 
ATOM   386  O  O   . ALA A 1 55 ? 11.453  12.978  3.255   1.00 68.74 ? 55  ALA A O   1 
ATOM   387  C  CB  . ALA A 1 55 ? 10.907  16.083  4.070   1.00 66.28 ? 55  ALA A CB  1 
ATOM   388  N  N   . PRO A 1 56 ? 10.644  14.127  1.497   1.00 72.07 ? 56  PRO A N   1 
ATOM   389  C  CA  . PRO A 1 56 ? 11.207  13.497  0.307   1.00 74.36 ? 56  PRO A CA  1 
ATOM   390  C  C   . PRO A 1 56 ? 10.956  14.573  -0.759  1.00 76.58 ? 56  PRO A C   1 
ATOM   391  O  O   . PRO A 1 56 ? 10.162  15.494  -0.523  1.00 77.41 ? 56  PRO A O   1 
ATOM   392  C  CB  . PRO A 1 56 ? 10.284  12.325  0.114   1.00 73.89 ? 56  PRO A CB  1 
ATOM   393  C  CG  . PRO A 1 56 ? 8.985   13.016  0.209   1.00 73.11 ? 56  PRO A CG  1 
ATOM   394  C  CD  . PRO A 1 56 ? 9.170   14.080  1.336   1.00 72.81 ? 56  PRO A CD  1 
ATOM   395  N  N   . ASN A 1 57 ? 11.585  14.524  -1.924  1.00 78.87 ? 57  ASN A N   1 
ATOM   396  C  CA  . ASN A 1 57 ? 11.205  15.597  -2.833  1.00 80.50 ? 57  ASN A CA  1 
ATOM   397  C  C   . ASN A 1 57 ? 10.736  15.259  -4.234  1.00 79.63 ? 57  ASN A C   1 
ATOM   398  O  O   . ASN A 1 57 ? 11.528  15.105  -5.189  1.00 79.95 ? 57  ASN A O   1 
ATOM   399  C  CB  . ASN A 1 57 ? 12.236  16.724  -2.796  1.00 84.06 ? 57  ASN A CB  1 
ATOM   400  C  CG  . ASN A 1 57 ? 11.948  17.708  -1.642  1.00 87.03 ? 57  ASN A CG  1 
ATOM   401  O  OD1 . ASN A 1 57 ? 11.215  18.701  -1.814  1.00 88.30 ? 57  ASN A OD1 1 
ATOM   402  N  ND2 . ASN A 1 57 ? 12.481  17.397  -0.449  1.00 87.86 ? 57  ASN A ND2 1 
ATOM   403  N  N   . PRO A 1 58 ? 9.387   15.243  -4.367  1.00 77.95 ? 58  PRO A N   1 
ATOM   404  C  CA  . PRO A 1 58 ? 8.447   14.967  -5.447  1.00 75.69 ? 58  PRO A CA  1 
ATOM   405  C  C   . PRO A 1 58 ? 8.875   13.667  -6.128  1.00 73.44 ? 58  PRO A C   1 
ATOM   406  O  O   . PRO A 1 58 ? 8.085   12.982  -6.790  1.00 73.55 ? 58  PRO A O   1 
ATOM   407  C  CB  . PRO A 1 58 ? 8.556   16.250  -6.269  1.00 75.99 ? 58  PRO A CB  1 
ATOM   408  C  CG  . PRO A 1 58 ? 8.801   17.356  -5.094  1.00 76.43 ? 58  PRO A CG  1 
ATOM   409  C  CD  . PRO A 1 58 ? 8.999   16.544  -3.807  1.00 77.00 ? 58  PRO A CD  1 
ATOM   410  N  N   . GLU A 1 59 ? 10.129  13.323  -5.836  1.00 70.60 ? 59  GLU A N   1 
ATOM   411  C  CA  . GLU A 1 59 ? 10.858  12.161  -6.315  1.00 67.75 ? 59  GLU A CA  1 
ATOM   412  C  C   . GLU A 1 59 ? 12.051  11.890  -5.337  1.00 65.14 ? 59  GLU A C   1 
ATOM   413  O  O   . GLU A 1 59 ? 11.897  11.934  -4.108  1.00 63.82 ? 59  GLU A O   1 
ATOM   414  C  CB  . GLU A 1 59 ? 11.376  12.445  -7.743  1.00 68.76 ? 59  GLU A CB  1 
ATOM   415  C  CG  . GLU A 1 59 ? 10.288  12.783  -8.810  1.00 69.81 ? 59  GLU A CG  1 
ATOM   416  C  CD  . GLU A 1 59 ? 9.984   14.295  -9.001  1.00 71.33 ? 59  GLU A CD  1 
ATOM   417  O  OE1 . GLU A 1 59 ? 10.203  15.098  -8.066  1.00 72.07 ? 59  GLU A OE1 1 
ATOM   418  O  OE2 . GLU A 1 59 ? 9.498   14.680  -10.098 1.00 71.04 ? 59  GLU A OE2 1 
ATOM   419  N  N   . GLY A 1 60 ? 13.234  11.625  -5.893  1.00 62.79 ? 60  GLY A N   1 
ATOM   420  C  CA  . GLY A 1 60 ? 14.410  11.350  -5.082  1.00 60.63 ? 60  GLY A CA  1 
ATOM   421  C  C   . GLY A 1 60 ? 14.653  9.853   -4.990  1.00 58.97 ? 60  GLY A C   1 
ATOM   422  O  O   . GLY A 1 60 ? 15.285  9.247   -5.864  1.00 59.67 ? 60  GLY A O   1 
ATOM   423  N  N   . TRP A 1 61 ? 14.140  9.254   -3.919  1.00 55.98 ? 61  TRP A N   1 
ATOM   424  C  CA  . TRP A 1 61 ? 14.265  7.821   -3.692  1.00 52.58 ? 61  TRP A CA  1 
ATOM   425  C  C   . TRP A 1 61 ? 12.903  7.131   -3.683  1.00 50.30 ? 61  TRP A C   1 
ATOM   426  O  O   . TRP A 1 61 ? 12.146  7.256   -2.712  1.00 50.27 ? 61  TRP A O   1 
ATOM   427  C  CB  . TRP A 1 61 ? 14.985  7.573   -2.374  1.00 51.80 ? 61  TRP A CB  1 
ATOM   428  C  CG  . TRP A 1 61 ? 16.445  7.669   -2.527  1.00 51.75 ? 61  TRP A CG  1 
ATOM   429  C  CD1 . TRP A 1 61 ? 17.145  8.690   -3.099  1.00 51.73 ? 61  TRP A CD1 1 
ATOM   430  C  CD2 . TRP A 1 61 ? 17.402  6.676   -2.161  1.00 51.20 ? 61  TRP A CD2 1 
ATOM   431  N  NE1 . TRP A 1 61 ? 18.482  8.388   -3.119  1.00 52.08 ? 61  TRP A NE1 1 
ATOM   432  C  CE2 . TRP A 1 61 ? 18.668  7.156   -2.549  1.00 51.31 ? 61  TRP A CE2 1 
ATOM   433  C  CE3 . TRP A 1 61 ? 17.311  5.427   -1.543  1.00 50.42 ? 61  TRP A CE3 1 
ATOM   434  C  CZ2 . TRP A 1 61 ? 19.834  6.427   -2.345  1.00 49.93 ? 61  TRP A CZ2 1 
ATOM   435  C  CZ3 . TRP A 1 61 ? 18.462  4.708   -1.341  1.00 49.69 ? 61  TRP A CZ3 1 
ATOM   436  C  CH2 . TRP A 1 61 ? 19.711  5.209   -1.741  1.00 49.98 ? 61  TRP A CH2 1 
ATOM   437  N  N   . PRO A 1 62 ? 12.586  6.380   -4.761  1.00 47.14 ? 62  PRO A N   1 
ATOM   438  C  CA  . PRO A 1 62 ? 11.317  5.658   -4.906  1.00 44.65 ? 62  PRO A CA  1 
ATOM   439  C  C   . PRO A 1 62 ? 10.930  4.834   -3.692  1.00 42.98 ? 62  PRO A C   1 
ATOM   440  O  O   . PRO A 1 62 ? 11.785  4.253   -3.035  1.00 42.54 ? 62  PRO A O   1 
ATOM   441  C  CB  . PRO A 1 62 ? 11.546  4.790   -6.137  1.00 44.71 ? 62  PRO A CB  1 
ATOM   442  C  CG  . PRO A 1 62 ? 13.028  4.610   -6.167  1.00 46.28 ? 62  PRO A CG  1 
ATOM   443  C  CD  . PRO A 1 62 ? 13.527  5.982   -5.822  1.00 46.03 ? 62  PRO A CD  1 
ATOM   444  N  N   . SER A 1 63 ? 9.633   4.797   -3.398  1.00 41.63 ? 63  SER A N   1 
ATOM   445  C  CA  . SER A 1 63 ? 9.107   4.035   -2.267  1.00 38.91 ? 63  SER A CA  1 
ATOM   446  C  C   . SER A 1 63 ? 8.817   2.585   -2.624  1.00 37.71 ? 63  SER A C   1 
ATOM   447  O  O   . SER A 1 63 ? 8.411   2.259   -3.747  1.00 38.35 ? 63  SER A O   1 
ATOM   448  C  CB  . SER A 1 63 ? 7.796   4.639   -1.749  1.00 37.65 ? 63  SER A CB  1 
ATOM   449  O  OG  . SER A 1 63 ? 7.988   5.827   -1.019  1.00 36.54 ? 63  SER A OG  1 
ATOM   450  N  N   . VAL A 1 64 ? 9.051   1.713   -1.659  1.00 35.87 ? 64  VAL A N   1 
ATOM   451  C  CA  . VAL A 1 64 ? 8.730   0.307   -1.819  1.00 35.37 ? 64  VAL A CA  1 
ATOM   452  C  C   . VAL A 1 64 ? 7.927   0.010   -0.572  1.00 35.56 ? 64  VAL A C   1 
ATOM   453  O  O   . VAL A 1 64 ? 8.363   0.288   0.550   1.00 37.97 ? 64  VAL A O   1 
ATOM   454  C  CB  . VAL A 1 64 ? 9.978   -0.622  -1.874  1.00 35.64 ? 64  VAL A CB  1 
ATOM   455  C  CG1 . VAL A 1 64 ? 9.548   -2.081  -1.648  1.00 32.79 ? 64  VAL A CG1 1 
ATOM   456  C  CG2 . VAL A 1 64 ? 10.666  -0.502  -3.250  1.00 34.62 ? 64  VAL A CG2 1 
ATOM   457  N  N   . TYR A 1 65 ? 6.729   -0.515  -0.756  1.00 33.81 ? 65  TYR A N   1 
ATOM   458  C  CA  . TYR A 1 65 ? 5.907   -0.820  0.384   1.00 32.26 ? 65  TYR A CA  1 
ATOM   459  C  C   . TYR A 1 65 ? 5.931   -2.305  0.638   1.00 32.96 ? 65  TYR A C   1 
ATOM   460  O  O   . TYR A 1 65 ? 5.727   -3.097  -0.270  1.00 33.56 ? 65  TYR A O   1 
ATOM   461  C  CB  . TYR A 1 65 ? 4.483   -0.338  0.135   1.00 31.21 ? 65  TYR A CB  1 
ATOM   462  C  CG  . TYR A 1 65 ? 4.389   1.165   0.042   1.00 28.58 ? 65  TYR A CG  1 
ATOM   463  C  CD1 . TYR A 1 65 ? 4.612   1.821   -1.164  1.00 26.04 ? 65  TYR A CD1 1 
ATOM   464  C  CD2 . TYR A 1 65 ? 4.096   1.936   1.177   1.00 26.83 ? 65  TYR A CD2 1 
ATOM   465  C  CE1 . TYR A 1 65 ? 4.540   3.202   -1.237  1.00 26.33 ? 65  TYR A CE1 1 
ATOM   466  C  CE2 . TYR A 1 65 ? 4.026   3.304   1.105   1.00 25.86 ? 65  TYR A CE2 1 
ATOM   467  C  CZ  . TYR A 1 65 ? 4.242   3.931   -0.105  1.00 25.05 ? 65  TYR A CZ  1 
ATOM   468  O  OH  . TYR A 1 65 ? 4.098   5.278   -0.207  1.00 23.54 ? 65  TYR A OH  1 
ATOM   469  N  N   . ALA A 1 66 ? 6.192   -2.669  1.885   1.00 32.81 ? 66  ALA A N   1 
ATOM   470  C  CA  . ALA A 1 66 ? 6.242   -4.053  2.300   1.00 31.86 ? 66  ALA A CA  1 
ATOM   471  C  C   . ALA A 1 66 ? 5.010   -4.331  3.161   1.00 32.39 ? 66  ALA A C   1 
ATOM   472  O  O   . ALA A 1 66 ? 4.970   -3.990  4.337   1.00 33.00 ? 66  ALA A O   1 
ATOM   473  C  CB  . ALA A 1 66 ? 7.514   -4.292  3.097   1.00 31.03 ? 66  ALA A CB  1 
ATOM   474  N  N   . LEU A 1 67 ? 3.996   -4.943  2.572   1.00 31.67 ? 67  LEU A N   1 
ATOM   475  C  CA  . LEU A 1 67 ? 2.785   -5.244  3.316   1.00 31.09 ? 67  LEU A CA  1 
ATOM   476  C  C   . LEU A 1 67 ? 3.029   -6.461  4.168   1.00 31.25 ? 67  LEU A C   1 
ATOM   477  O  O   . LEU A 1 67 ? 3.333   -7.530  3.652   1.00 31.84 ? 67  LEU A O   1 
ATOM   478  C  CB  . LEU A 1 67 ? 1.632   -5.512  2.356   1.00 29.57 ? 67  LEU A CB  1 
ATOM   479  C  CG  . LEU A 1 67 ? 1.575   -4.619  1.120   1.00 27.80 ? 67  LEU A CG  1 
ATOM   480  C  CD1 . LEU A 1 67 ? 0.294   -4.952  0.387   1.00 26.64 ? 67  LEU A CD1 1 
ATOM   481  C  CD2 . LEU A 1 67 ? 1.640   -3.129  1.485   1.00 26.85 ? 67  LEU A CD2 1 
ATOM   482  N  N   . PHE A 1 68 ? 2.878   -6.295  5.473   1.00 31.35 ? 68  PHE A N   1 
ATOM   483  C  CA  . PHE A 1 68 ? 3.106   -7.376  6.400   1.00 31.39 ? 68  PHE A CA  1 
ATOM   484  C  C   . PHE A 1 68 ? 1.858   -7.919  7.050   1.00 31.94 ? 68  PHE A C   1 
ATOM   485  O  O   . PHE A 1 68 ? 0.870   -7.219  7.183   1.00 31.10 ? 68  PHE A O   1 
ATOM   486  C  CB  . PHE A 1 68 ? 4.073   -6.916  7.493   1.00 31.75 ? 68  PHE A CB  1 
ATOM   487  C  CG  . PHE A 1 68 ? 5.517   -7.054  7.122   1.00 31.48 ? 68  PHE A CG  1 
ATOM   488  C  CD1 . PHE A 1 68 ? 6.029   -6.407  6.007   1.00 30.97 ? 68  PHE A CD1 1 
ATOM   489  C  CD2 . PHE A 1 68 ? 6.368   -7.837  7.891   1.00 31.11 ? 68  PHE A CD2 1 
ATOM   490  C  CE1 . PHE A 1 68 ? 7.360   -6.536  5.680   1.00 29.80 ? 68  PHE A CE1 1 
ATOM   491  C  CE2 . PHE A 1 68 ? 7.705   -7.971  7.568   1.00 30.44 ? 68  PHE A CE2 1 
ATOM   492  C  CZ  . PHE A 1 68 ? 8.205   -7.323  6.465   1.00 30.08 ? 68  PHE A CZ  1 
ATOM   493  N  N   . LEU A 1 69 ? 1.929   -9.185  7.447   1.00 33.77 ? 69  LEU A N   1 
ATOM   494  C  CA  . LEU A 1 69 ? 0.857   -9.877  8.156   1.00 35.20 ? 69  LEU A CA  1 
ATOM   495  C  C   . LEU A 1 69 ? 1.526   -10.896 9.076   1.00 36.06 ? 69  LEU A C   1 
ATOM   496  O  O   . LEU A 1 69 ? 2.526   -11.531 8.708   1.00 34.79 ? 69  LEU A O   1 
ATOM   497  C  CB  . LEU A 1 69 ? -0.106  -10.558 7.183   1.00 34.99 ? 69  LEU A CB  1 
ATOM   498  C  CG  . LEU A 1 69 ? -1.089  -9.528  6.631   1.00 35.18 ? 69  LEU A CG  1 
ATOM   499  C  CD1 . LEU A 1 69 ? -1.742  -10.039 5.362   1.00 36.13 ? 69  LEU A CD1 1 
ATOM   500  C  CD2 . LEU A 1 69 ? -2.120  -9.192  7.706   1.00 33.88 ? 69  LEU A CD2 1 
ATOM   501  N  N   . GLN A 1 70 ? 0.984   -11.025 10.285  1.00 36.55 ? 70  GLN A N   1 
ATOM   502  C  CA  . GLN A 1 70 ? 1.531   -11.934 11.287  1.00 36.87 ? 70  GLN A CA  1 
ATOM   503  C  C   . GLN A 1 70 ? 3.050   -11.885 11.328  1.00 36.65 ? 70  GLN A C   1 
ATOM   504  O  O   . GLN A 1 70 ? 3.717   -12.921 11.376  1.00 37.22 ? 70  GLN A O   1 
ATOM   505  C  CB  . GLN A 1 70 ? 1.076   -13.384 11.051  1.00 37.86 ? 70  GLN A CB  1 
ATOM   506  C  CG  . GLN A 1 70 ? -0.283  -13.734 11.656  1.00 37.86 ? 70  GLN A CG  1 
ATOM   507  C  CD  . GLN A 1 70 ? -0.383  -13.359 13.135  1.00 38.25 ? 70  GLN A CD  1 
ATOM   508  O  OE1 . GLN A 1 70 ? 0.623   -13.354 13.858  1.00 35.45 ? 70  GLN A OE1 1 
ATOM   509  N  NE2 . GLN A 1 70 ? -1.605  -13.056 13.592  1.00 38.53 ? 70  GLN A NE2 1 
ATOM   510  N  N   . GLY A 1 71 ? 3.588   -10.673 11.282  1.00 35.73 ? 71  GLY A N   1 
ATOM   511  C  CA  . GLY A 1 71 ? 5.020   -10.492 11.371  1.00 33.99 ? 71  GLY A CA  1 
ATOM   512  C  C   . GLY A 1 71 ? 5.891   -10.867 10.195  1.00 33.63 ? 71  GLY A C   1 
ATOM   513  O  O   . GLY A 1 71 ? 7.109   -10.883 10.325  1.00 34.20 ? 71  GLY A O   1 
ATOM   514  N  N   . ARG A 1 72 ? 5.306   -11.190 9.050   1.00 33.11 ? 72  ARG A N   1 
ATOM   515  C  CA  . ARG A 1 72 ? 6.138   -11.513 7.899   1.00 31.99 ? 72  ARG A CA  1 
ATOM   516  C  C   . ARG A 1 72 ? 5.601   -10.772 6.675   1.00 30.92 ? 72  ARG A C   1 
ATOM   517  O  O   . ARG A 1 72 ? 4.425   -10.392 6.641   1.00 30.23 ? 72  ARG A O   1 
ATOM   518  C  CB  . ARG A 1 72 ? 6.175   -13.031 7.654   1.00 33.10 ? 72  ARG A CB  1 
ATOM   519  C  CG  . ARG A 1 72 ? 5.103   -13.589 6.709   1.00 35.42 ? 72  ARG A CG  1 
ATOM   520  C  CD  . ARG A 1 72 ? 3.706   -13.584 7.329   1.00 37.07 ? 72  ARG A CD  1 
ATOM   521  N  NE  . ARG A 1 72 ? 3.579   -14.458 8.499   1.00 37.58 ? 72  ARG A NE  1 
ATOM   522  C  CZ  . ARG A 1 72 ? 3.846   -15.762 8.502   1.00 37.61 ? 72  ARG A CZ  1 
ATOM   523  N  NH1 . ARG A 1 72 ? 4.269   -16.365 7.395   1.00 39.44 ? 72  ARG A NH1 1 
ATOM   524  N  NH2 . ARG A 1 72 ? 3.675   -16.465 9.615   1.00 37.05 ? 72  ARG A NH2 1 
ATOM   525  N  N   . PRO A 1 73 ? 6.467   -10.513 5.672   1.00 28.60 ? 73  PRO A N   1 
ATOM   526  C  CA  . PRO A 1 73 ? 6.000   -9.810  4.476   1.00 27.81 ? 73  PRO A CA  1 
ATOM   527  C  C   . PRO A 1 73 ? 5.109   -10.703 3.645   1.00 28.15 ? 73  PRO A C   1 
ATOM   528  O  O   . PRO A 1 73 ? 5.364   -11.891 3.499   1.00 28.57 ? 73  PRO A O   1 
ATOM   529  C  CB  . PRO A 1 73 ? 7.294   -9.413  3.764   1.00 26.94 ? 73  PRO A CB  1 
ATOM   530  C  CG  . PRO A 1 73 ? 8.270   -10.444 4.211   1.00 28.04 ? 73  PRO A CG  1 
ATOM   531  C  CD  . PRO A 1 73 ? 7.933   -10.681 5.654   1.00 26.88 ? 73  PRO A CD  1 
ATOM   532  N  N   . ILE A 1 74 ? 4.048   -10.115 3.112   1.00 30.22 ? 74  ILE A N   1 
ATOM   533  C  CA  . ILE A 1 74 ? 3.052   -10.824 2.307   1.00 31.38 ? 74  ILE A CA  1 
ATOM   534  C  C   . ILE A 1 74 ? 3.057   -10.326 0.847   1.00 33.11 ? 74  ILE A C   1 
ATOM   535  O  O   . ILE A 1 74 ? 2.734   -11.079 -0.095  1.00 32.99 ? 74  ILE A O   1 
ATOM   536  C  CB  . ILE A 1 74 ? 1.641   -10.665 2.977   1.00 29.81 ? 74  ILE A CB  1 
ATOM   537  C  CG1 . ILE A 1 74 ? 1.400   -11.828 3.931   1.00 29.60 ? 74  ILE A CG1 1 
ATOM   538  C  CG2 . ILE A 1 74 ? 0.542   -10.530 1.946   1.00 31.04 ? 74  ILE A CG2 1 
ATOM   539  C  CD1 . ILE A 1 74 ? 1.433   -13.195 3.271   1.00 29.93 ? 74  ILE A CD1 1 
ATOM   540  N  N   . ARG A 1 75 ? 3.448   -9.065  0.664   1.00 32.66 ? 75  ARG A N   1 
ATOM   541  C  CA  . ARG A 1 75 ? 3.518   -8.497  -0.671  1.00 33.11 ? 75  ARG A CA  1 
ATOM   542  C  C   . ARG A 1 75 ? 4.301   -7.198  -0.722  1.00 32.51 ? 75  ARG A C   1 
ATOM   543  O  O   . ARG A 1 75 ? 4.299   -6.436  0.234   1.00 32.81 ? 75  ARG A O   1 
ATOM   544  C  CB  . ARG A 1 75 ? 2.116   -8.255  -1.218  1.00 35.21 ? 75  ARG A CB  1 
ATOM   545  C  CG  . ARG A 1 75 ? 2.081   -7.275  -2.380  1.00 36.21 ? 75  ARG A CG  1 
ATOM   546  C  CD  . ARG A 1 75 ? 0.827   -7.460  -3.152  1.00 38.20 ? 75  ARG A CD  1 
ATOM   547  N  NE  . ARG A 1 75 ? 0.630   -8.885  -3.368  1.00 41.09 ? 75  ARG A NE  1 
ATOM   548  C  CZ  . ARG A 1 75 ? -0.363  -9.590  -2.836  1.00 41.50 ? 75  ARG A CZ  1 
ATOM   549  N  NH1 . ARG A 1 75 ? -1.263  -8.991  -2.058  1.00 40.42 ? 75  ARG A NH1 1 
ATOM   550  N  NH2 . ARG A 1 75 ? -0.432  -10.898 -3.058  1.00 39.27 ? 75  ARG A NH2 1 
ATOM   551  N  N   . LEU A 1 76 ? 4.952   -6.954  -1.856  1.00 31.93 ? 76  LEU A N   1 
ATOM   552  C  CA  . LEU A 1 76 ? 5.741   -5.741  -2.088  1.00 31.59 ? 76  LEU A CA  1 
ATOM   553  C  C   . LEU A 1 76 ? 5.094   -4.949  -3.221  1.00 31.73 ? 76  LEU A C   1 
ATOM   554  O  O   . LEU A 1 76 ? 4.758   -5.528  -4.243  1.00 32.13 ? 76  LEU A O   1 
ATOM   555  C  CB  . LEU A 1 76 ? 7.166   -6.106  -2.520  1.00 30.64 ? 76  LEU A CB  1 
ATOM   556  C  CG  . LEU A 1 76 ? 8.382   -5.797  -1.642  1.00 30.53 ? 76  LEU A CG  1 
ATOM   557  C  CD1 . LEU A 1 76 ? 8.137   -6.187  -0.190  1.00 28.77 ? 76  LEU A CD1 1 
ATOM   558  C  CD2 . LEU A 1 76 ? 9.566   -6.559  -2.205  1.00 30.36 ? 76  LEU A CD2 1 
ATOM   559  N  N   . LEU A 1 77 ? 4.907   -3.641  -3.036  1.00 30.76 ? 77  LEU A N   1 
ATOM   560  C  CA  . LEU A 1 77 ? 4.339   -2.789  -4.076  1.00 28.64 ? 77  LEU A CA  1 
ATOM   561  C  C   . LEU A 1 77 ? 5.475   -1.900  -4.570  1.00 29.22 ? 77  LEU A C   1 
ATOM   562  O  O   . LEU A 1 77 ? 6.059   -1.145  -3.801  1.00 27.27 ? 77  LEU A O   1 
ATOM   563  C  CB  . LEU A 1 77 ? 3.205   -1.909  -3.530  1.00 25.42 ? 77  LEU A CB  1 
ATOM   564  C  CG  . LEU A 1 77 ? 2.193   -2.496  -2.554  1.00 22.83 ? 77  LEU A CG  1 
ATOM   565  C  CD1 . LEU A 1 77 ? 1.003   -1.601  -2.521  1.00 21.01 ? 77  LEU A CD1 1 
ATOM   566  C  CD2 . LEU A 1 77 ? 1.761   -3.891  -2.968  1.00 25.52 ? 77  LEU A CD2 1 
ATOM   567  N  N   . LEU A 1 78 ? 5.810   -2.014  -5.848  1.00 32.26 ? 78  LEU A N   1 
ATOM   568  C  CA  . LEU A 1 78 ? 6.882   -1.201  -6.411  1.00 35.50 ? 78  LEU A CA  1 
ATOM   569  C  C   . LEU A 1 78 ? 6.227   0.028   -7.002  1.00 37.75 ? 78  LEU A C   1 
ATOM   570  O  O   . LEU A 1 78 ? 5.500   -0.039  -7.994  1.00 38.75 ? 78  LEU A O   1 
ATOM   571  C  CB  . LEU A 1 78 ? 7.654   -1.959  -7.488  1.00 36.29 ? 78  LEU A CB  1 
ATOM   572  C  CG  . LEU A 1 78 ? 9.167   -1.699  -7.439  1.00 36.98 ? 78  LEU A CG  1 
ATOM   573  C  CD1 . LEU A 1 78 ? 9.494   -0.221  -7.745  1.00 37.38 ? 78  LEU A CD1 1 
ATOM   574  C  CD2 . LEU A 1 78 ? 9.683   -2.089  -6.060  1.00 36.27 ? 78  LEU A CD2 1 
ATOM   575  N  N   . LEU A 1 79 ? 6.504   1.160   -6.382  1.00 39.03 ? 79  LEU A N   1 
ATOM   576  C  CA  . LEU A 1 79 ? 5.880   2.389   -6.785  1.00 40.62 ? 79  LEU A CA  1 
ATOM   577  C  C   . LEU A 1 79 ? 6.085   2.920   -8.186  1.00 41.85 ? 79  LEU A C   1 
ATOM   578  O  O   . LEU A 1 79 ? 7.170   2.836   -8.775  1.00 43.00 ? 79  LEU A O   1 
ATOM   579  C  CB  . LEU A 1 79 ? 6.228   3.482   -5.783  1.00 40.94 ? 79  LEU A CB  1 
ATOM   580  C  CG  . LEU A 1 79 ? 5.043   4.052   -5.016  1.00 39.93 ? 79  LEU A CG  1 
ATOM   581  C  CD1 . LEU A 1 79 ? 4.229   2.942   -4.375  1.00 40.31 ? 79  LEU A CD1 1 
ATOM   582  C  CD2 . LEU A 1 79 ? 5.584   4.998   -3.984  1.00 39.82 ? 79  LEU A CD2 1 
ATOM   583  N  N   . GLY A 1 80 ? 4.977   3.451   -8.696  1.00 41.91 ? 80  GLY A N   1 
ATOM   584  C  CA  . GLY A 1 80 ? 4.919   4.098   -9.983  1.00 40.33 ? 80  GLY A CA  1 
ATOM   585  C  C   . GLY A 1 80 ? 4.748   5.540   -9.528  1.00 39.99 ? 80  GLY A C   1 
ATOM   586  O  O   . GLY A 1 80 ? 5.608   6.391   -9.743  1.00 40.22 ? 80  GLY A O   1 
ATOM   587  N  N   . LYS A 1 81 ? 3.642   5.811   -8.853  1.00 39.56 ? 81  LYS A N   1 
ATOM   588  C  CA  . LYS A 1 81 ? 3.404   7.145   -8.347  1.00 39.39 ? 81  LYS A CA  1 
ATOM   589  C  C   . LYS A 1 81 ? 2.634   7.128   -7.051  1.00 38.51 ? 81  LYS A C   1 
ATOM   590  O  O   . LYS A 1 81 ? 2.004   6.146   -6.704  1.00 38.17 ? 81  LYS A O   1 
ATOM   591  C  CB  . LYS A 1 81 ? 2.661   7.985   -9.381  1.00 41.06 ? 81  LYS A CB  1 
ATOM   592  C  CG  . LYS A 1 81 ? 3.551   9.038   -10.042 1.00 43.08 ? 81  LYS A CG  1 
ATOM   593  C  CD  . LYS A 1 81 ? 3.672   10.337  -9.207  1.00 43.59 ? 81  LYS A CD  1 
ATOM   594  C  CE  . LYS A 1 81 ? 4.085   10.127  -7.730  1.00 41.03 ? 81  LYS A CE  1 
ATOM   595  N  NZ  . LYS A 1 81 ? 5.409   9.474   -7.515  1.00 37.79 ? 81  LYS A NZ  1 
ATOM   596  N  N   . GLU A 1 82 ? 2.722   8.232   -6.327  1.00 39.02 ? 82  GLU A N   1 
ATOM   597  C  CA  . GLU A 1 82 ? 2.037   8.405   -5.059  1.00 38.20 ? 82  GLU A CA  1 
ATOM   598  C  C   . GLU A 1 82 ? 1.155   9.631   -5.181  1.00 38.14 ? 82  GLU A C   1 
ATOM   599  O  O   . GLU A 1 82 ? 1.437   10.531  -5.960  1.00 37.87 ? 82  GLU A O   1 
ATOM   600  C  CB  . GLU A 1 82 ? 3.044   8.620   -3.951  1.00 38.67 ? 82  GLU A CB  1 
ATOM   601  C  CG  . GLU A 1 82 ? 3.925   7.453   -3.727  1.00 37.59 ? 82  GLU A CG  1 
ATOM   602  C  CD  . GLU A 1 82 ? 5.074   7.805   -2.846  1.00 37.61 ? 82  GLU A CD  1 
ATOM   603  O  OE1 . GLU A 1 82 ? 6.027   8.421   -3.354  1.00 39.79 ? 82  GLU A OE1 1 
ATOM   604  O  OE2 . GLU A 1 82 ? 5.024   7.482   -1.646  1.00 38.27 ? 82  GLU A OE2 1 
ATOM   605  N  N   . VAL A 1 83 ? 0.084   9.658   -4.408  1.00 38.24 ? 83  VAL A N   1 
ATOM   606  C  CA  . VAL A 1 83 ? -0.853  10.761  -4.450  1.00 38.47 ? 83  VAL A CA  1 
ATOM   607  C  C   . VAL A 1 83 ? -1.342  11.033  -3.051  1.00 39.58 ? 83  VAL A C   1 
ATOM   608  O  O   . VAL A 1 83 ? -1.896  10.155  -2.402  1.00 38.91 ? 83  VAL A O   1 
ATOM   609  C  CB  . VAL A 1 83 ? -2.055  10.418  -5.325  1.00 37.33 ? 83  VAL A CB  1 
ATOM   610  C  CG1 . VAL A 1 83 ? -3.022  11.579  -5.345  1.00 38.64 ? 83  VAL A CG1 1 
ATOM   611  C  CG2 . VAL A 1 83 ? -1.590  10.078  -6.728  1.00 37.49 ? 83  VAL A CG2 1 
ATOM   612  N  N   . GLU A 1 84 ? -1.135  12.260  -2.590  1.00 41.13 ? 84  GLU A N   1 
ATOM   613  C  CA  . GLU A 1 84 ? -1.551  12.640  -1.254  1.00 41.48 ? 84  GLU A CA  1 
ATOM   614  C  C   . GLU A 1 84 ? -3.000  13.118  -1.265  1.00 40.84 ? 84  GLU A C   1 
ATOM   615  O  O   . GLU A 1 84 ? -3.456  13.754  -2.210  1.00 40.04 ? 84  GLU A O   1 
ATOM   616  C  CB  . GLU A 1 84 ? -0.607  13.734  -0.729  1.00 44.17 ? 84  GLU A CB  1 
ATOM   617  C  CG  . GLU A 1 84 ? -0.879  14.217  0.686   1.00 47.74 ? 84  GLU A CG  1 
ATOM   618  C  CD  . GLU A 1 84 ? -0.616  13.150  1.742   1.00 50.97 ? 84  GLU A CD  1 
ATOM   619  O  OE1 . GLU A 1 84 ? -1.586  12.771  2.455   1.00 50.88 ? 84  GLU A OE1 1 
ATOM   620  O  OE2 . GLU A 1 84 ? 0.556   12.698  1.858   1.00 50.03 ? 84  GLU A OE2 1 
ATOM   621  N  N   . VAL A 1 85 ? -3.732  12.775  -0.214  1.00 41.35 ? 85  VAL A N   1 
ATOM   622  C  CA  . VAL A 1 85 ? -5.124  13.194  -0.067  1.00 42.03 ? 85  VAL A CA  1 
ATOM   623  C  C   . VAL A 1 85 ? -5.160  13.892  1.312   1.00 41.54 ? 85  VAL A C   1 
ATOM   624  O  O   . VAL A 1 85 ? -4.410  13.508  2.204   1.00 41.69 ? 85  VAL A O   1 
ATOM   625  C  CB  . VAL A 1 85 ? -6.074  11.968  -0.102  1.00 42.39 ? 85  VAL A CB  1 
ATOM   626  C  CG1 . VAL A 1 85 ? -7.348  12.326  -0.848  1.00 42.71 ? 85  VAL A CG1 1 
ATOM   627  C  CG2 . VAL A 1 85 ? -5.383  10.775  -0.770  1.00 42.94 ? 85  VAL A CG2 1 
ATOM   628  N  N   . ALA A 1 86 ? -5.988  14.922  1.490   1.00 40.85 ? 86  ALA A N   1 
ATOM   629  C  CA  . ALA A 1 86 ? -6.015  15.628  2.775   1.00 38.99 ? 86  ALA A CA  1 
ATOM   630  C  C   . ALA A 1 86 ? -7.061  16.743  2.935   1.00 37.87 ? 86  ALA A C   1 
ATOM   631  O  O   . ALA A 1 86 ? -6.695  17.940  2.818   1.00 37.83 ? 86  ALA A O   1 
ATOM   632  C  CB  . ALA A 1 86 ? -4.635  16.177  3.051   1.00 39.66 ? 86  ALA A CB  1 
ATOM   633  N  N   . PRO B 1 4  ? -18.359 -5.366  9.904   1.00 55.51 ? 4   PRO B N   1 
ATOM   634  C  CA  . PRO B 1 4  ? -17.606 -6.562  9.446   1.00 54.96 ? 4   PRO B CA  1 
ATOM   635  C  C   . PRO B 1 4  ? -17.030 -6.241  8.084   1.00 55.13 ? 4   PRO B C   1 
ATOM   636  O  O   . PRO B 1 4  ? -17.511 -5.335  7.412   1.00 55.09 ? 4   PRO B O   1 
ATOM   637  C  CB  . PRO B 1 4  ? -18.598 -7.708  9.338   1.00 54.99 ? 4   PRO B CB  1 
ATOM   638  C  CG  . PRO B 1 4  ? -19.696 -7.255  10.316  1.00 54.61 ? 4   PRO B CG  1 
ATOM   639  C  CD  . PRO B 1 4  ? -19.775 -5.717  10.115  1.00 53.88 ? 4   PRO B CD  1 
ATOM   640  N  N   . ALA B 1 5  ? -15.993 -6.963  7.678   1.00 54.83 ? 5   ALA B N   1 
ATOM   641  C  CA  . ALA B 1 5  ? -15.408 -6.720  6.371   1.00 54.06 ? 5   ALA B CA  1 
ATOM   642  C  C   . ALA B 1 5  ? -16.584 -6.827  5.403   1.00 54.08 ? 5   ALA B C   1 
ATOM   643  O  O   . ALA B 1 5  ? -17.166 -7.881  5.235   1.00 54.48 ? 5   ALA B O   1 
ATOM   644  C  CB  . ALA B 1 5  ? -14.351 -7.761  6.072   1.00 53.73 ? 5   ALA B CB  1 
ATOM   645  N  N   . GLU B 1 6  ? -16.930 -5.701  4.804   1.00 54.40 ? 6   GLU B N   1 
ATOM   646  C  CA  . GLU B 1 6  ? -18.051 -5.548  3.878   1.00 54.85 ? 6   GLU B CA  1 
ATOM   647  C  C   . GLU B 1 6  ? -18.040 -4.046  3.797   1.00 55.36 ? 6   GLU B C   1 
ATOM   648  O  O   . GLU B 1 6  ? -18.587 -3.425  2.892   1.00 55.63 ? 6   GLU B O   1 
ATOM   649  C  CB  . GLU B 1 6  ? -19.352 -5.943  4.553   1.00 55.39 ? 6   GLU B CB  1 
ATOM   650  C  CG  . GLU B 1 6  ? -19.675 -5.094  5.783   1.00 53.90 ? 6   GLU B CG  1 
ATOM   651  C  CD  . GLU B 1 6  ? -21.158 -4.810  5.939   1.00 52.62 ? 6   GLU B CD  1 
ATOM   652  O  OE1 . GLU B 1 6  ? -21.951 -5.782  6.016   1.00 51.91 ? 6   GLU B OE1 1 
ATOM   653  O  OE2 . GLU B 1 6  ? -21.529 -3.613  5.977   1.00 53.13 ? 6   GLU B OE2 1 
ATOM   654  N  N   . ARG B 1 7  ? -17.412 -3.511  4.837   1.00 56.31 ? 7   ARG B N   1 
ATOM   655  C  CA  . ARG B 1 7  ? -17.189 -2.100  5.115   1.00 55.52 ? 7   ARG B CA  1 
ATOM   656  C  C   . ARG B 1 7  ? -16.492 -1.376  3.965   1.00 54.17 ? 7   ARG B C   1 
ATOM   657  O  O   . ARG B 1 7  ? -16.736 -0.196  3.727   1.00 54.84 ? 7   ARG B O   1 
ATOM   658  C  CB  . ARG B 1 7  ? -16.348 -2.006  6.401   1.00 55.73 ? 7   ARG B CB  1 
ATOM   659  C  CG  . ARG B 1 7  ? -15.898 -0.632  6.770   1.00 56.28 ? 7   ARG B CG  1 
ATOM   660  C  CD  . ARG B 1 7  ? -15.049 -0.655  8.025   1.00 57.37 ? 7   ARG B CD  1 
ATOM   661  N  NE  . ARG B 1 7  ? -14.532 0.686   8.291   1.00 58.94 ? 7   ARG B NE  1 
ATOM   662  C  CZ  . ARG B 1 7  ? -15.238 1.676   8.836   1.00 58.99 ? 7   ARG B CZ  1 
ATOM   663  N  NH1 . ARG B 1 7  ? -16.499 1.474   9.191   1.00 60.22 ? 7   ARG B NH1 1 
ATOM   664  N  NH2 . ARG B 1 7  ? -14.696 2.884   8.993   1.00 58.67 ? 7   ARG B NH2 1 
ATOM   665  N  N   . LEU B 1 8  ? -15.619 -2.087  3.262   1.00 52.34 ? 8   LEU B N   1 
ATOM   666  C  CA  . LEU B 1 8  ? -14.900 -1.503  2.145   1.00 51.46 ? 8   LEU B CA  1 
ATOM   667  C  C   . LEU B 1 8  ? -15.867 -0.823  1.167   1.00 51.38 ? 8   LEU B C   1 
ATOM   668  O  O   . LEU B 1 8  ? -15.487 0.103   0.457   1.00 51.76 ? 8   LEU B O   1 
ATOM   669  C  CB  . LEU B 1 8  ? -14.077 -2.592  1.442   1.00 50.12 ? 8   LEU B CB  1 
ATOM   670  C  CG  . LEU B 1 8  ? -13.056 -3.338  2.326   1.00 49.23 ? 8   LEU B CG  1 
ATOM   671  C  CD1 . LEU B 1 8  ? -12.347 -4.410  1.505   1.00 48.66 ? 8   LEU B CD1 1 
ATOM   672  C  CD2 . LEU B 1 8  ? -12.032 -2.366  2.906   1.00 47.19 ? 8   LEU B CD2 1 
ATOM   673  N  N   . ALA B 1 9  ? -17.121 -1.276  1.142   1.00 51.05 ? 9   ALA B N   1 
ATOM   674  C  CA  . ALA B 1 9  ? -18.142 -0.698  0.262   1.00 49.75 ? 9   ALA B CA  1 
ATOM   675  C  C   . ALA B 1 9  ? -18.343 0.749   0.671   1.00 48.69 ? 9   ALA B C   1 
ATOM   676  O  O   . ALA B 1 9  ? -18.383 1.645   -0.161  1.00 48.10 ? 9   ALA B O   1 
ATOM   677  C  CB  . ALA B 1 9  ? -19.451 -1.464  0.400   1.00 49.45 ? 9   ALA B CB  1 
ATOM   678  N  N   . GLU B 1 10 ? -18.475 0.955   1.972   1.00 48.39 ? 10  GLU B N   1 
ATOM   679  C  CA  . GLU B 1 10 ? -18.632 2.280   2.543   1.00 48.32 ? 10  GLU B CA  1 
ATOM   680  C  C   . GLU B 1 10 ? -17.362 3.107   2.268   1.00 47.95 ? 10  GLU B C   1 
ATOM   681  O  O   . GLU B 1 10 ? -17.427 4.214   1.718   1.00 47.59 ? 10  GLU B O   1 
ATOM   682  C  CB  . GLU B 1 10 ? -18.857 2.160   4.054   1.00 48.10 ? 10  GLU B CB  1 
ATOM   683  C  CG  . GLU B 1 10 ? -18.956 3.485   4.767   1.00 49.24 ? 10  GLU B CG  1 
ATOM   684  C  CD  . GLU B 1 10 ? -19.072 3.312   6.251   1.00 49.24 ? 10  GLU B CD  1 
ATOM   685  O  OE1 . GLU B 1 10 ? -19.155 4.340   6.958   1.00 50.54 ? 10  GLU B OE1 1 
ATOM   686  O  OE2 . GLU B 1 10 ? -19.078 2.146   6.704   1.00 47.73 ? 10  GLU B OE2 1 
ATOM   687  N  N   . LEU B 1 11 ? -16.207 2.565   2.649   1.00 47.02 ? 11  LEU B N   1 
ATOM   688  C  CA  . LEU B 1 11 ? -14.952 3.269   2.442   1.00 46.70 ? 11  LEU B CA  1 
ATOM   689  C  C   . LEU B 1 11 ? -14.699 3.607   0.977   1.00 46.16 ? 11  LEU B C   1 
ATOM   690  O  O   . LEU B 1 11 ? -14.024 4.592   0.661   1.00 45.55 ? 11  LEU B O   1 
ATOM   691  C  CB  . LEU B 1 11 ? -13.778 2.448   2.991   1.00 47.08 ? 11  LEU B CB  1 
ATOM   692  C  CG  . LEU B 1 11 ? -13.577 2.405   4.510   1.00 45.99 ? 11  LEU B CG  1 
ATOM   693  C  CD1 . LEU B 1 11 ? -12.301 1.630   4.819   1.00 46.81 ? 11  LEU B CD1 1 
ATOM   694  C  CD2 . LEU B 1 11 ? -13.483 3.816   5.067   1.00 46.22 ? 11  LEU B CD2 1 
ATOM   695  N  N   . ASP B 1 12 ? -15.236 2.794   0.077   1.00 46.67 ? 12  ASP B N   1 
ATOM   696  C  CA  . ASP B 1 12 ? -15.037 3.042   -1.337  1.00 46.11 ? 12  ASP B CA  1 
ATOM   697  C  C   . ASP B 1 12 ? -15.861 4.260   -1.671  1.00 45.63 ? 12  ASP B C   1 
ATOM   698  O  O   . ASP B 1 12 ? -15.509 5.046   -2.550  1.00 45.66 ? 12  ASP B O   1 
ATOM   699  C  CB  . ASP B 1 12 ? -15.502 1.861   -2.168  1.00 49.13 ? 12  ASP B CB  1 
ATOM   700  C  CG  . ASP B 1 12 ? -14.906 1.876   -3.557  1.00 52.94 ? 12  ASP B CG  1 
ATOM   701  O  OD1 . ASP B 1 12 ? -14.990 2.930   -4.234  1.00 54.97 ? 12  ASP B OD1 1 
ATOM   702  O  OD2 . ASP B 1 12 ? -14.349 0.834   -3.970  1.00 55.52 ? 12  ASP B OD2 1 
ATOM   703  N  N   . GLY B 1 13 ? -16.966 4.411   -0.948  1.00 44.44 ? 13  GLY B N   1 
ATOM   704  C  CA  . GLY B 1 13 ? -17.824 5.553   -1.161  1.00 42.94 ? 13  GLY B CA  1 
ATOM   705  C  C   . GLY B 1 13 ? -17.048 6.798   -0.804  1.00 41.31 ? 13  GLY B C   1 
ATOM   706  O  O   . GLY B 1 13 ? -16.945 7.717   -1.619  1.00 42.05 ? 13  GLY B O   1 
ATOM   707  N  N   . VAL B 1 14 ? -16.487 6.817   0.407   1.00 39.93 ? 14  VAL B N   1 
ATOM   708  C  CA  . VAL B 1 14 ? -15.719 7.970   0.887   1.00 36.78 ? 14  VAL B CA  1 
ATOM   709  C  C   . VAL B 1 14 ? -14.582 8.301   -0.062  1.00 35.71 ? 14  VAL B C   1 
ATOM   710  O  O   . VAL B 1 14 ? -14.215 9.468   -0.218  1.00 33.82 ? 14  VAL B O   1 
ATOM   711  C  CB  . VAL B 1 14 ? -15.134 7.719   2.284   1.00 35.98 ? 14  VAL B CB  1 
ATOM   712  C  CG1 . VAL B 1 14 ? -14.483 9.006   2.806   1.00 37.42 ? 14  VAL B CG1 1 
ATOM   713  C  CG2 . VAL B 1 14 ? -16.224 7.230   3.219   1.00 33.04 ? 14  VAL B CG2 1 
ATOM   714  N  N   . LEU B 1 15 ? -14.036 7.267   -0.700  1.00 35.85 ? 15  LEU B N   1 
ATOM   715  C  CA  . LEU B 1 15 ? -12.940 7.439   -1.649  1.00 35.91 ? 15  LEU B CA  1 
ATOM   716  C  C   . LEU B 1 15 ? -13.387 8.209   -2.883  1.00 36.60 ? 15  LEU B C   1 
ATOM   717  O  O   . LEU B 1 15 ? -12.707 9.131   -3.313  1.00 35.20 ? 15  LEU B O   1 
ATOM   718  C  CB  . LEU B 1 15 ? -12.378 6.082   -2.068  1.00 35.03 ? 15  LEU B CB  1 
ATOM   719  C  CG  . LEU B 1 15 ? -11.220 6.124   -3.062  1.00 35.77 ? 15  LEU B CG  1 
ATOM   720  C  CD1 . LEU B 1 15 ? -9.948  6.680   -2.430  1.00 36.03 ? 15  LEU B CD1 1 
ATOM   721  C  CD2 . LEU B 1 15 ? -10.969 4.728   -3.542  1.00 37.36 ? 15  LEU B CD2 1 
HETATM 722  N  N   . MSE B 1 16 ? -14.532 7.845   -3.452  1.00 39.43 ? 16  MSE B N   1 
HETATM 723  C  CA  . MSE B 1 16 ? -15.001 8.552   -4.640  1.00 41.84 ? 16  MSE B CA  1 
HETATM 724  C  C   . MSE B 1 16 ? -15.396 10.008  -4.383  1.00 41.01 ? 16  MSE B C   1 
HETATM 725  O  O   . MSE B 1 16 ? -15.260 10.845  -5.277  1.00 40.06 ? 16  MSE B O   1 
HETATM 726  C  CB  . MSE B 1 16 ? -16.158 7.808   -5.328  1.00 46.60 ? 16  MSE B CB  1 
HETATM 727  C  CG  . MSE B 1 16 ? -16.501 8.387   -6.731  1.00 51.48 ? 16  MSE B CG  1 
HETATM 728  SE SE  . MSE B 1 16 ? -14.963 8.642   -8.036  1.00 59.53 ? 16  MSE B SE  1 
HETATM 729  C  CE  . MSE B 1 16 ? -13.685 7.375   -7.279  1.00 57.18 ? 16  MSE B CE  1 
ATOM   730  N  N   . GLN B 1 17 ? -15.877 10.317  -3.183  1.00 39.93 ? 17  GLN B N   1 
ATOM   731  C  CA  . GLN B 1 17 ? -16.224 11.702  -2.863  1.00 40.48 ? 17  GLN B CA  1 
ATOM   732  C  C   . GLN B 1 17 ? -14.967 12.552  -3.028  1.00 39.32 ? 17  GLN B C   1 
ATOM   733  O  O   . GLN B 1 17 ? -15.025 13.675  -3.532  1.00 39.47 ? 17  GLN B O   1 
ATOM   734  C  CB  . GLN B 1 17 ? -16.768 11.801  -1.436  1.00 41.56 ? 17  GLN B CB  1 
ATOM   735  C  CG  . GLN B 1 17 ? -18.061 11.015  -1.273  1.00 44.69 ? 17  GLN B CG  1 
ATOM   736  C  CD  . GLN B 1 17 ? -18.703 11.202  0.077   1.00 46.60 ? 17  GLN B CD  1 
ATOM   737  O  OE1 . GLN B 1 17 ? -18.892 12.334  0.517   1.00 49.85 ? 17  GLN B OE1 1 
ATOM   738  N  NE2 . GLN B 1 17 ? -19.060 10.097  0.739   1.00 45.33 ? 17  GLN B NE2 1 
ATOM   739  N  N   . TYR B 1 18 ? -13.833 11.987  -2.617  1.00 38.55 ? 18  TYR B N   1 
ATOM   740  C  CA  . TYR B 1 18 ? -12.531 12.640  -2.729  1.00 37.45 ? 18  TYR B CA  1 
ATOM   741  C  C   . TYR B 1 18 ? -12.069 12.669  -4.180  1.00 38.89 ? 18  TYR B C   1 
ATOM   742  O  O   . TYR B 1 18 ? -11.643 13.698  -4.685  1.00 39.06 ? 18  TYR B O   1 
ATOM   743  C  CB  . TYR B 1 18 ? -11.501 11.892  -1.890  1.00 36.45 ? 18  TYR B CB  1 
ATOM   744  C  CG  . TYR B 1 18 ? -11.379 12.365  -0.459  1.00 34.00 ? 18  TYR B CG  1 
ATOM   745  C  CD1 . TYR B 1 18 ? -10.526 13.419  -0.126  1.00 32.36 ? 18  TYR B CD1 1 
ATOM   746  C  CD2 . TYR B 1 18 ? -12.094 11.746  0.569   1.00 31.39 ? 18  TYR B CD2 1 
ATOM   747  C  CE1 . TYR B 1 18 ? -10.386 13.837  1.208   1.00 30.75 ? 18  TYR B CE1 1 
ATOM   748  C  CE2 . TYR B 1 18 ? -11.958 12.164  1.895   1.00 29.37 ? 18  TYR B CE2 1 
ATOM   749  C  CZ  . TYR B 1 18 ? -11.104 13.207  2.204   1.00 27.83 ? 18  TYR B CZ  1 
ATOM   750  O  OH  . TYR B 1 18 ? -10.964 13.628  3.503   1.00 28.37 ? 18  TYR B OH  1 
ATOM   751  N  N   . LEU B 1 19 ? -12.146 11.532  -4.852  1.00 40.17 ? 19  LEU B N   1 
ATOM   752  C  CA  . LEU B 1 19 ? -11.730 11.479  -6.241  1.00 43.08 ? 19  LEU B CA  1 
ATOM   753  C  C   . LEU B 1 19 ? -12.522 12.483  -7.066  1.00 43.17 ? 19  LEU B C   1 
ATOM   754  O  O   . LEU B 1 19 ? -11.980 13.138  -7.959  1.00 43.97 ? 19  LEU B O   1 
ATOM   755  C  CB  . LEU B 1 19 ? -11.910 10.063  -6.784  1.00 44.90 ? 19  LEU B CB  1 
ATOM   756  C  CG  . LEU B 1 19 ? -10.687 9.169   -6.556  1.00 45.62 ? 19  LEU B CG  1 
ATOM   757  C  CD1 . LEU B 1 19 ? -9.623  9.579   -7.547  1.00 47.64 ? 19  LEU B CD1 1 
ATOM   758  C  CD2 . LEU B 1 19 ? -10.154 9.305   -5.128  1.00 45.58 ? 19  LEU B CD2 1 
ATOM   759  N  N   . LEU B 1 20 ? -13.801 12.614  -6.745  1.00 42.82 ? 20  LEU B N   1 
ATOM   760  C  CA  . LEU B 1 20 ? -14.655 13.551  -7.445  1.00 44.01 ? 20  LEU B CA  1 
ATOM   761  C  C   . LEU B 1 20 ? -14.571 14.966  -6.871  1.00 46.63 ? 20  LEU B C   1 
ATOM   762  O  O   . LEU B 1 20 ? -13.851 15.826  -7.408  1.00 48.02 ? 20  LEU B O   1 
ATOM   763  C  CB  . LEU B 1 20 ? -16.103 13.070  -7.414  1.00 40.88 ? 20  LEU B CB  1 
ATOM   764  C  CG  . LEU B 1 20 ? -16.361 11.827  -8.250  1.00 39.19 ? 20  LEU B CG  1 
ATOM   765  C  CD1 . LEU B 1 20 ? -17.784 11.407  -8.048  1.00 37.51 ? 20  LEU B CD1 1 
ATOM   766  C  CD2 . LEU B 1 20 ? -16.061 12.095  -9.730  1.00 38.74 ? 20  LEU B CD2 1 
ATOM   767  N  N   . GLU B 1 21 ? -15.292 15.215  -5.777  1.00 48.21 ? 21  GLU B N   1 
ATOM   768  C  CA  . GLU B 1 21 ? -15.296 16.546  -5.167  1.00 49.16 ? 21  GLU B CA  1 
ATOM   769  C  C   . GLU B 1 21 ? -13.965 16.959  -4.518  1.00 49.50 ? 21  GLU B C   1 
ATOM   770  O  O   . GLU B 1 21 ? -13.921 17.630  -3.484  1.00 50.78 ? 21  GLU B O   1 
ATOM   771  C  CB  . GLU B 1 21 ? -16.470 16.659  -4.185  1.00 48.16 ? 21  GLU B CB  1 
ATOM   772  C  CG  . GLU B 1 21 ? -17.803 16.646  -4.903  1.00 48.37 ? 21  GLU B CG  1 
ATOM   773  C  CD  . GLU B 1 21 ? -18.940 17.163  -4.065  1.00 50.22 ? 21  GLU B CD  1 
ATOM   774  O  OE1 . GLU B 1 21 ? -19.277 16.515  -3.048  1.00 51.16 ? 21  GLU B OE1 1 
ATOM   775  O  OE2 . GLU B 1 21 ? -19.500 18.223  -4.432  1.00 52.10 ? 21  GLU B OE2 1 
ATOM   776  N  N   . ALA B 1 22 ? -12.875 16.555  -5.158  1.00 49.40 ? 22  ALA B N   1 
ATOM   777  C  CA  . ALA B 1 22 ? -11.537 16.886  -4.703  1.00 49.73 ? 22  ALA B CA  1 
ATOM   778  C  C   . ALA B 1 22 ? -10.539 16.714  -5.858  1.00 50.23 ? 22  ALA B C   1 
ATOM   779  O  O   . ALA B 1 22 ? -9.320  16.661  -5.637  1.00 50.05 ? 22  ALA B O   1 
ATOM   780  C  CB  . ALA B 1 22 ? -11.142 16.016  -3.523  1.00 49.63 ? 22  ALA B CB  1 
ATOM   781  N  N   . ASP B 1 23 ? -11.073 16.620  -7.083  1.00 49.55 ? 23  ASP B N   1 
ATOM   782  C  CA  . ASP B 1 23 ? -10.272 16.493  -8.307  1.00 48.96 ? 23  ASP B CA  1 
ATOM   783  C  C   . ASP B 1 23 ? -9.096  15.509  -8.198  1.00 48.76 ? 23  ASP B C   1 
ATOM   784  O  O   . ASP B 1 23 ? -7.931  15.887  -8.343  1.00 48.25 ? 23  ASP B O   1 
ATOM   785  C  CB  . ASP B 1 23 ? -9.759  17.891  -8.713  1.00 49.82 ? 23  ASP B CB  1 
ATOM   786  C  CG  . ASP B 1 23 ? -8.874  17.877  -9.967  1.00 50.17 ? 23  ASP B CG  1 
ATOM   787  O  OD1 . ASP B 1 23 ? -8.319  18.944  -10.321 1.00 47.89 ? 23  ASP B OD1 1 
ATOM   788  O  OD2 . ASP B 1 23 ? -8.733  16.807  -10.599 1.00 53.51 ? 23  ASP B OD2 1 
ATOM   789  N  N   . LEU B 1 24 ? -9.397  14.239  -7.964  1.00 47.57 ? 24  LEU B N   1 
ATOM   790  C  CA  . LEU B 1 24 ? -8.338  13.250  -7.837  1.00 47.04 ? 24  LEU B CA  1 
ATOM   791  C  C   . LEU B 1 24 ? -8.382  12.278  -9.011  1.00 48.02 ? 24  LEU B C   1 
ATOM   792  O  O   . LEU B 1 24 ? -7.361  11.696  -9.400  1.00 47.89 ? 24  LEU B O   1 
ATOM   793  C  CB  . LEU B 1 24 ? -8.502  12.512  -6.508  1.00 44.87 ? 24  LEU B CB  1 
ATOM   794  C  CG  . LEU B 1 24 ? -7.292  12.463  -5.578  1.00 43.72 ? 24  LEU B CG  1 
ATOM   795  C  CD1 . LEU B 1 24 ? -6.610  13.813  -5.530  1.00 42.75 ? 24  LEU B CD1 1 
ATOM   796  C  CD2 . LEU B 1 24 ? -7.744  12.027  -4.196  1.00 42.81 ? 24  LEU B CD2 1 
ATOM   797  N  N   . LEU B 1 25 ? -9.579  12.120  -9.581  1.00 49.19 ? 25  LEU B N   1 
ATOM   798  C  CA  . LEU B 1 25 ? -9.797  11.224  -10.717 1.00 48.78 ? 25  LEU B CA  1 
ATOM   799  C  C   . LEU B 1 25 ? -8.717  11.448  -11.765 1.00 49.61 ? 25  LEU B C   1 
ATOM   800  O  O   . LEU B 1 25 ? -8.257  10.501  -12.402 1.00 51.52 ? 25  LEU B O   1 
ATOM   801  C  CB  . LEU B 1 25 ? -11.182 11.471  -11.332 1.00 46.48 ? 25  LEU B CB  1 
ATOM   802  C  CG  . LEU B 1 25 ? -12.223 10.340  -11.303 1.00 45.53 ? 25  LEU B CG  1 
ATOM   803  C  CD1 . LEU B 1 25 ? -12.444 9.865   -9.880  1.00 45.08 ? 25  LEU B CD1 1 
ATOM   804  C  CD2 . LEU B 1 25 ? -13.531 10.828  -11.904 1.00 42.65 ? 25  LEU B CD2 1 
ATOM   805  N  N   . ARG B 1 26 ? -8.295  12.697  -11.925 1.00 48.58 ? 26  ARG B N   1 
ATOM   806  C  CA  . ARG B 1 26 ? -7.276  13.006  -12.906 1.00 48.56 ? 26  ARG B CA  1 
ATOM   807  C  C   . ARG B 1 26 ? -6.051  12.109  -12.855 1.00 47.64 ? 26  ARG B C   1 
ATOM   808  O  O   . ARG B 1 26 ? -5.555  11.701  -13.887 1.00 47.61 ? 26  ARG B O   1 
ATOM   809  C  CB  . ARG B 1 26 ? -6.845  14.471  -12.787 1.00 50.81 ? 26  ARG B CB  1 
ATOM   810  C  CG  . ARG B 1 26 ? -6.391  14.903  -11.403 1.00 53.38 ? 26  ARG B CG  1 
ATOM   811  C  CD  . ARG B 1 26 ? -5.834  16.311  -11.454 1.00 54.38 ? 26  ARG B CD  1 
ATOM   812  N  NE  . ARG B 1 26 ? -5.488  16.825  -10.134 1.00 57.31 ? 26  ARG B NE  1 
ATOM   813  C  CZ  . ARG B 1 26 ? -4.436  16.442  -9.414  1.00 58.20 ? 26  ARG B CZ  1 
ATOM   814  N  NH1 . ARG B 1 26 ? -3.601  15.524  -9.880  1.00 60.05 ? 26  ARG B NH1 1 
ATOM   815  N  NH2 . ARG B 1 26 ? -4.209  16.996  -8.228  1.00 59.21 ? 26  ARG B NH2 1 
ATOM   816  N  N   . GLU B 1 27 ? -5.563  11.778  -11.671 1.00 48.79 ? 27  GLU B N   1 
ATOM   817  C  CA  . GLU B 1 27 ? -4.367  10.948  -11.596 1.00 49.62 ? 27  GLU B CA  1 
ATOM   818  C  C   . GLU B 1 27 ? -4.579  9.427   -11.615 1.00 49.26 ? 27  GLU B C   1 
ATOM   819  O  O   . GLU B 1 27 ? -3.616  8.652   -11.621 1.00 49.15 ? 27  GLU B O   1 
ATOM   820  C  CB  . GLU B 1 27 ? -3.528  11.376  -10.386 1.00 51.31 ? 27  GLU B CB  1 
ATOM   821  C  CG  . GLU B 1 27 ? -2.770  12.679  -10.641 1.00 51.47 ? 27  GLU B CG  1 
ATOM   822  C  CD  . GLU B 1 27 ? -1.925  13.120  -9.463  1.00 53.33 ? 27  GLU B CD  1 
ATOM   823  O  OE1 . GLU B 1 27 ? -2.501  13.559  -8.436  1.00 52.97 ? 27  GLU B OE1 1 
ATOM   824  O  OE2 . GLU B 1 27 ? -0.681  13.026  -9.565  1.00 52.92 ? 27  GLU B OE2 1 
ATOM   825  N  N   . LEU B 1 28 ? -5.839  9.008   -11.650 1.00 47.75 ? 28  LEU B N   1 
ATOM   826  C  CA  . LEU B 1 28 ? -6.173  7.590   -11.694 1.00 46.55 ? 28  LEU B CA  1 
ATOM   827  C  C   . LEU B 1 28 ? -6.199  7.127   -13.136 1.00 46.10 ? 28  LEU B C   1 
ATOM   828  O  O   . LEU B 1 28 ? -6.507  7.909   -14.031 1.00 45.76 ? 28  LEU B O   1 
ATOM   829  C  CB  . LEU B 1 28 ? -7.563  7.345   -11.096 1.00 46.05 ? 28  LEU B CB  1 
ATOM   830  C  CG  . LEU B 1 28 ? -7.699  7.001   -9.616  1.00 44.80 ? 28  LEU B CG  1 
ATOM   831  C  CD1 . LEU B 1 28 ? -9.161  6.820   -9.269  1.00 42.59 ? 28  LEU B CD1 1 
ATOM   832  C  CD2 . LEU B 1 28 ? -6.924  5.731   -9.324  1.00 44.97 ? 28  LEU B CD2 1 
ATOM   833  N  N   . PRO B 1 29 ? -5.880  5.843   -13.379 1.00 46.72 ? 29  PRO B N   1 
ATOM   834  C  CA  . PRO B 1 29 ? -5.874  5.246   -14.730 1.00 46.10 ? 29  PRO B CA  1 
ATOM   835  C  C   . PRO B 1 29 ? -7.325  5.053   -15.236 1.00 45.60 ? 29  PRO B C   1 
ATOM   836  O  O   . PRO B 1 29 ? -8.255  4.918   -14.430 1.00 44.26 ? 29  PRO B O   1 
ATOM   837  C  CB  . PRO B 1 29 ? -5.165  3.904   -14.523 1.00 45.67 ? 29  PRO B CB  1 
ATOM   838  C  CG  . PRO B 1 29 ? -4.394  4.089   -13.234 1.00 47.25 ? 29  PRO B CG  1 
ATOM   839  C  CD  . PRO B 1 29 ? -5.326  4.903   -12.389 1.00 46.53 ? 29  PRO B CD  1 
ATOM   840  N  N   . PRO B 1 30 ? -7.530  5.007   -16.573 1.00 45.76 ? 30  PRO B N   1 
ATOM   841  C  CA  . PRO B 1 30 ? -8.892  4.829   -17.099 1.00 44.47 ? 30  PRO B CA  1 
ATOM   842  C  C   . PRO B 1 30 ? -9.474  3.542   -16.544 1.00 43.40 ? 30  PRO B C   1 
ATOM   843  O  O   . PRO B 1 30 ? -10.607 3.512   -16.076 1.00 43.08 ? 30  PRO B O   1 
ATOM   844  C  CB  . PRO B 1 30 ? -8.670  4.737   -18.598 1.00 45.19 ? 30  PRO B CB  1 
ATOM   845  C  CG  . PRO B 1 30 ? -7.394  3.954   -18.672 1.00 45.95 ? 30  PRO B CG  1 
ATOM   846  C  CD  . PRO B 1 30 ? -6.536  4.661   -17.611 1.00 46.79 ? 30  PRO B CD  1 
ATOM   847  N  N   . THR B 1 31 ? -8.675  2.482   -16.605 1.00 41.78 ? 31  THR B N   1 
ATOM   848  C  CA  . THR B 1 31 ? -9.074  1.174   -16.106 1.00 40.24 ? 31  THR B CA  1 
ATOM   849  C  C   . THR B 1 31 ? -8.101  0.773   -14.994 1.00 39.38 ? 31  THR B C   1 
ATOM   850  O  O   . THR B 1 31 ? -6.891  0.907   -15.153 1.00 39.57 ? 31  THR B O   1 
ATOM   851  C  CB  . THR B 1 31 ? -9.051  0.111   -17.252 1.00 38.98 ? 31  THR B CB  1 
ATOM   852  O  OG1 . THR B 1 31 ? -7.732  0.013   -17.794 1.00 39.81 ? 31  THR B OG1 1 
ATOM   853  C  CG2 . THR B 1 31 ? -9.986  0.509   -18.370 1.00 36.87 ? 31  THR B CG2 1 
ATOM   854  N  N   . TYR B 1 32 ? -8.636  0.307   -13.866 1.00 38.69 ? 32  TYR B N   1 
ATOM   855  C  CA  . TYR B 1 32 ? -7.823  -0.134  -12.720 1.00 37.82 ? 32  TYR B CA  1 
ATOM   856  C  C   . TYR B 1 32 ? -8.642  -0.949  -11.711 1.00 37.40 ? 32  TYR B C   1 
ATOM   857  O  O   . TYR B 1 32 ? -9.880  -0.977  -11.752 1.00 36.27 ? 32  TYR B O   1 
ATOM   858  C  CB  . TYR B 1 32 ? -7.204  1.065   -11.981 1.00 37.02 ? 32  TYR B CB  1 
ATOM   859  C  CG  . TYR B 1 32 ? -8.254  1.971   -11.392 1.00 35.86 ? 32  TYR B CG  1 
ATOM   860  C  CD1 . TYR B 1 32 ? -8.714  3.082   -12.100 1.00 34.74 ? 32  TYR B CD1 1 
ATOM   861  C  CD2 . TYR B 1 32 ? -8.881  1.650   -10.186 1.00 34.34 ? 32  TYR B CD2 1 
ATOM   862  C  CE1 . TYR B 1 32 ? -9.784  3.847   -11.628 1.00 34.37 ? 32  TYR B CE1 1 
ATOM   863  C  CE2 . TYR B 1 32 ? -9.952  2.406   -9.706  1.00 33.94 ? 32  TYR B CE2 1 
ATOM   864  C  CZ  . TYR B 1 32 ? -10.402 3.504   -10.434 1.00 33.51 ? 32  TYR B CZ  1 
ATOM   865  O  OH  . TYR B 1 32 ? -11.479 4.250   -9.991  1.00 33.09 ? 32  TYR B OH  1 
ATOM   866  N  N   . ARG B 1 33 ? -7.922  -1.606  -10.802 1.00 38.64 ? 33  ARG B N   1 
ATOM   867  C  CA  . ARG B 1 33 ? -8.521  -2.418  -9.736  1.00 39.70 ? 33  ARG B CA  1 
ATOM   868  C  C   . ARG B 1 33 ? -8.142  -1.734  -8.427  1.00 38.56 ? 33  ARG B C   1 
ATOM   869  O  O   . ARG B 1 33 ? -6.974  -1.641  -8.075  1.00 37.67 ? 33  ARG B O   1 
ATOM   870  C  CB  . ARG B 1 33 ? -7.982  -3.860  -9.750  1.00 41.45 ? 33  ARG B CB  1 
ATOM   871  C  CG  . ARG B 1 33 ? -8.175  -4.579  -11.083 1.00 45.44 ? 33  ARG B CG  1 
ATOM   872  C  CD  . ARG B 1 33 ? -8.305  -6.086  -10.926 1.00 47.69 ? 33  ARG B CD  1 
ATOM   873  N  NE  . ARG B 1 33 ? -8.660  -6.754  -12.187 1.00 49.71 ? 33  ARG B NE  1 
ATOM   874  C  CZ  . ARG B 1 33 ? -9.857  -6.707  -12.775 1.00 50.45 ? 33  ARG B CZ  1 
ATOM   875  N  NH1 . ARG B 1 33 ? -10.856 -6.015  -12.227 1.00 51.55 ? 33  ARG B NH1 1 
ATOM   876  N  NH2 . ARG B 1 33 ? -10.058 -7.361  -13.914 1.00 49.99 ? 33  ARG B NH2 1 
ATOM   877  N  N   . LEU B 1 34 ? -9.148  -1.251  -7.717  1.00 38.12 ? 34  LEU B N   1 
ATOM   878  C  CA  . LEU B 1 34 ? -8.936  -0.541  -6.483  1.00 38.63 ? 34  LEU B CA  1 
ATOM   879  C  C   . LEU B 1 34 ? -8.763  -1.423  -5.255  1.00 39.01 ? 34  LEU B C   1 
ATOM   880  O  O   . LEU B 1 34 ? -9.650  -2.192  -4.903  1.00 39.81 ? 34  LEU B O   1 
ATOM   881  C  CB  . LEU B 1 34 ? -10.104 0.397   -6.249  1.00 38.55 ? 34  LEU B CB  1 
ATOM   882  C  CG  . LEU B 1 34 ? -10.020 1.199   -4.963  1.00 39.16 ? 34  LEU B CG  1 
ATOM   883  C  CD1 . LEU B 1 34 ? -9.197  2.448   -5.229  1.00 38.98 ? 34  LEU B CD1 1 
ATOM   884  C  CD2 . LEU B 1 34 ? -11.427 1.549   -4.488  1.00 38.58 ? 34  LEU B CD2 1 
ATOM   885  N  N   . VAL B 1 35 ? -7.624  -1.301  -4.586  1.00 38.38 ? 35  VAL B N   1 
ATOM   886  C  CA  . VAL B 1 35 ? -7.386  -2.069  -3.382  1.00 37.07 ? 35  VAL B CA  1 
ATOM   887  C  C   . VAL B 1 35 ? -7.415  -1.076  -2.227  1.00 36.57 ? 35  VAL B C   1 
ATOM   888  O  O   . VAL B 1 35 ? -6.510  -0.253  -2.085  1.00 35.85 ? 35  VAL B O   1 
ATOM   889  C  CB  . VAL B 1 35 ? -6.015  -2.777  -3.424  1.00 37.47 ? 35  VAL B CB  1 
ATOM   890  C  CG1 . VAL B 1 35 ? -5.931  -3.780  -2.310  1.00 36.07 ? 35  VAL B CG1 1 
ATOM   891  C  CG2 . VAL B 1 35 ? -5.815  -3.453  -4.778  1.00 36.91 ? 35  VAL B CG2 1 
ATOM   892  N  N   . LEU B 1 36 ? -8.477  -1.146  -1.426  1.00 35.71 ? 36  LEU B N   1 
ATOM   893  C  CA  . LEU B 1 36 ? -8.662  -0.268  -0.276  1.00 35.42 ? 36  LEU B CA  1 
ATOM   894  C  C   . LEU B 1 36 ? -8.029  -0.862  0.969   1.00 35.01 ? 36  LEU B C   1 
ATOM   895  O  O   . LEU B 1 36 ? -8.485  -1.873  1.454   1.00 35.78 ? 36  LEU B O   1 
ATOM   896  C  CB  . LEU B 1 36 ? -10.151 -0.068  0.016   1.00 35.35 ? 36  LEU B CB  1 
ATOM   897  C  CG  . LEU B 1 36 ? -10.994 1.088   -0.518  1.00 35.70 ? 36  LEU B CG  1 
ATOM   898  C  CD1 . LEU B 1 36 ? -11.738 1.708   0.664   1.00 33.91 ? 36  LEU B CD1 1 
ATOM   899  C  CD2 . LEU B 1 36 ? -10.136 2.125   -1.210  1.00 34.51 ? 36  LEU B CD2 1 
ATOM   900  N  N   . LEU B 1 37 ? -6.998  -0.228  1.513   1.00 36.11 ? 37  LEU B N   1 
ATOM   901  C  CA  . LEU B 1 37 ? -6.369  -0.768  2.715   1.00 35.60 ? 37  LEU B CA  1 
ATOM   902  C  C   . LEU B 1 37 ? -6.466  0.103   3.962   1.00 36.45 ? 37  LEU B C   1 
ATOM   903  O  O   . LEU B 1 37 ? -5.668  1.018   4.162   1.00 35.41 ? 37  LEU B O   1 
ATOM   904  C  CB  . LEU B 1 37 ? -4.894  -1.089  2.468   1.00 33.40 ? 37  LEU B CB  1 
ATOM   905  C  CG  . LEU B 1 37 ? -4.584  -2.147  1.427   1.00 33.17 ? 37  LEU B CG  1 
ATOM   906  C  CD1 . LEU B 1 37 ? -3.097  -2.392  1.430   1.00 33.94 ? 37  LEU B CD1 1 
ATOM   907  C  CD2 . LEU B 1 37 ? -5.337  -3.420  1.712   1.00 32.66 ? 37  LEU B CD2 1 
ATOM   908  N  N   . PRO B 1 38 ? -7.459  -0.168  4.817   1.00 37.65 ? 38  PRO B N   1 
ATOM   909  C  CA  . PRO B 1 38 ? -7.599  0.625   6.047   1.00 39.25 ? 38  PRO B CA  1 
ATOM   910  C  C   . PRO B 1 38 ? -6.433  0.255   6.984   1.00 40.96 ? 38  PRO B C   1 
ATOM   911  O  O   . PRO B 1 38 ? -6.507  -0.765  7.699   1.00 42.74 ? 38  PRO B O   1 
ATOM   912  C  CB  . PRO B 1 38 ? -8.942  0.152   6.605   1.00 38.91 ? 38  PRO B CB  1 
ATOM   913  C  CG  . PRO B 1 38 ? -9.686  -0.280  5.382   1.00 36.41 ? 38  PRO B CG  1 
ATOM   914  C  CD  . PRO B 1 38 ? -8.647  -1.006  4.593   1.00 36.77 ? 38  PRO B CD  1 
ATOM   915  N  N   . LEU B 1 39 ? -5.359  1.057   6.977   1.00 40.73 ? 39  LEU B N   1 
ATOM   916  C  CA  . LEU B 1 39 ? -4.189  0.774   7.818   1.00 38.84 ? 39  LEU B CA  1 
ATOM   917  C  C   . LEU B 1 39 ? -4.451  0.646   9.311   1.00 39.43 ? 39  LEU B C   1 
ATOM   918  O  O   . LEU B 1 39 ? -3.631  0.081   10.019  1.00 40.92 ? 39  LEU B O   1 
ATOM   919  C  CB  . LEU B 1 39 ? -3.095  1.807   7.595   1.00 35.99 ? 39  LEU B CB  1 
ATOM   920  C  CG  . LEU B 1 39 ? -2.431  1.753   6.218   1.00 35.01 ? 39  LEU B CG  1 
ATOM   921  C  CD1 . LEU B 1 39 ? -1.210  2.649   6.241   1.00 33.90 ? 39  LEU B CD1 1 
ATOM   922  C  CD2 . LEU B 1 39 ? -2.040  0.310   5.856   1.00 34.21 ? 39  LEU B CD2 1 
ATOM   923  N  N   . ASP B 1 40 ? -5.572  1.169   9.803   1.00 39.63 ? 40  ASP B N   1 
ATOM   924  C  CA  . ASP B 1 40 ? -5.865  1.032   11.217  1.00 39.91 ? 40  ASP B CA  1 
ATOM   925  C  C   . ASP B 1 40 ? -7.072  0.141   11.506  1.00 42.49 ? 40  ASP B C   1 
ATOM   926  O  O   . ASP B 1 40 ? -7.614  0.159   12.612  1.00 44.40 ? 40  ASP B O   1 
ATOM   927  C  CB  . ASP B 1 40 ? -6.031  2.395   11.903  1.00 38.75 ? 40  ASP B CB  1 
ATOM   928  C  CG  . ASP B 1 40 ? -7.199  3.209   11.374  1.00 37.73 ? 40  ASP B CG  1 
ATOM   929  O  OD1 . ASP B 1 40 ? -8.198  2.629   10.908  1.00 35.58 ? 40  ASP B OD1 1 
ATOM   930  O  OD2 . ASP B 1 40 ? -7.116  4.454   11.460  1.00 37.58 ? 40  ASP B OD2 1 
ATOM   931  N  N   . GLU B 1 41 ? -7.483  -0.650  10.516  1.00 44.01 ? 41  GLU B N   1 
ATOM   932  C  CA  . GLU B 1 41 ? -8.600  -1.590  10.662  1.00 44.45 ? 41  GLU B CA  1 
ATOM   933  C  C   . GLU B 1 41 ? -8.128  -2.930  10.102  1.00 45.62 ? 41  GLU B C   1 
ATOM   934  O  O   . GLU B 1 41 ? -8.485  -3.314  8.991   1.00 46.70 ? 41  GLU B O   1 
ATOM   935  C  CB  . GLU B 1 41 ? -9.831  -1.055  9.925   1.00 43.16 ? 41  GLU B CB  1 
ATOM   936  C  CG  . GLU B 1 41 ? -10.244 0.277   10.552  1.00 44.40 ? 41  GLU B CG  1 
ATOM   937  C  CD  . GLU B 1 41 ? -11.600 0.803   10.138  1.00 43.95 ? 41  GLU B CD  1 
ATOM   938  O  OE1 . GLU B 1 41 ? -12.598 0.048   10.250  1.00 42.81 ? 41  GLU B OE1 1 
ATOM   939  O  OE2 . GLU B 1 41 ? -11.652 1.991   9.728   1.00 42.88 ? 41  GLU B OE2 1 
ATOM   940  N  N   . PRO B 1 42 ? -7.310  -3.660  10.887  1.00 46.40 ? 42  PRO B N   1 
ATOM   941  C  CA  . PRO B 1 42 ? -6.730  -4.959  10.537  1.00 46.27 ? 42  PRO B CA  1 
ATOM   942  C  C   . PRO B 1 42 ? -7.676  -5.989  9.970   1.00 47.24 ? 42  PRO B C   1 
ATOM   943  O  O   . PRO B 1 42 ? -7.384  -6.608  8.951   1.00 46.76 ? 42  PRO B O   1 
ATOM   944  C  CB  . PRO B 1 42 ? -6.091  -5.420  11.846  1.00 46.47 ? 42  PRO B CB  1 
ATOM   945  C  CG  . PRO B 1 42 ? -6.934  -4.762  12.892  1.00 46.45 ? 42  PRO B CG  1 
ATOM   946  C  CD  . PRO B 1 42 ? -7.107  -3.382  12.321  1.00 46.74 ? 42  PRO B CD  1 
ATOM   947  N  N   . GLU B 1 43 ? -8.806  -6.181  10.637  1.00 48.29 ? 43  GLU B N   1 
ATOM   948  C  CA  . GLU B 1 43 ? -9.777  -7.159  10.185  1.00 49.33 ? 43  GLU B CA  1 
ATOM   949  C  C   . GLU B 1 43 ? -10.271 -6.831  8.761   1.00 49.38 ? 43  GLU B C   1 
ATOM   950  O  O   . GLU B 1 43 ? -10.515 -7.736  7.949   1.00 49.00 ? 43  GLU B O   1 
ATOM   951  C  CB  . GLU B 1 43 ? -10.939 -7.227  11.196  1.00 51.80 ? 43  GLU B CB  1 
ATOM   952  C  CG  . GLU B 1 43 ? -10.859 -8.378  12.258  1.00 54.79 ? 43  GLU B CG  1 
ATOM   953  C  CD  . GLU B 1 43 ? -9.703  -8.274  13.280  1.00 56.26 ? 43  GLU B CD  1 
ATOM   954  O  OE1 . GLU B 1 43 ? -8.521  -8.287  12.865  1.00 57.48 ? 43  GLU B OE1 1 
ATOM   955  O  OE2 . GLU B 1 43 ? -9.980  -8.199  14.506  1.00 56.44 ? 43  GLU B OE2 1 
ATOM   956  N  N   . VAL B 1 44 ? -10.372 -5.537  8.450   1.00 48.40 ? 44  VAL B N   1 
ATOM   957  C  CA  . VAL B 1 44 ? -10.831 -5.068  7.139   1.00 46.81 ? 44  VAL B CA  1 
ATOM   958  C  C   . VAL B 1 44 ? -9.728  -5.039  6.072   1.00 45.97 ? 44  VAL B C   1 
ATOM   959  O  O   . VAL B 1 44 ? -9.936  -5.439  4.927   1.00 45.66 ? 44  VAL B O   1 
ATOM   960  C  CB  . VAL B 1 44 ? -11.407 -3.640  7.251   1.00 46.32 ? 44  VAL B CB  1 
ATOM   961  C  CG1 . VAL B 1 44 ? -12.143 -3.277  5.983   1.00 46.56 ? 44  VAL B CG1 1 
ATOM   962  C  CG2 . VAL B 1 44 ? -12.311 -3.533  8.466   1.00 45.60 ? 44  VAL B CG2 1 
ATOM   963  N  N   . ALA B 1 45 ? -8.558  -4.538  6.455   1.00 45.82 ? 45  ALA B N   1 
ATOM   964  C  CA  . ALA B 1 45 ? -7.427  -4.425  5.535   1.00 45.04 ? 45  ALA B CA  1 
ATOM   965  C  C   . ALA B 1 45 ? -6.939  -5.794  5.060   1.00 45.88 ? 45  ALA B C   1 
ATOM   966  O  O   . ALA B 1 45 ? -6.571  -5.971  3.907   1.00 46.50 ? 45  ALA B O   1 
ATOM   967  C  CB  . ALA B 1 45 ? -6.300  -3.675  6.209   1.00 42.66 ? 45  ALA B CB  1 
ATOM   968  N  N   . ALA B 1 46 ? -6.948  -6.769  5.961   1.00 47.02 ? 46  ALA B N   1 
ATOM   969  C  CA  . ALA B 1 46 ? -6.500  -8.111  5.642   1.00 45.86 ? 46  ALA B CA  1 
ATOM   970  C  C   . ALA B 1 46 ? -7.420  -8.759  4.613   1.00 46.15 ? 46  ALA B C   1 
ATOM   971  O  O   . ALA B 1 46 ? -6.954  -9.475  3.722   1.00 45.77 ? 46  ALA B O   1 
ATOM   972  C  CB  . ALA B 1 46 ? -6.440  -8.944  6.910   1.00 46.04 ? 46  ALA B CB  1 
ATOM   973  N  N   . GLN B 1 47 ? -8.722  -8.507  4.727   1.00 46.07 ? 47  GLN B N   1 
ATOM   974  C  CA  . GLN B 1 47 ? -9.684  -9.070  3.781   1.00 46.55 ? 47  GLN B CA  1 
ATOM   975  C  C   . GLN B 1 47 ? -9.434  -8.485  2.396   1.00 46.08 ? 47  GLN B C   1 
ATOM   976  O  O   . GLN B 1 47 ? -9.420  -9.208  1.395   1.00 45.95 ? 47  GLN B O   1 
ATOM   977  C  CB  . GLN B 1 47 ? -11.122 -8.745  4.208   1.00 48.51 ? 47  GLN B CB  1 
ATOM   978  C  CG  . GLN B 1 47 ? -11.464 -9.117  5.649   1.00 52.25 ? 47  GLN B CG  1 
ATOM   979  C  CD  . GLN B 1 47 ? -11.151 -10.578 5.997   1.00 55.08 ? 47  GLN B CD  1 
ATOM   980  O  OE1 . GLN B 1 47 ? -9.988  -10.948 6.197   1.00 56.45 ? 47  GLN B OE1 1 
ATOM   981  N  NE2 . GLN B 1 47 ? -12.193 -11.413 6.066   1.00 55.68 ? 47  GLN B NE2 1 
ATOM   982  N  N   . ALA B 1 48 ? -9.240  -7.169  2.350   1.00 45.41 ? 48  ALA B N   1 
ATOM   983  C  CA  . ALA B 1 48 ? -8.989  -6.474  1.099   1.00 44.30 ? 48  ALA B CA  1 
ATOM   984  C  C   . ALA B 1 48 ? -7.748  -6.994  0.376   1.00 44.18 ? 48  ALA B C   1 
ATOM   985  O  O   . ALA B 1 48 ? -7.750  -7.082  -0.849  1.00 45.37 ? 48  ALA B O   1 
ATOM   986  C  CB  . ALA B 1 48 ? -8.855  -4.987  1.352   1.00 44.60 ? 48  ALA B CB  1 
ATOM   987  N  N   . LEU B 1 49 ? -6.683  -7.329  1.106   1.00 44.08 ? 49  LEU B N   1 
ATOM   988  C  CA  . LEU B 1 49 ? -5.471  -7.842  0.450   1.00 44.32 ? 49  LEU B CA  1 
ATOM   989  C  C   . LEU B 1 49 ? -5.710  -9.275  -0.024  1.00 44.90 ? 49  LEU B C   1 
ATOM   990  O  O   . LEU B 1 49 ? -5.164  -9.698  -1.036  1.00 43.90 ? 49  LEU B O   1 
ATOM   991  C  CB  . LEU B 1 49 ? -4.234  -7.793  1.380   1.00 43.54 ? 49  LEU B CB  1 
ATOM   992  C  CG  . LEU B 1 49 ? -2.863  -8.069  0.703   1.00 43.48 ? 49  LEU B CG  1 
ATOM   993  C  CD1 . LEU B 1 49 ? -2.536  -6.959  -0.289  1.00 42.52 ? 49  LEU B CD1 1 
ATOM   994  C  CD2 . LEU B 1 49 ? -1.741  -8.179  1.739   1.00 41.68 ? 49  LEU B CD2 1 
ATOM   995  N  N   . ALA B 1 50 ? -6.533  -10.019 0.710   1.00 46.61 ? 50  ALA B N   1 
ATOM   996  C  CA  . ALA B 1 50 ? -6.860  -11.384 0.334   1.00 47.99 ? 50  ALA B CA  1 
ATOM   997  C  C   . ALA B 1 50 ? -7.478  -11.354 -1.057  1.00 49.97 ? 50  ALA B C   1 
ATOM   998  O  O   . ALA B 1 50 ? -7.056  -12.078 -1.958  1.00 50.57 ? 50  ALA B O   1 
ATOM   999  C  CB  . ALA B 1 50 ? -7.844  -11.968 1.320   1.00 47.18 ? 50  ALA B CB  1 
ATOM   1000 N  N   . TRP B 1 51 ? -8.464  -10.490 -1.256  1.00 51.68 ? 51  TRP B N   1 
ATOM   1001 C  CA  . TRP B 1 51 ? -9.109  -10.451 -2.552  1.00 52.93 ? 51  TRP B CA  1 
ATOM   1002 C  C   . TRP B 1 51 ? -8.202  -9.945  -3.666  1.00 53.79 ? 51  TRP B C   1 
ATOM   1003 O  O   . TRP B 1 51 ? -8.384  -10.298 -4.836  1.00 53.11 ? 51  TRP B O   1 
ATOM   1004 C  CB  . TRP B 1 51 ? -10.419 -9.684  -2.410  1.00 54.30 ? 51  TRP B CB  1 
ATOM   1005 C  CG  . TRP B 1 51 ? -11.160 -10.297 -1.266  1.00 57.55 ? 51  TRP B CG  1 
ATOM   1006 C  CD1 . TRP B 1 51 ? -11.141 -11.615 -0.918  1.00 58.82 ? 51  TRP B CD1 1 
ATOM   1007 C  CD2 . TRP B 1 51 ? -11.900 -9.628  -0.241  1.00 59.01 ? 51  TRP B CD2 1 
ATOM   1008 N  NE1 . TRP B 1 51 ? -11.814 -11.808 0.257   1.00 59.43 ? 51  TRP B NE1 1 
ATOM   1009 C  CE2 . TRP B 1 51 ? -12.303 -10.607 0.689   1.00 58.89 ? 51  TRP B CE2 1 
ATOM   1010 C  CE3 . TRP B 1 51 ? -12.289 -8.299  -0.031  1.00 60.80 ? 51  TRP B CE3 1 
ATOM   1011 C  CZ2 . TRP B 1 51 ? -13.035 -10.299 1.833   1.00 59.91 ? 51  TRP B CZ2 1 
ATOM   1012 C  CZ3 . TRP B 1 51 ? -13.024 -7.992  1.113   1.00 60.78 ? 51  TRP B CZ3 1 
ATOM   1013 C  CH2 . TRP B 1 51 ? -13.400 -8.991  2.020   1.00 60.53 ? 51  TRP B CH2 1 
ATOM   1014 N  N   . ALA B 1 52 ? -7.193  -9.160  -3.302  1.00 54.82 ? 52  ALA B N   1 
ATOM   1015 C  CA  . ALA B 1 52 ? -6.251  -8.648  -4.290  1.00 55.95 ? 52  ALA B CA  1 
ATOM   1016 C  C   . ALA B 1 52 ? -5.267  -9.758  -4.659  1.00 56.87 ? 52  ALA B C   1 
ATOM   1017 O  O   . ALA B 1 52 ? -4.698  -9.760  -5.753  1.00 57.14 ? 52  ALA B O   1 
ATOM   1018 C  CB  . ALA B 1 52 ? -5.505  -7.450  -3.734  1.00 55.19 ? 52  ALA B CB  1 
HETATM 1019 N  N   . MSE B 1 53 ? -5.071  -10.701 -3.735  1.00 57.55 ? 53  MSE B N   1 
HETATM 1020 C  CA  . MSE B 1 53 ? -4.165  -11.833 -3.948  1.00 57.36 ? 53  MSE B CA  1 
HETATM 1021 C  C   . MSE B 1 53 ? -4.826  -12.988 -4.696  1.00 57.94 ? 53  MSE B C   1 
HETATM 1022 O  O   . MSE B 1 53 ? -4.322  -13.426 -5.728  1.00 58.58 ? 53  MSE B O   1 
HETATM 1023 C  CB  . MSE B 1 53 ? -3.652  -12.389 -2.623  1.00 57.93 ? 53  MSE B CB  1 
HETATM 1024 C  CG  . MSE B 1 53 ? -2.823  -11.446 -1.769  1.00 58.61 ? 53  MSE B CG  1 
HETATM 1025 SE SE  . MSE B 1 53 ? -2.173  -12.343 -0.163  1.00 58.29 ? 53  MSE B SE  1 
HETATM 1026 C  CE  . MSE B 1 53 ? -0.535  -13.079 -0.866  1.00 58.03 ? 53  MSE B CE  1 
ATOM   1027 N  N   . GLU B 1 54 ? -5.935  -13.502 -4.160  1.00 57.95 ? 54  GLU B N   1 
ATOM   1028 C  CA  . GLU B 1 54 ? -6.653  -14.615 -4.794  1.00 57.89 ? 54  GLU B CA  1 
ATOM   1029 C  C   . GLU B 1 54 ? -7.455  -14.065 -5.954  1.00 58.87 ? 54  GLU B C   1 
ATOM   1030 O  O   . GLU B 1 54 ? -8.524  -14.568 -6.286  1.00 58.19 ? 54  GLU B O   1 
ATOM   1031 C  CB  . GLU B 1 54 ? -7.591  -15.291 -3.797  1.00 56.30 ? 54  GLU B CB  1 
ATOM   1032 C  CG  . GLU B 1 54 ? -8.796  -14.465 -3.395  1.00 53.52 ? 54  GLU B CG  1 
ATOM   1033 C  CD  . GLU B 1 54 ? -9.365  -14.911 -2.065  1.00 53.56 ? 54  GLU B CD  1 
ATOM   1034 O  OE1 . GLU B 1 54 ? -10.490 -14.500 -1.723  1.00 52.45 ? 54  GLU B OE1 1 
ATOM   1035 O  OE2 . GLU B 1 54 ? -8.672  -15.670 -1.352  1.00 53.30 ? 54  GLU B OE2 1 
ATOM   1036 N  N   . ALA B 1 55 ? -6.901  -13.013 -6.549  1.00 60.72 ? 55  ALA B N   1 
ATOM   1037 C  CA  . ALA B 1 55 ? -7.467  -12.291 -7.677  1.00 61.53 ? 55  ALA B CA  1 
ATOM   1038 C  C   . ALA B 1 55 ? -6.508  -11.131 -7.931  1.00 62.79 ? 55  ALA B C   1 
ATOM   1039 O  O   . ALA B 1 55 ? -6.763  -10.008 -7.482  1.00 63.36 ? 55  ALA B O   1 
ATOM   1040 C  CB  . ALA B 1 55 ? -8.852  -11.755 -7.317  1.00 60.59 ? 55  ALA B CB  1 
ATOM   1041 N  N   . PRO B 1 56 ? -5.371  -11.397 -8.616  1.00 63.69 ? 56  PRO B N   1 
ATOM   1042 C  CA  . PRO B 1 56 ? -4.367  -10.363 -8.926  1.00 64.40 ? 56  PRO B CA  1 
ATOM   1043 C  C   . PRO B 1 56 ? -4.825  -9.362  -9.996  1.00 64.93 ? 56  PRO B C   1 
ATOM   1044 O  O   . PRO B 1 56 ? -5.239  -8.239  -9.675  1.00 65.15 ? 56  PRO B O   1 
ATOM   1045 C  CB  . PRO B 1 56 ? -3.156  -11.183 -9.376  1.00 64.18 ? 56  PRO B CB  1 
ATOM   1046 C  CG  . PRO B 1 56 ? -3.781  -12.387 -9.999  1.00 63.62 ? 56  PRO B CG  1 
ATOM   1047 C  CD  . PRO B 1 56 ? -4.875  -12.729 -9.009  1.00 63.13 ? 56  PRO B CD  1 
ATOM   1048 N  N   . ASN B 1 57 ? -4.742  -9.766  -11.262 1.00 64.95 ? 57  ASN B N   1 
ATOM   1049 C  CA  . ASN B 1 57 ? -5.171  -8.908  -12.364 1.00 65.08 ? 57  ASN B CA  1 
ATOM   1050 C  C   . ASN B 1 57 ? -4.356  -7.599  -12.355 1.00 64.35 ? 57  ASN B C   1 
ATOM   1051 O  O   . ASN B 1 57 ? -4.802  -6.565  -11.830 1.00 63.24 ? 57  ASN B O   1 
ATOM   1052 C  CB  . ASN B 1 57 ? -6.676  -8.631  -12.225 1.00 65.39 ? 57  ASN B CB  1 
ATOM   1053 C  CG  . ASN B 1 57 ? -7.482  -9.889  -11.858 1.00 65.07 ? 57  ASN B CG  1 
ATOM   1054 O  OD1 . ASN B 1 57 ? -7.514  -10.860 -12.612 1.00 65.36 ? 57  ASN B OD1 1 
ATOM   1055 N  ND2 . ASN B 1 57 ? -8.132  -9.868  -10.696 1.00 64.64 ? 57  ASN B ND2 1 
ATOM   1056 N  N   . PRO B 1 58 ? -3.139  -7.649  -12.939 1.00 63.71 ? 58  PRO B N   1 
ATOM   1057 C  CA  . PRO B 1 58 ? -2.100  -6.618  -13.111 1.00 63.52 ? 58  PRO B CA  1 
ATOM   1058 C  C   . PRO B 1 58 ? -2.380  -5.501  -14.120 1.00 62.76 ? 58  PRO B C   1 
ATOM   1059 O  O   . PRO B 1 58 ? -3.031  -4.524  -13.775 1.00 63.86 ? 58  PRO B O   1 
ATOM   1060 C  CB  . PRO B 1 58 ? -0.869  -7.438  -13.479 1.00 63.59 ? 58  PRO B CB  1 
ATOM   1061 C  CG  . PRO B 1 58 ? -1.464  -8.541  -14.280 1.00 64.18 ? 58  PRO B CG  1 
ATOM   1062 C  CD  . PRO B 1 58 ? -2.668  -8.941  -13.468 1.00 63.33 ? 58  PRO B CD  1 
ATOM   1063 N  N   . GLU B 1 59 ? -1.882  -5.620  -15.349 1.00 61.98 ? 59  GLU B N   1 
ATOM   1064 C  CA  . GLU B 1 59 ? -2.137  -4.574  -16.341 1.00 61.05 ? 59  GLU B CA  1 
ATOM   1065 C  C   . GLU B 1 59 ? -3.446  -4.778  -17.084 1.00 58.76 ? 59  GLU B C   1 
ATOM   1066 O  O   . GLU B 1 59 ? -4.026  -5.868  -17.092 1.00 57.99 ? 59  GLU B O   1 
ATOM   1067 C  CB  . GLU B 1 59 ? -1.008  -4.441  -17.373 1.00 63.11 ? 59  GLU B CB  1 
ATOM   1068 C  CG  . GLU B 1 59 ? -0.899  -2.999  -17.909 1.00 65.00 ? 59  GLU B CG  1 
ATOM   1069 C  CD  . GLU B 1 59 ? -0.185  -2.888  -19.248 1.00 65.26 ? 59  GLU B CD  1 
ATOM   1070 O  OE1 . GLU B 1 59 ? -0.815  -3.193  -20.286 1.00 66.09 ? 59  GLU B OE1 1 
ATOM   1071 O  OE2 . GLU B 1 59 ? 1.003   -2.494  -19.257 1.00 64.71 ? 59  GLU B OE2 1 
ATOM   1072 N  N   . GLY B 1 60 ? -3.875  -3.715  -17.752 1.00 56.64 ? 60  GLY B N   1 
ATOM   1073 C  CA  . GLY B 1 60 ? -5.146  -3.743  -18.439 1.00 53.86 ? 60  GLY B CA  1 
ATOM   1074 C  C   . GLY B 1 60 ? -5.998  -3.106  -17.367 1.00 50.49 ? 60  GLY B C   1 
ATOM   1075 O  O   . GLY B 1 60 ? -6.758  -2.168  -17.605 1.00 50.25 ? 60  GLY B O   1 
ATOM   1076 N  N   . TRP B 1 61 ? -5.835  -3.633  -16.163 1.00 47.26 ? 61  TRP B N   1 
ATOM   1077 C  CA  . TRP B 1 61 ? -6.530  -3.148  -15.000 1.00 44.47 ? 61  TRP B CA  1 
ATOM   1078 C  C   . TRP B 1 61 ? -5.568  -3.121  -13.817 1.00 43.07 ? 61  TRP B C   1 
ATOM   1079 O  O   . TRP B 1 61 ? -5.736  -3.841  -12.830 1.00 42.55 ? 61  TRP B O   1 
ATOM   1080 C  CB  . TRP B 1 61 ? -7.756  -4.018  -14.734 1.00 44.45 ? 61  TRP B CB  1 
ATOM   1081 C  CG  . TRP B 1 61 ? -8.768  -3.842  -15.815 1.00 44.19 ? 61  TRP B CG  1 
ATOM   1082 C  CD1 . TRP B 1 61 ? -8.590  -4.110  -17.140 1.00 44.10 ? 61  TRP B CD1 1 
ATOM   1083 C  CD2 . TRP B 1 61 ? -10.055 -3.215  -15.704 1.00 43.73 ? 61  TRP B CD2 1 
ATOM   1084 N  NE1 . TRP B 1 61 ? -9.670  -3.676  -17.864 1.00 44.67 ? 61  TRP B NE1 1 
ATOM   1085 C  CE2 . TRP B 1 61 ? -10.588 -3.129  -17.009 1.00 43.70 ? 61  TRP B CE2 1 
ATOM   1086 C  CE3 . TRP B 1 61 ? -10.809 -2.725  -14.632 1.00 42.23 ? 61  TRP B CE3 1 
ATOM   1087 C  CZ2 . TRP B 1 61 ? -11.831 -2.562  -17.271 1.00 42.29 ? 61  TRP B CZ2 1 
ATOM   1088 C  CZ3 . TRP B 1 61 ? -12.044 -2.166  -14.893 1.00 40.60 ? 61  TRP B CZ3 1 
ATOM   1089 C  CH2 . TRP B 1 61 ? -12.545 -2.092  -16.203 1.00 42.44 ? 61  TRP B CH2 1 
ATOM   1090 N  N   . PRO B 1 62 ? -4.521  -2.281  -13.921 1.00 42.04 ? 62  PRO B N   1 
ATOM   1091 C  CA  . PRO B 1 62 ? -3.490  -2.103  -12.896 1.00 40.97 ? 62  PRO B CA  1 
ATOM   1092 C  C   . PRO B 1 62 ? -4.083  -1.781  -11.542 1.00 40.26 ? 62  PRO B C   1 
ATOM   1093 O  O   . PRO B 1 62 ? -5.213  -1.298  -11.450 1.00 40.65 ? 62  PRO B O   1 
ATOM   1094 C  CB  . PRO B 1 62 ? -2.639  -0.964  -13.449 1.00 41.48 ? 62  PRO B CB  1 
ATOM   1095 C  CG  . PRO B 1 62 ? -3.555  -0.262  -14.401 1.00 42.64 ? 62  PRO B CG  1 
ATOM   1096 C  CD  . PRO B 1 62 ? -4.268  -1.391  -15.064 1.00 41.91 ? 62  PRO B CD  1 
ATOM   1097 N  N   . SER B 1 63 ? -3.315  -2.055  -10.492 1.00 39.17 ? 63  SER B N   1 
ATOM   1098 C  CA  . SER B 1 63 ? -3.769  -1.816  -9.125  1.00 37.97 ? 63  SER B CA  1 
ATOM   1099 C  C   . SER B 1 63 ? -3.606  -0.374  -8.644  1.00 35.57 ? 63  SER B C   1 
ATOM   1100 O  O   . SER B 1 63 ? -2.660  0.343   -9.009  1.00 34.81 ? 63  SER B O   1 
ATOM   1101 C  CB  . SER B 1 63 ? -3.037  -2.748  -8.146  1.00 38.66 ? 63  SER B CB  1 
ATOM   1102 O  OG  . SER B 1 63 ? -3.163  -4.112  -8.519  1.00 42.14 ? 63  SER B OG  1 
ATOM   1103 N  N   . VAL B 1 64 ? -4.564  0.035   -7.826  1.00 33.08 ? 64  VAL B N   1 
ATOM   1104 C  CA  . VAL B 1 64 ? -4.569  1.349   -7.226  1.00 31.82 ? 64  VAL B CA  1 
ATOM   1105 C  C   . VAL B 1 64 ? -4.799  1.094   -5.744  1.00 30.76 ? 64  VAL B C   1 
ATOM   1106 O  O   . VAL B 1 64 ? -5.820  0.540   -5.363  1.00 31.16 ? 64  VAL B O   1 
ATOM   1107 C  CB  . VAL B 1 64 ? -5.701  2.239   -7.794  1.00 31.16 ? 64  VAL B CB  1 
ATOM   1108 C  CG1 . VAL B 1 64 ? -5.810  3.545   -6.978  1.00 29.66 ? 64  VAL B CG1 1 
ATOM   1109 C  CG2 . VAL B 1 64 ? -5.432  2.538   -9.281  1.00 28.88 ? 64  VAL B CG2 1 
ATOM   1110 N  N   . TYR B 1 65 ? -3.824  1.467   -4.922  1.00 29.74 ? 65  TYR B N   1 
ATOM   1111 C  CA  . TYR B 1 65 ? -3.925  1.285   -3.490  1.00 28.80 ? 65  TYR B CA  1 
ATOM   1112 C  C   . TYR B 1 65 ? -4.370  2.572   -2.839  1.00 28.08 ? 65  TYR B C   1 
ATOM   1113 O  O   . TYR B 1 65 ? -3.768  3.601   -3.064  1.00 26.94 ? 65  TYR B O   1 
ATOM   1114 C  CB  . TYR B 1 65 ? -2.567  0.877   -2.909  1.00 30.72 ? 65  TYR B CB  1 
ATOM   1115 C  CG  . TYR B 1 65 ? -2.323  -0.606  -2.956  1.00 32.28 ? 65  TYR B CG  1 
ATOM   1116 C  CD1 . TYR B 1 65 ? -1.962  -1.234  -4.145  1.00 33.39 ? 65  TYR B CD1 1 
ATOM   1117 C  CD2 . TYR B 1 65 ? -2.562  -1.400  -1.829  1.00 31.66 ? 65  TYR B CD2 1 
ATOM   1118 C  CE1 . TYR B 1 65 ? -1.856  -2.623  -4.216  1.00 35.19 ? 65  TYR B CE1 1 
ATOM   1119 C  CE2 . TYR B 1 65 ? -2.462  -2.772  -1.887  1.00 32.22 ? 65  TYR B CE2 1 
ATOM   1120 C  CZ  . TYR B 1 65 ? -2.115  -3.379  -3.079  1.00 33.92 ? 65  TYR B CZ  1 
ATOM   1121 O  OH  . TYR B 1 65 ? -2.055  -4.744  -3.146  1.00 34.49 ? 65  TYR B OH  1 
ATOM   1122 N  N   . ALA B 1 66 ? -5.417  2.504   -2.026  1.00 27.28 ? 66  ALA B N   1 
ATOM   1123 C  CA  . ALA B 1 66 ? -5.925  3.661   -1.327  1.00 25.39 ? 66  ALA B CA  1 
ATOM   1124 C  C   . ALA B 1 66 ? -5.704  3.398   0.145   1.00 25.69 ? 66  ALA B C   1 
ATOM   1125 O  O   . ALA B 1 66 ? -6.421  2.603   0.746   1.00 26.28 ? 66  ALA B O   1 
ATOM   1126 C  CB  . ALA B 1 66 ? -7.393  3.827   -1.616  1.00 27.00 ? 66  ALA B CB  1 
ATOM   1127 N  N   . LEU B 1 67 ? -4.696  4.047   0.722   1.00 25.32 ? 67  LEU B N   1 
ATOM   1128 C  CA  . LEU B 1 67 ? -4.375  3.875   2.145   1.00 24.88 ? 67  LEU B CA  1 
ATOM   1129 C  C   . LEU B 1 67 ? -5.283  4.748   2.997   1.00 24.84 ? 67  LEU B C   1 
ATOM   1130 O  O   . LEU B 1 67 ? -5.278  5.966   2.875   1.00 22.80 ? 67  LEU B O   1 
ATOM   1131 C  CB  . LEU B 1 67 ? -2.912  4.216   2.422   1.00 23.37 ? 67  LEU B CB  1 
ATOM   1132 C  CG  . LEU B 1 67 ? -1.861  3.347   1.719   1.00 25.03 ? 67  LEU B CG  1 
ATOM   1133 C  CD1 . LEU B 1 67 ? -0.459  3.890   1.982   1.00 24.26 ? 67  LEU B CD1 1 
ATOM   1134 C  CD2 . LEU B 1 67 ? -1.974  1.914   2.204   1.00 23.58 ? 67  LEU B CD2 1 
ATOM   1135 N  N   . PHE B 1 68 ? -6.059  4.093   3.857   1.00 25.69 ? 68  PHE B N   1 
ATOM   1136 C  CA  . PHE B 1 68 ? -7.031  4.741   4.710   1.00 27.17 ? 68  PHE B CA  1 
ATOM   1137 C  C   . PHE B 1 68 ? -6.627  4.845   6.159   1.00 30.04 ? 68  PHE B C   1 
ATOM   1138 O  O   . PHE B 1 68 ? -5.938  3.981   6.690   1.00 31.26 ? 68  PHE B O   1 
ATOM   1139 C  CB  . PHE B 1 68 ? -8.368  3.991   4.644   1.00 26.79 ? 68  PHE B CB  1 
ATOM   1140 C  CG  . PHE B 1 68 ? -9.192  4.315   3.426   1.00 28.26 ? 68  PHE B CG  1 
ATOM   1141 C  CD1 . PHE B 1 68 ? -8.743  3.984   2.151   1.00 27.33 ? 68  PHE B CD1 1 
ATOM   1142 C  CD2 . PHE B 1 68 ? -10.397 4.999   3.552   1.00 26.73 ? 68  PHE B CD2 1 
ATOM   1143 C  CE1 . PHE B 1 68 ? -9.475  4.331   1.042   1.00 26.30 ? 68  PHE B CE1 1 
ATOM   1144 C  CE2 . PHE B 1 68 ? -11.134 5.350   2.442   1.00 26.48 ? 68  PHE B CE2 1 
ATOM   1145 C  CZ  . PHE B 1 68 ? -10.676 5.018   1.187   1.00 26.62 ? 68  PHE B CZ  1 
ATOM   1146 N  N   . LEU B 1 69 ? -7.079  5.921   6.790   1.00 31.81 ? 69  LEU B N   1 
ATOM   1147 C  CA  . LEU B 1 69 ? -6.856  6.179   8.207   1.00 33.74 ? 69  LEU B CA  1 
ATOM   1148 C  C   . LEU B 1 69 ? -8.137  6.793   8.760   1.00 35.32 ? 69  LEU B C   1 
ATOM   1149 O  O   . LEU B 1 69 ? -8.737  7.665   8.119   1.00 34.95 ? 69  LEU B O   1 
ATOM   1150 C  CB  . LEU B 1 69 ? -5.714  7.163   8.430   1.00 35.07 ? 69  LEU B CB  1 
ATOM   1151 C  CG  . LEU B 1 69 ? -4.455  6.573   9.053   1.00 34.59 ? 69  LEU B CG  1 
ATOM   1152 C  CD1 . LEU B 1 69 ? -3.562  7.709   9.505   1.00 32.23 ? 69  LEU B CD1 1 
ATOM   1153 C  CD2 . LEU B 1 69 ? -4.828  5.662   10.220  1.00 33.81 ? 69  LEU B CD2 1 
ATOM   1154 N  N   . GLN B 1 70 ? -8.542  6.334   9.947   1.00 35.97 ? 70  GLN B N   1 
ATOM   1155 C  CA  . GLN B 1 70 ? -9.749  6.800   10.633  1.00 35.60 ? 70  GLN B CA  1 
ATOM   1156 C  C   . GLN B 1 70 ? -10.919 7.009   9.647   1.00 34.95 ? 70  GLN B C   1 
ATOM   1157 O  O   . GLN B 1 70 ? -11.627 8.023   9.674   1.00 34.85 ? 70  GLN B O   1 
ATOM   1158 C  CB  . GLN B 1 70 ? -9.452  8.095   11.425  1.00 38.09 ? 70  GLN B CB  1 
ATOM   1159 C  CG  . GLN B 1 70 ? -8.158  8.092   12.294  1.00 38.46 ? 70  GLN B CG  1 
ATOM   1160 C  CD  . GLN B 1 70 ? -8.227  7.167   13.508  1.00 39.61 ? 70  GLN B CD  1 
ATOM   1161 O  OE1 . GLN B 1 70 ? -9.259  7.086   14.180  1.00 39.00 ? 70  GLN B OE1 1 
ATOM   1162 N  NE2 . GLN B 1 70 ? -7.121  6.480   13.803  1.00 39.86 ? 70  GLN B NE2 1 
ATOM   1163 N  N   . GLY B 1 71 ? -11.091 6.037   8.758   1.00 33.65 ? 71  GLY B N   1 
ATOM   1164 C  CA  . GLY B 1 71 ? -12.181 6.075   7.810   1.00 31.38 ? 71  GLY B CA  1 
ATOM   1165 C  C   . GLY B 1 71 ? -12.086 7.011   6.636   1.00 30.57 ? 71  GLY B C   1 
ATOM   1166 O  O   . GLY B 1 71 ? -13.098 7.280   5.996   1.00 29.66 ? 71  GLY B O   1 
ATOM   1167 N  N   . ARG B 1 72 ? -10.899 7.520   6.337   1.00 29.82 ? 72  ARG B N   1 
ATOM   1168 C  CA  . ARG B 1 72 ? -10.771 8.403   5.187   1.00 29.50 ? 72  ARG B CA  1 
ATOM   1169 C  C   . ARG B 1 72 ? -9.470  8.130   4.440   1.00 28.30 ? 72  ARG B C   1 
ATOM   1170 O  O   . ARG B 1 72 ? -8.521  7.595   5.012   1.00 29.80 ? 72  ARG B O   1 
ATOM   1171 C  CB  . ARG B 1 72 ? -10.910 9.881   5.629   1.00 29.95 ? 72  ARG B CB  1 
ATOM   1172 C  CG  . ARG B 1 72 ? -9.642  10.687  5.888   1.00 32.26 ? 72  ARG B CG  1 
ATOM   1173 C  CD  . ARG B 1 72 ? -8.918  10.295  7.186   1.00 34.95 ? 72  ARG B CD  1 
ATOM   1174 N  NE  . ARG B 1 72 ? -9.784  10.297  8.366   1.00 35.82 ? 72  ARG B NE  1 
ATOM   1175 C  CZ  . ARG B 1 72 ? -10.464 11.351  8.818   1.00 35.38 ? 72  ARG B CZ  1 
ATOM   1176 N  NH1 . ARG B 1 72 ? -10.387 12.523  8.195   1.00 34.01 ? 72  ARG B NH1 1 
ATOM   1177 N  NH2 . ARG B 1 72 ? -11.233 11.219  9.895   1.00 34.08 ? 72  ARG B NH2 1 
ATOM   1178 N  N   . PRO B 1 73 ? -9.432  8.423   3.134   1.00 26.92 ? 73  PRO B N   1 
ATOM   1179 C  CA  . PRO B 1 73 ? -8.198  8.180   2.381   1.00 26.63 ? 73  PRO B CA  1 
ATOM   1180 C  C   . PRO B 1 73 ? -7.121  9.181   2.748   1.00 26.23 ? 73  PRO B C   1 
ATOM   1181 O  O   . PRO B 1 73 ? -7.396  10.368  2.911   1.00 24.62 ? 73  PRO B O   1 
ATOM   1182 C  CB  . PRO B 1 73 ? -8.643  8.305   0.922   1.00 27.08 ? 73  PRO B CB  1 
ATOM   1183 C  CG  . PRO B 1 73 ? -9.836  9.214   1.004   1.00 27.15 ? 73  PRO B CG  1 
ATOM   1184 C  CD  . PRO B 1 73 ? -10.554 8.715   2.227   1.00 27.57 ? 73  PRO B CD  1 
ATOM   1185 N  N   . ILE B 1 74 ? -5.898  8.681   2.894   1.00 26.67 ? 74  ILE B N   1 
ATOM   1186 C  CA  . ILE B 1 74 ? -4.747  9.511   3.243   1.00 27.00 ? 74  ILE B CA  1 
ATOM   1187 C  C   . ILE B 1 74 ? -3.728  9.544   2.080   1.00 27.36 ? 74  ILE B C   1 
ATOM   1188 O  O   . ILE B 1 74 ? -3.028  10.533  1.887   1.00 27.22 ? 74  ILE B O   1 
ATOM   1189 C  CB  . ILE B 1 74 ? -4.093  9.003   4.567   1.00 25.74 ? 74  ILE B CB  1 
ATOM   1190 C  CG1 . ILE B 1 74 ? -5.109  9.103   5.699   1.00 25.35 ? 74  ILE B CG1 1 
ATOM   1191 C  CG2 . ILE B 1 74 ? -2.899  9.834   4.931   1.00 23.69 ? 74  ILE B CG2 1 
ATOM   1192 C  CD1 . ILE B 1 74 ? -5.634  10.507  5.906   1.00 27.17 ? 74  ILE B CD1 1 
ATOM   1193 N  N   . ARG B 1 75 ? -3.666  8.481   1.288   1.00 27.02 ? 75  ARG B N   1 
ATOM   1194 C  CA  . ARG B 1 75 ? -2.750  8.460   0.161   1.00 26.15 ? 75  ARG B CA  1 
ATOM   1195 C  C   . ARG B 1 75 ? -3.100  7.380   -0.855  1.00 24.59 ? 75  ARG B C   1 
ATOM   1196 O  O   . ARG B 1 75 ? -3.666  6.353   -0.501  1.00 23.09 ? 75  ARG B O   1 
ATOM   1197 C  CB  . ARG B 1 75 ? -1.312  8.272   0.659   1.00 27.90 ? 75  ARG B CB  1 
ATOM   1198 C  CG  . ARG B 1 75 ? -0.308  8.036   -0.451  1.00 28.02 ? 75  ARG B CG  1 
ATOM   1199 C  CD  . ARG B 1 75 ? 1.083   7.861   0.101   1.00 30.89 ? 75  ARG B CD  1 
ATOM   1200 N  NE  . ARG B 1 75 ? 1.703   9.131   0.443   1.00 32.65 ? 75  ARG B NE  1 
ATOM   1201 C  CZ  . ARG B 1 75 ? 2.843   9.247   1.119   1.00 33.63 ? 75  ARG B CZ  1 
ATOM   1202 N  NH1 . ARG B 1 75 ? 3.485   8.165   1.528   1.00 31.46 ? 75  ARG B NH1 1 
ATOM   1203 N  NH2 . ARG B 1 75 ? 3.339   10.451  1.390   1.00 34.89 ? 75  ARG B NH2 1 
ATOM   1204 N  N   . LEU B 1 76 ? -2.764  7.631   -2.120  1.00 24.50 ? 76  LEU B N   1 
ATOM   1205 C  CA  . LEU B 1 76 ? -3.012  6.689   -3.204  1.00 25.07 ? 76  LEU B CA  1 
ATOM   1206 C  C   . LEU B 1 76 ? -1.673  6.289   -3.855  1.00 26.50 ? 76  LEU B C   1 
ATOM   1207 O  O   . LEU B 1 76 ? -0.872  7.152   -4.199  1.00 26.41 ? 76  LEU B O   1 
ATOM   1208 C  CB  . LEU B 1 76 ? -3.926  7.319   -4.265  1.00 25.15 ? 76  LEU B CB  1 
ATOM   1209 C  CG  . LEU B 1 76 ? -5.341  7.850   -3.980  1.00 24.76 ? 76  LEU B CG  1 
ATOM   1210 C  CD1 . LEU B 1 76 ? -6.003  8.099   -5.305  1.00 25.75 ? 76  LEU B CD1 1 
ATOM   1211 C  CD2 . LEU B 1 76 ? -6.194  6.863   -3.216  1.00 26.74 ? 76  LEU B CD2 1 
ATOM   1212 N  N   . LEU B 1 77 ? -1.431  4.986   -4.013  1.00 27.32 ? 77  LEU B N   1 
ATOM   1213 C  CA  . LEU B 1 77 ? -0.195  4.481   -4.618  1.00 28.25 ? 77  LEU B CA  1 
ATOM   1214 C  C   . LEU B 1 77 ? -0.549  3.963   -6.001  1.00 30.39 ? 77  LEU B C   1 
ATOM   1215 O  O   . LEU B 1 77 ? -1.334  3.026   -6.129  1.00 30.70 ? 77  LEU B O   1 
ATOM   1216 C  CB  . LEU B 1 77 ? 0.374   3.342   -3.770  1.00 26.72 ? 77  LEU B CB  1 
ATOM   1217 C  CG  . LEU B 1 77 ? 0.339   3.661   -2.270  1.00 27.08 ? 77  LEU B CG  1 
ATOM   1218 C  CD1 . LEU B 1 77 ? 0.398   2.417   -1.443  1.00 25.82 ? 77  LEU B CD1 1 
ATOM   1219 C  CD2 . LEU B 1 77 ? 1.487   4.604   -1.929  1.00 30.21 ? 77  LEU B CD2 1 
ATOM   1220 N  N   . LEU B 1 78 ? -0.005  4.599   -7.036  1.00 33.47 ? 78  LEU B N   1 
ATOM   1221 C  CA  . LEU B 1 78 ? -0.266  4.199   -8.415  1.00 35.35 ? 78  LEU B CA  1 
ATOM   1222 C  C   . LEU B 1 78 ? 0.763   3.174   -8.847  1.00 37.99 ? 78  LEU B C   1 
ATOM   1223 O  O   . LEU B 1 78 ? 1.948   3.473   -9.004  1.00 38.33 ? 78  LEU B O   1 
ATOM   1224 C  CB  . LEU B 1 78 ? -0.231  5.407   -9.353  1.00 35.77 ? 78  LEU B CB  1 
ATOM   1225 C  CG  . LEU B 1 78 ? -1.444  6.362   -9.421  1.00 36.10 ? 78  LEU B CG  1 
ATOM   1226 C  CD1 . LEU B 1 78 ? -2.614  5.800   -8.633  1.00 34.59 ? 78  LEU B CD1 1 
ATOM   1227 C  CD2 . LEU B 1 78 ? -1.042  7.756   -8.909  1.00 36.25 ? 78  LEU B CD2 1 
ATOM   1228 N  N   . LEU B 1 79 ? 0.271   1.957   -9.034  1.00 40.81 ? 79  LEU B N   1 
ATOM   1229 C  CA  . LEU B 1 79 ? 1.070   0.803   -9.410  1.00 44.65 ? 79  LEU B CA  1 
ATOM   1230 C  C   . LEU B 1 79 ? 2.053   0.925   -10.568 1.00 46.43 ? 79  LEU B C   1 
ATOM   1231 O  O   . LEU B 1 79 ? 1.723   1.423   -11.652 1.00 48.01 ? 79  LEU B O   1 
ATOM   1232 C  CB  . LEU B 1 79 ? 0.142   -0.386  -9.720  1.00 45.41 ? 79  LEU B CB  1 
ATOM   1233 C  CG  . LEU B 1 79 ? 0.774   -1.753  -10.067 1.00 44.92 ? 79  LEU B CG  1 
ATOM   1234 C  CD1 . LEU B 1 79 ? 1.303   -2.341  -8.768  1.00 44.30 ? 79  LEU B CD1 1 
ATOM   1235 C  CD2 . LEU B 1 79 ? -0.229  -2.720  -10.739 1.00 40.73 ? 79  LEU B CD2 1 
ATOM   1236 N  N   . GLY B 1 80 ? 3.262   0.442   -10.305 1.00 47.04 ? 80  GLY B N   1 
ATOM   1237 C  CA  . GLY B 1 80 ? 4.300   0.360   -11.304 1.00 46.84 ? 80  GLY B CA  1 
ATOM   1238 C  C   . GLY B 1 80 ? 4.341   -1.160  -11.460 1.00 47.39 ? 80  GLY B C   1 
ATOM   1239 O  O   . GLY B 1 80 ? 4.005   -1.716  -12.505 1.00 48.28 ? 80  GLY B O   1 
ATOM   1240 N  N   . LYS B 1 81 ? 4.719   -1.846  -10.384 1.00 46.74 ? 81  LYS B N   1 
ATOM   1241 C  CA  . LYS B 1 81 ? 4.775   -3.298  -10.396 1.00 45.41 ? 81  LYS B CA  1 
ATOM   1242 C  C   . LYS B 1 81 ? 4.449   -3.870  -9.030  1.00 43.55 ? 81  LYS B C   1 
ATOM   1243 O  O   . LYS B 1 81 ? 4.559   -3.199  -8.012  1.00 42.58 ? 81  LYS B O   1 
ATOM   1244 C  CB  . LYS B 1 81 ? 6.155   -3.795  -10.841 1.00 47.79 ? 81  LYS B CB  1 
ATOM   1245 C  CG  . LYS B 1 81 ? 6.372   -3.832  -12.363 1.00 49.62 ? 81  LYS B CG  1 
ATOM   1246 C  CD  . LYS B 1 81 ? 7.666   -4.572  -12.697 1.00 50.88 ? 81  LYS B CD  1 
ATOM   1247 C  CE  . LYS B 1 81 ? 8.062   -4.419  -14.154 1.00 51.78 ? 81  LYS B CE  1 
ATOM   1248 N  NZ  . LYS B 1 81 ? 9.459   -4.907  -14.403 1.00 51.25 ? 81  LYS B NZ  1 
ATOM   1249 N  N   . GLU B 1 82 ? 4.037   -5.127  -9.029  1.00 42.14 ? 82  GLU B N   1 
ATOM   1250 C  CA  . GLU B 1 82 ? 3.684   -5.824  -7.807  1.00 40.80 ? 82  GLU B CA  1 
ATOM   1251 C  C   . GLU B 1 82 ? 4.634   -7.011  -7.718  1.00 40.07 ? 82  GLU B C   1 
ATOM   1252 O  O   . GLU B 1 82 ? 5.129   -7.492  -8.734  1.00 39.93 ? 82  GLU B O   1 
ATOM   1253 C  CB  . GLU B 1 82 ? 2.248   -6.318  -7.890  1.00 40.36 ? 82  GLU B CB  1 
ATOM   1254 C  CG  . GLU B 1 82 ? 1.486   -6.335  -6.589  1.00 42.65 ? 82  GLU B CG  1 
ATOM   1255 C  CD  . GLU B 1 82 ? 0.669   -5.072  -6.384  1.00 45.18 ? 82  GLU B CD  1 
ATOM   1256 O  OE1 . GLU B 1 82 ? 1.204   -4.104  -5.804  1.00 48.54 ? 82  GLU B OE1 1 
ATOM   1257 O  OE2 . GLU B 1 82 ? -0.507  -5.034  -6.811  1.00 45.94 ? 82  GLU B OE2 1 
ATOM   1258 N  N   . VAL B 1 83 ? 4.887   -7.477  -6.502  1.00 39.50 ? 83  VAL B N   1 
ATOM   1259 C  CA  . VAL B 1 83 ? 5.791   -8.594  -6.286  1.00 38.00 ? 83  VAL B CA  1 
ATOM   1260 C  C   . VAL B 1 83 ? 5.275   -9.471  -5.158  1.00 37.44 ? 83  VAL B C   1 
ATOM   1261 O  O   . VAL B 1 83 ? 5.117   -9.008  -4.037  1.00 37.70 ? 83  VAL B O   1 
ATOM   1262 C  CB  . VAL B 1 83 ? 7.194   -8.098  -5.914  1.00 37.68 ? 83  VAL B CB  1 
ATOM   1263 C  CG1 . VAL B 1 83 ? 8.162   -9.259  -5.880  1.00 37.62 ? 83  VAL B CG1 1 
ATOM   1264 C  CG2 . VAL B 1 83 ? 7.655   -7.028  -6.900  1.00 38.28 ? 83  VAL B CG2 1 
ATOM   1265 N  N   . GLU B 1 84 ? 5.006   -10.735 -5.458  1.00 36.85 ? 84  GLU B N   1 
ATOM   1266 C  CA  . GLU B 1 84 ? 4.514   -11.667 -4.454  1.00 35.72 ? 84  GLU B CA  1 
ATOM   1267 C  C   . GLU B 1 84 ? 5.712   -12.155 -3.673  1.00 34.52 ? 84  GLU B C   1 
ATOM   1268 O  O   . GLU B 1 84 ? 6.675   -12.648 -4.247  1.00 33.24 ? 84  GLU B O   1 
ATOM   1269 C  CB  . GLU B 1 84 ? 3.809   -12.847 -5.128  1.00 37.18 ? 84  GLU B CB  1 
ATOM   1270 C  CG  . GLU B 1 84 ? 2.404   -13.121 -4.618  1.00 38.35 ? 84  GLU B CG  1 
ATOM   1271 C  CD  . GLU B 1 84 ? 1.543   -11.864 -4.586  1.00 38.85 ? 84  GLU B CD  1 
ATOM   1272 O  OE1 . GLU B 1 84 ? 1.815   -10.970 -3.762  1.00 38.42 ? 84  GLU B OE1 1 
ATOM   1273 O  OE2 . GLU B 1 84 ? 0.595   -11.767 -5.385  1.00 39.66 ? 84  GLU B OE2 1 
ATOM   1274 N  N   . VAL B 1 85 ? 5.659   -12.010 -2.357  1.00 35.14 ? 85  VAL B N   1 
ATOM   1275 C  CA  . VAL B 1 85 ? 6.770   -12.434 -1.511  1.00 34.61 ? 85  VAL B CA  1 
ATOM   1276 C  C   . VAL B 1 85 ? 6.543   -13.839 -0.939  1.00 34.02 ? 85  VAL B C   1 
ATOM   1277 O  O   . VAL B 1 85 ? 5.373   -14.285 -0.914  1.00 34.83 ? 85  VAL B O   1 
ATOM   1278 C  CB  . VAL B 1 85 ? 6.971   -11.422 -0.351  1.00 35.13 ? 85  VAL B CB  1 
ATOM   1279 C  CG1 . VAL B 1 85 ? 8.244   -11.739 0.405   1.00 36.67 ? 85  VAL B CG1 1 
ATOM   1280 C  CG2 . VAL B 1 85 ? 7.017   -10.001 -0.900  1.00 33.17 ? 85  VAL B CG2 1 
HETATM 1281 O  O   . HOH C 2 .  ? 1.229   11.554  -8.355  1.00 37.34 ? 91  HOH A O   1 
HETATM 1282 O  O   . HOH C 2 .  ? -4.604  13.726  4.432   1.00 57.16 ? 92  HOH A O   1 
HETATM 1283 O  O   . HOH C 2 .  ? 0.012   -2.190  17.031  1.00 18.69 ? 93  HOH A O   1 
HETATM 1284 O  O   . HOH C 2 .  ? 12.281  12.851  5.476   1.00 41.08 ? 94  HOH A O   1 
HETATM 1285 O  O   . HOH C 2 .  ? 16.233  -16.482 10.717  1.00 36.86 ? 95  HOH A O   1 
HETATM 1286 O  O   . HOH C 2 .  ? -0.329  14.369  -5.201  1.00 28.82 ? 96  HOH A O   1 
HETATM 1287 O  O   . HOH C 2 .  ? 2.100   4.243   22.567  1.00 58.43 ? 97  HOH A O   1 
HETATM 1288 O  O   . HOH C 2 .  ? 17.270  11.726  -6.283  1.00 35.29 ? 98  HOH A O   1 
HETATM 1289 O  O   . HOH C 2 .  ? 17.885  -11.354 -4.141  1.00 62.07 ? 99  HOH A O   1 
HETATM 1290 O  O   . HOH C 2 .  ? 5.095   -14.589 3.002   1.00 39.39 ? 100 HOH A O   1 
HETATM 1291 O  O   . HOH D 2 .  ? -7.921  12.772  3.922   1.00 16.55 ? 91  HOH B O   1 
HETATM 1292 O  O   . HOH D 2 .  ? -13.727 -10.409 4.477   1.00 36.21 ? 92  HOH B O   1 
HETATM 1293 O  O   . HOH D 2 .  ? -11.041 -4.495  11.101  1.00 47.06 ? 93  HOH B O   1 
HETATM 1294 O  O   . HOH D 2 .  ? 10.418  -4.896  -11.552 1.00 35.53 ? 94  HOH B O   1 
HETATM 1295 O  O   . HOH D 2 .  ? 3.557   -10.443 -9.508  1.00 65.22 ? 95  HOH B O   1 
HETATM 1296 O  O   . HOH D 2 .  ? -13.426 -1.670  -3.718  1.00 28.01 ? 96  HOH B O   1 
HETATM 1297 O  O   . HOH D 2 .  ? -24.096 -1.216  6.653   1.00 38.43 ? 97  HOH B O   1 
HETATM 1298 O  O   . HOH D 2 .  ? -10.861 14.320  -11.269 1.00 32.82 ? 98  HOH B O   1 
HETATM 1299 O  O   . HOH D 2 .  ? -6.856  -12.326 4.235   1.00 81.14 ? 99  HOH B O   1 
# 
